data_7CA1
#
_entry.id   7CA1
#
_cell.length_a   85.240
_cell.length_b   88.360
_cell.length_c   103.420
_cell.angle_alpha   90.000
_cell.angle_beta   95.160
_cell.angle_gamma   90.000
#
_symmetry.space_group_name_H-M   'P 1 21 1'
#
loop_
_entity.id
_entity.type
_entity.pdbx_description
1 polymer Dihydroorotase
2 non-polymer '(2S)-2-hydroxybutanedioic acid'
3 non-polymer 'ZINC ION'
4 non-polymer 5-hydroxy-2-methylnaphthalene-1,4-dione
#
_entity_poly.entity_id   1
_entity_poly.type   'polypeptide(L)'
_entity_poly.pdbx_seq_one_letter_code
;MVQEIDLGLTCDMHVHVREGAMCELVTPKIRDGGVSIAYIMPNLQPPITTLDRVIEYKKTLQKLAPKTTFLMSFYLSKDL
TPDLIHEAAQQHAIRGV(KCX)CYPAGVTTNSAAGVDPNDFSAFYPIFKAMQEENLVLNLHGEKPSVHDGDKEPIHVLNA
EEAFLPALKKLHNDFPNLKIILEHCTSESAIKTIEDINKNVKKATDVKVAATLTAHHLFLTIDDWAGNPVNFCKPVAKLP
NDKKALVKAAVSGKPYFFFGSDSAPHPVQNKANYEGVCAGVYSQSFAIPYIAQVFEEQNALENLKGFVSDFGISFYEVKD
SEVASSDKAILFKKEQVIPQVISDGKDISIIPFKAGDKLSWSVRWEPRLEHHHHHH
;
_entity_poly.pdbx_strand_id   A,C,B,D
#
# COMPACT_ATOMS: atom_id res chain seq x y z
N VAL A 2 20.39 -28.85 -20.86
CA VAL A 2 21.34 -29.97 -20.83
C VAL A 2 21.10 -30.78 -19.56
N GLN A 3 21.56 -32.03 -19.55
CA GLN A 3 21.59 -32.86 -18.35
C GLN A 3 23.04 -33.19 -18.02
N GLU A 4 23.22 -33.80 -16.83
CA GLU A 4 24.55 -34.11 -16.30
C GLU A 4 25.39 -32.84 -16.12
N ILE A 5 24.91 -31.97 -15.25
CA ILE A 5 25.62 -30.74 -14.90
C ILE A 5 26.53 -31.02 -13.71
N ASP A 6 27.79 -30.58 -13.81
CA ASP A 6 28.76 -30.75 -12.73
C ASP A 6 28.77 -29.48 -11.88
N LEU A 7 28.17 -29.58 -10.68
CA LEU A 7 28.11 -28.45 -9.77
C LEU A 7 29.34 -28.33 -8.88
N GLY A 8 30.09 -29.40 -8.70
CA GLY A 8 31.32 -29.33 -7.92
C GLY A 8 31.02 -29.48 -6.44
N LEU A 9 31.56 -28.54 -5.64
CA LEU A 9 31.40 -28.56 -4.19
C LEU A 9 30.20 -27.71 -3.83
N THR A 10 29.10 -28.36 -3.49
CA THR A 10 27.85 -27.67 -3.19
C THR A 10 27.87 -27.12 -1.76
N CYS A 11 27.17 -26.00 -1.58
CA CYS A 11 27.18 -25.27 -0.31
C CYS A 11 25.75 -24.97 0.11
N ASP A 12 25.37 -25.45 1.30
CA ASP A 12 24.08 -25.15 1.91
C ASP A 12 24.38 -24.46 3.23
N MET A 13 24.48 -23.13 3.20
CA MET A 13 24.90 -22.40 4.40
C MET A 13 23.70 -21.98 5.25
N HIS A 14 22.78 -22.92 5.46
CA HIS A 14 21.78 -22.80 6.51
C HIS A 14 21.24 -24.21 6.76
N VAL A 15 21.72 -24.85 7.81
CA VAL A 15 21.40 -26.26 8.07
C VAL A 15 21.06 -26.43 9.54
N HIS A 16 19.87 -26.96 9.81
CA HIS A 16 19.50 -27.45 11.13
C HIS A 16 19.36 -28.97 11.03
N VAL A 17 20.19 -29.71 11.74
CA VAL A 17 20.10 -31.16 11.59
C VAL A 17 19.25 -31.77 12.70
N ARG A 18 19.82 -31.92 13.91
CA ARG A 18 19.19 -32.00 15.22
C ARG A 18 20.24 -32.48 16.21
N GLU A 19 19.82 -32.75 17.45
CA GLU A 19 20.55 -33.68 18.31
C GLU A 19 19.73 -34.93 18.54
N GLY A 20 20.41 -36.06 18.69
CA GLY A 20 19.76 -37.32 18.99
C GLY A 20 19.57 -38.22 17.78
N ALA A 21 18.61 -39.14 17.91
CA ALA A 21 18.29 -40.03 16.80
C ALA A 21 17.75 -39.27 15.61
N MET A 22 17.09 -38.13 15.85
CA MET A 22 16.70 -37.25 14.76
C MET A 22 17.92 -36.70 14.02
N CYS A 23 19.05 -36.59 14.71
CA CYS A 23 20.28 -36.16 14.06
C CYS A 23 20.90 -37.28 13.24
N GLU A 24 20.82 -38.51 13.73
CA GLU A 24 21.36 -39.66 13.01
C GLU A 24 20.62 -39.93 11.71
N LEU A 25 19.38 -39.45 11.59
CA LEU A 25 18.60 -39.62 10.37
C LEU A 25 18.83 -38.53 9.35
N VAL A 26 19.13 -37.31 9.80
CA VAL A 26 19.23 -36.16 8.91
C VAL A 26 20.66 -35.91 8.46
N THR A 27 21.64 -36.09 9.34
CA THR A 27 23.02 -35.78 8.98
C THR A 27 23.55 -36.56 7.78
N PRO A 28 23.20 -37.83 7.56
CA PRO A 28 23.58 -38.46 6.28
C PRO A 28 22.89 -37.84 5.08
N LYS A 29 21.67 -37.30 5.26
CA LYS A 29 20.91 -36.74 4.16
C LYS A 29 21.52 -35.47 3.59
N ILE A 30 22.49 -34.86 4.28
CA ILE A 30 23.25 -33.77 3.68
C ILE A 30 24.02 -34.28 2.46
N ARG A 31 24.63 -35.46 2.59
CA ARG A 31 25.28 -36.10 1.45
C ARG A 31 24.25 -36.51 0.40
N ASP A 32 23.11 -37.06 0.83
CA ASP A 32 22.10 -37.55 -0.09
C ASP A 32 21.25 -36.44 -0.70
N GLY A 33 21.27 -35.25 -0.11
CA GLY A 33 20.58 -34.11 -0.70
C GLY A 33 21.39 -33.35 -1.71
N GLY A 34 22.63 -33.79 -1.97
CA GLY A 34 23.51 -33.15 -2.91
C GLY A 34 24.46 -32.14 -2.30
N VAL A 35 24.48 -32.00 -0.99
CA VAL A 35 25.28 -30.99 -0.31
C VAL A 35 26.58 -31.60 0.17
N SER A 36 27.69 -30.93 -0.13
CA SER A 36 29.01 -31.33 0.36
C SER A 36 29.48 -30.49 1.54
N ILE A 37 29.31 -29.18 1.47
CA ILE A 37 29.68 -28.26 2.54
C ILE A 37 28.40 -27.65 3.11
N ALA A 38 28.25 -27.70 4.42
CA ALA A 38 27.06 -27.22 5.11
C ALA A 38 27.45 -26.20 6.17
N TYR A 39 26.44 -25.76 6.94
CA TYR A 39 26.63 -24.79 8.01
C TYR A 39 25.60 -25.10 9.09
N ILE A 40 26.05 -25.72 10.17
CA ILE A 40 25.14 -26.19 11.22
C ILE A 40 24.76 -25.03 12.13
N MET A 41 23.43 -24.86 12.37
CA MET A 41 22.91 -23.80 13.22
C MET A 41 22.92 -24.25 14.69
N PRO A 42 22.98 -23.31 15.63
CA PRO A 42 23.20 -23.66 17.05
C PRO A 42 21.96 -23.77 17.93
N ASN A 43 20.75 -23.56 17.40
CA ASN A 43 19.58 -23.53 18.29
C ASN A 43 19.19 -24.92 18.76
N LEU A 44 19.79 -25.36 19.86
CA LEU A 44 19.49 -26.64 20.49
C LEU A 44 19.03 -26.41 21.93
N GLN A 45 18.85 -27.50 22.67
CA GLN A 45 18.49 -27.46 24.08
C GLN A 45 19.56 -28.13 24.91
N PRO A 46 20.43 -27.37 25.61
CA PRO A 46 20.49 -25.90 25.62
C PRO A 46 21.15 -25.34 24.36
N PRO A 47 21.06 -24.03 24.14
CA PRO A 47 21.75 -23.43 23.00
C PRO A 47 23.25 -23.66 23.07
N ILE A 48 23.86 -23.77 21.90
CA ILE A 48 25.30 -24.02 21.78
C ILE A 48 26.01 -22.69 22.07
N THR A 49 26.47 -22.53 23.31
CA THR A 49 27.13 -21.29 23.73
C THR A 49 28.47 -21.55 24.41
N THR A 50 29.04 -22.74 24.23
CA THR A 50 30.30 -23.11 24.87
C THR A 50 31.23 -23.74 23.85
N LEU A 51 32.52 -23.75 24.19
CA LEU A 51 33.53 -24.33 23.31
C LEU A 51 33.52 -25.86 23.33
N ASP A 52 33.19 -26.46 24.47
CA ASP A 52 33.19 -27.92 24.56
C ASP A 52 32.01 -28.53 23.82
N ARG A 53 30.85 -27.85 23.86
CA ARG A 53 29.66 -28.39 23.21
C ARG A 53 29.80 -28.38 21.69
N VAL A 54 30.31 -27.28 21.13
CA VAL A 54 30.42 -27.15 19.68
C VAL A 54 31.49 -28.07 19.11
N ILE A 55 32.47 -28.47 19.93
CA ILE A 55 33.50 -29.38 19.46
C ILE A 55 32.98 -30.82 19.44
N GLU A 56 32.23 -31.21 20.48
CA GLU A 56 31.63 -32.54 20.50
C GLU A 56 30.43 -32.64 19.57
N TYR A 57 29.77 -31.52 19.26
CA TYR A 57 28.68 -31.55 18.29
C TYR A 57 29.22 -31.72 16.87
N LYS A 58 30.41 -31.17 16.59
CA LYS A 58 31.08 -31.46 15.33
C LYS A 58 31.76 -32.82 15.36
N LYS A 59 32.18 -33.28 16.54
CA LYS A 59 32.75 -34.61 16.67
C LYS A 59 31.73 -35.68 16.34
N THR A 60 30.46 -35.46 16.70
CA THR A 60 29.40 -36.42 16.43
C THR A 60 28.98 -36.39 14.96
N LEU A 61 28.85 -35.18 14.39
CA LEU A 61 28.43 -35.07 12.99
C LEU A 61 29.48 -35.62 12.03
N GLN A 62 30.76 -35.51 12.40
CA GLN A 62 31.80 -36.10 11.55
C GLN A 62 31.75 -37.62 11.58
N LYS A 63 31.24 -38.21 12.66
CA LYS A 63 31.09 -39.66 12.71
C LYS A 63 29.87 -40.12 11.91
N LEU A 64 28.77 -39.36 11.97
CA LEU A 64 27.57 -39.73 11.23
C LEU A 64 27.74 -39.50 9.74
N ALA A 65 28.52 -38.49 9.35
CA ALA A 65 28.78 -38.19 7.94
C ALA A 65 30.24 -37.80 7.77
N PRO A 66 31.12 -38.77 7.55
CA PRO A 66 32.56 -38.43 7.42
C PRO A 66 32.88 -37.62 6.20
N LYS A 67 32.21 -37.87 5.07
CA LYS A 67 32.54 -37.19 3.82
C LYS A 67 32.03 -35.76 3.78
N THR A 68 31.13 -35.38 4.68
CA THR A 68 30.55 -34.05 4.68
C THR A 68 31.46 -33.06 5.39
N THR A 69 31.62 -31.87 4.79
CA THR A 69 32.39 -30.80 5.40
C THR A 69 31.44 -29.92 6.22
N PHE A 70 31.76 -29.76 7.51
CA PHE A 70 30.88 -29.06 8.43
C PHE A 70 31.51 -27.77 8.92
N LEU A 71 30.70 -26.71 8.98
CA LEU A 71 31.08 -25.43 9.55
C LEU A 71 30.11 -25.12 10.69
N MET A 72 30.63 -25.01 11.90
CA MET A 72 29.81 -24.87 13.08
C MET A 72 29.54 -23.40 13.41
N SER A 73 28.65 -23.17 14.38
CA SER A 73 28.22 -21.83 14.71
C SER A 73 27.92 -21.74 16.20
N PHE A 74 27.83 -20.51 16.69
CA PHE A 74 27.51 -20.22 18.08
C PHE A 74 26.16 -19.53 18.17
N TYR A 75 25.47 -19.77 19.29
CA TYR A 75 24.18 -19.16 19.57
C TYR A 75 24.42 -17.81 20.25
N LEU A 76 23.94 -16.74 19.64
CA LEU A 76 24.05 -15.41 20.23
C LEU A 76 23.10 -15.33 21.41
N SER A 77 23.65 -15.44 22.62
CA SER A 77 22.85 -15.43 23.84
C SER A 77 23.56 -14.58 24.89
N LYS A 78 22.93 -14.45 26.06
CA LYS A 78 23.47 -13.67 27.16
C LYS A 78 24.55 -14.41 27.94
N ASP A 79 25.06 -15.52 27.44
CA ASP A 79 26.15 -16.24 28.07
C ASP A 79 27.47 -16.19 27.31
N LEU A 80 27.46 -15.65 26.09
CA LEU A 80 28.70 -15.53 25.33
C LEU A 80 29.56 -14.39 25.88
N THR A 81 30.87 -14.51 25.69
CA THR A 81 31.84 -13.52 26.11
C THR A 81 32.80 -13.23 24.96
N PRO A 82 33.29 -11.99 24.86
CA PRO A 82 34.27 -11.68 23.80
C PRO A 82 35.54 -12.49 23.88
N ASP A 83 35.89 -13.02 25.06
CA ASP A 83 37.05 -13.89 25.17
C ASP A 83 36.74 -15.31 24.69
N LEU A 84 35.48 -15.74 24.81
CA LEU A 84 35.09 -17.02 24.25
C LEU A 84 35.09 -16.99 22.73
N ILE A 85 34.73 -15.85 22.14
CA ILE A 85 34.72 -15.72 20.68
C ILE A 85 36.13 -15.87 20.13
N HIS A 86 37.11 -15.26 20.78
CA HIS A 86 38.49 -15.40 20.33
C HIS A 86 39.01 -16.81 20.55
N GLU A 87 38.85 -17.34 21.76
CA GLU A 87 39.37 -18.67 22.07
C GLU A 87 38.76 -19.75 21.18
N ALA A 88 37.52 -19.54 20.72
CA ALA A 88 36.90 -20.47 19.78
C ALA A 88 37.32 -20.21 18.34
N ALA A 89 37.83 -19.02 18.04
CA ALA A 89 38.20 -18.69 16.66
C ALA A 89 39.54 -19.31 16.29
N GLN A 90 40.58 -19.05 17.11
CA GLN A 90 41.90 -19.60 16.80
C GLN A 90 41.88 -21.12 16.78
N GLN A 91 41.08 -21.73 17.66
CA GLN A 91 40.94 -23.18 17.65
C GLN A 91 40.17 -23.70 16.45
N HIS A 92 39.64 -22.79 15.60
CA HIS A 92 38.92 -23.16 14.38
C HIS A 92 37.76 -24.10 14.68
N ALA A 93 37.09 -23.88 15.82
CA ALA A 93 35.95 -24.70 16.21
C ALA A 93 34.62 -24.14 15.70
N ILE A 94 34.57 -22.85 15.37
CA ILE A 94 33.35 -22.22 14.86
C ILE A 94 33.66 -21.50 13.56
N ARG A 95 32.60 -21.18 12.82
CA ARG A 95 32.69 -20.42 11.59
C ARG A 95 31.88 -19.14 11.62
N GLY A 96 31.06 -18.93 12.65
CA GLY A 96 30.26 -17.72 12.74
C GLY A 96 29.33 -17.79 13.93
N VAL A 97 28.47 -16.76 13.97
CA VAL A 97 27.39 -16.56 14.98
C VAL A 97 26.05 -16.35 14.27
N CYS A 99 21.98 -15.19 15.11
CA CYS A 99 21.17 -14.39 16.03
C CYS A 99 19.69 -14.75 15.91
N TYR A 100 19.08 -15.11 17.03
CA TYR A 100 17.65 -15.40 17.09
C TYR A 100 16.95 -14.31 17.88
N PRO A 101 16.04 -13.54 17.29
CA PRO A 101 15.20 -12.64 18.09
C PRO A 101 14.34 -13.44 19.06
N ALA A 102 13.97 -12.79 20.15
CA ALA A 102 13.27 -13.47 21.23
C ALA A 102 11.87 -13.86 20.80
N GLY A 103 11.59 -15.17 20.78
CA GLY A 103 10.25 -15.66 20.53
C GLY A 103 9.71 -15.43 19.13
N VAL A 104 10.51 -15.77 18.12
CA VAL A 104 10.06 -15.65 16.73
C VAL A 104 10.04 -16.99 16.01
N THR A 105 10.76 -18.00 16.47
CA THR A 105 10.78 -19.30 15.84
C THR A 105 11.01 -20.36 16.91
N THR A 106 11.33 -21.57 16.48
CA THR A 106 11.54 -22.68 17.40
C THR A 106 12.89 -22.54 18.10
N ASN A 107 12.89 -22.79 19.41
CA ASN A 107 14.09 -22.72 20.24
C ASN A 107 14.72 -21.33 20.22
N SER A 108 13.88 -20.30 20.03
CA SER A 108 14.34 -18.93 20.01
C SER A 108 13.92 -18.15 21.25
N ALA A 109 13.36 -18.84 22.25
CA ALA A 109 12.95 -18.15 23.48
C ALA A 109 14.15 -17.58 24.23
N ALA A 110 15.31 -18.25 24.13
CA ALA A 110 16.54 -17.77 24.76
C ALA A 110 17.29 -16.77 23.88
N GLY A 111 16.61 -16.13 22.94
CA GLY A 111 17.24 -15.24 21.99
C GLY A 111 17.57 -13.89 22.57
N VAL A 112 17.49 -12.86 21.72
CA VAL A 112 17.86 -11.50 22.07
C VAL A 112 16.70 -10.56 21.74
N ASP A 113 16.80 -9.34 22.25
CA ASP A 113 15.85 -8.28 21.93
C ASP A 113 16.47 -7.40 20.85
N PRO A 114 15.95 -7.42 19.62
CA PRO A 114 16.60 -6.66 18.54
C PRO A 114 16.47 -5.15 18.67
N ASN A 115 15.57 -4.65 19.52
CA ASN A 115 15.45 -3.21 19.70
C ASN A 115 16.70 -2.63 20.34
N ASP A 116 17.39 -3.40 21.17
CA ASP A 116 18.62 -2.97 21.84
C ASP A 116 19.69 -4.02 21.57
N PHE A 117 20.47 -3.80 20.51
CA PHE A 117 21.64 -4.61 20.23
C PHE A 117 22.88 -4.10 20.95
N SER A 118 22.76 -3.03 21.74
CA SER A 118 23.92 -2.42 22.37
C SER A 118 24.61 -3.39 23.34
N ALA A 119 23.85 -4.27 23.97
CA ALA A 119 24.45 -5.23 24.91
C ALA A 119 25.32 -6.25 24.21
N PHE A 120 25.14 -6.46 22.90
CA PHE A 120 25.91 -7.43 22.14
C PHE A 120 26.89 -6.78 21.17
N TYR A 121 27.27 -5.53 21.43
CA TYR A 121 28.30 -4.86 20.65
C TYR A 121 29.70 -5.35 21.01
N PRO A 122 30.03 -5.59 22.28
CA PRO A 122 31.33 -6.22 22.58
C PRO A 122 31.51 -7.56 21.91
N ILE A 123 30.41 -8.31 21.67
CA ILE A 123 30.53 -9.58 20.97
C ILE A 123 30.80 -9.37 19.49
N PHE A 124 30.09 -8.42 18.87
CA PHE A 124 30.24 -8.20 17.43
C PHE A 124 31.59 -7.58 17.10
N LYS A 125 32.18 -6.81 18.03
CA LYS A 125 33.52 -6.31 17.81
C LYS A 125 34.53 -7.44 17.77
N ALA A 126 34.30 -8.50 18.55
CA ALA A 126 35.21 -9.64 18.54
C ALA A 126 35.11 -10.44 17.24
N MET A 127 33.92 -10.52 16.65
CA MET A 127 33.77 -11.23 15.39
C MET A 127 34.48 -10.51 14.24
N GLN A 128 34.45 -9.17 14.26
CA GLN A 128 35.10 -8.40 13.21
C GLN A 128 36.61 -8.59 13.24
N GLU A 129 37.20 -8.70 14.43
CA GLU A 129 38.63 -8.97 14.52
C GLU A 129 38.96 -10.38 14.04
N GLU A 130 38.15 -11.37 14.44
CA GLU A 130 38.41 -12.76 14.10
C GLU A 130 37.83 -13.17 12.75
N ASN A 131 37.21 -12.24 12.02
CA ASN A 131 36.70 -12.50 10.68
C ASN A 131 35.71 -13.67 10.67
N LEU A 132 34.70 -13.57 11.52
CA LEU A 132 33.62 -14.55 11.57
C LEU A 132 32.43 -14.04 10.75
N VAL A 133 31.38 -14.84 10.71
CA VAL A 133 30.19 -14.54 9.93
C VAL A 133 29.04 -14.32 10.90
N LEU A 134 28.25 -13.27 10.66
CA LEU A 134 27.09 -12.96 11.48
C LEU A 134 25.83 -13.40 10.74
N ASN A 135 25.11 -14.35 11.33
CA ASN A 135 23.87 -14.85 10.76
C ASN A 135 22.70 -14.15 11.46
N LEU A 136 21.79 -13.61 10.66
CA LEU A 136 20.69 -12.78 11.18
C LEU A 136 19.35 -13.34 10.70
N HIS A 137 18.61 -13.94 11.63
CA HIS A 137 17.19 -14.24 11.41
C HIS A 137 16.43 -12.93 11.53
N GLY A 138 16.16 -12.29 10.39
CA GLY A 138 15.62 -10.95 10.43
C GLY A 138 14.11 -10.91 10.56
N GLU A 139 13.64 -10.73 11.79
CA GLU A 139 12.20 -10.65 12.08
C GLU A 139 12.03 -9.99 13.44
N LYS A 140 11.41 -8.82 13.47
CA LYS A 140 11.11 -8.18 14.74
C LYS A 140 9.96 -8.93 15.43
N PRO A 141 10.00 -9.05 16.76
CA PRO A 141 8.91 -9.74 17.46
C PRO A 141 7.58 -9.04 17.26
N SER A 142 6.50 -9.81 17.44
CA SER A 142 5.16 -9.29 17.20
C SER A 142 4.78 -8.25 18.25
N VAL A 143 4.14 -7.17 17.78
CA VAL A 143 3.80 -6.03 18.62
C VAL A 143 2.40 -5.56 18.23
N HIS A 144 1.42 -5.78 19.11
CA HIS A 144 0.08 -5.26 18.86
C HIS A 144 -0.01 -3.80 19.30
N ASP A 145 0.04 -3.57 20.62
CA ASP A 145 0.43 -2.32 21.27
C ASP A 145 -0.53 -1.15 21.03
N GLY A 146 -1.39 -1.26 20.02
CA GLY A 146 -2.35 -0.22 19.67
C GLY A 146 -1.82 1.20 19.58
N ASP A 147 -0.51 1.39 19.72
CA ASP A 147 0.11 2.71 19.72
C ASP A 147 1.16 2.87 18.64
N LYS A 148 2.13 1.97 18.58
CA LYS A 148 3.21 2.02 17.61
C LYS A 148 2.86 1.12 16.42
N GLU A 149 3.67 1.22 15.36
CA GLU A 149 3.54 0.41 14.15
C GLU A 149 3.32 -1.06 14.52
N PRO A 150 2.14 -1.61 14.23
CA PRO A 150 1.87 -3.01 14.57
C PRO A 150 2.74 -3.94 13.73
N ILE A 151 3.53 -4.76 14.42
CA ILE A 151 4.41 -5.72 13.78
C ILE A 151 3.74 -7.08 13.77
N HIS A 152 3.76 -7.77 12.63
CA HIS A 152 3.20 -9.10 12.49
C HIS A 152 4.13 -9.93 11.62
N VAL A 153 3.75 -11.19 11.39
CA VAL A 153 4.60 -12.12 10.65
C VAL A 153 4.84 -11.66 9.21
N LEU A 154 4.03 -10.74 8.71
CA LEU A 154 4.22 -10.24 7.35
C LEU A 154 5.31 -9.18 7.30
N ASN A 155 5.13 -8.09 8.04
CA ASN A 155 6.07 -6.98 8.04
C ASN A 155 7.21 -7.15 9.04
N ALA A 156 7.43 -8.39 9.53
CA ALA A 156 8.49 -8.61 10.50
C ALA A 156 9.87 -8.50 9.85
N GLU A 157 10.02 -9.05 8.63
CA GLU A 157 11.30 -8.98 7.96
C GLU A 157 11.59 -7.57 7.46
N GLU A 158 10.57 -6.87 6.97
CA GLU A 158 10.77 -5.51 6.48
C GLU A 158 11.13 -4.57 7.63
N ALA A 159 10.52 -4.77 8.81
CA ALA A 159 10.84 -3.95 9.96
C ALA A 159 12.24 -4.24 10.51
N PHE A 160 12.84 -5.37 10.14
CA PHE A 160 14.20 -5.69 10.58
C PHE A 160 15.25 -4.99 9.74
N LEU A 161 14.92 -4.62 8.50
CA LEU A 161 15.90 -4.02 7.60
C LEU A 161 16.60 -2.79 8.18
N PRO A 162 15.92 -1.86 8.88
CA PRO A 162 16.68 -0.77 9.52
C PRO A 162 17.75 -1.25 10.46
N ALA A 163 17.47 -2.29 11.26
CA ALA A 163 18.48 -2.84 12.16
C ALA A 163 19.63 -3.46 11.38
N LEU A 164 19.36 -3.96 10.17
CA LEU A 164 20.43 -4.53 9.37
C LEU A 164 21.38 -3.45 8.84
N LYS A 165 20.83 -2.29 8.48
CA LYS A 165 21.67 -1.20 7.99
C LYS A 165 22.48 -0.56 9.12
N LYS A 166 21.94 -0.59 10.35
CA LYS A 166 22.69 -0.06 11.48
C LYS A 166 23.80 -1.00 11.90
N LEU A 167 23.57 -2.32 11.80
CA LEU A 167 24.62 -3.27 12.12
C LEU A 167 25.70 -3.30 11.04
N HIS A 168 25.32 -3.05 9.78
CA HIS A 168 26.33 -2.96 8.73
C HIS A 168 27.14 -1.68 8.84
N ASN A 169 26.53 -0.60 9.31
CA ASN A 169 27.25 0.67 9.42
C ASN A 169 28.22 0.68 10.59
N ASP A 170 27.82 0.11 11.73
CA ASP A 170 28.70 0.11 12.90
C ASP A 170 29.85 -0.88 12.77
N PHE A 171 29.66 -1.95 11.99
CA PHE A 171 30.70 -2.95 11.76
C PHE A 171 30.85 -3.13 10.25
N PRO A 172 31.64 -2.26 9.60
CA PRO A 172 31.74 -2.32 8.14
C PRO A 172 32.48 -3.55 7.62
N ASN A 173 33.48 -4.04 8.36
CA ASN A 173 34.25 -5.19 7.92
C ASN A 173 33.60 -6.52 8.30
N LEU A 174 32.59 -6.51 9.17
CA LEU A 174 31.96 -7.75 9.61
C LEU A 174 31.13 -8.36 8.48
N LYS A 175 31.37 -9.65 8.22
CA LYS A 175 30.59 -10.36 7.21
C LYS A 175 29.26 -10.77 7.82
N ILE A 176 28.17 -10.18 7.30
CA ILE A 176 26.83 -10.36 7.85
C ILE A 176 25.95 -10.97 6.77
N ILE A 177 25.04 -11.86 7.18
CA ILE A 177 24.14 -12.55 6.27
C ILE A 177 22.72 -12.35 6.75
N LEU A 178 21.86 -11.84 5.86
CA LEU A 178 20.42 -11.79 6.12
C LEU A 178 19.84 -13.10 5.62
N GLU A 179 19.81 -14.09 6.52
CA GLU A 179 19.40 -15.43 6.16
C GLU A 179 17.94 -15.46 5.70
N HIS A 180 17.65 -16.40 4.81
CA HIS A 180 16.29 -16.71 4.36
C HIS A 180 15.46 -15.46 4.08
N CYS A 181 15.91 -14.69 3.09
CA CYS A 181 15.10 -13.58 2.60
C CYS A 181 13.77 -14.10 2.09
N THR A 182 12.69 -13.37 2.40
CA THR A 182 11.35 -13.79 2.04
C THR A 182 10.50 -12.71 1.38
N SER A 183 10.94 -11.45 1.38
CA SER A 183 10.19 -10.35 0.81
C SER A 183 10.96 -9.70 -0.31
N GLU A 184 10.31 -8.76 -0.98
CA GLU A 184 10.95 -7.96 -2.02
C GLU A 184 11.67 -6.76 -1.43
N SER A 185 11.16 -6.19 -0.35
CA SER A 185 11.85 -5.08 0.32
C SER A 185 13.19 -5.51 0.86
N ALA A 186 13.29 -6.75 1.34
CA ALA A 186 14.57 -7.27 1.82
C ALA A 186 15.56 -7.47 0.68
N ILE A 187 15.07 -7.83 -0.51
CA ILE A 187 15.95 -8.01 -1.65
C ILE A 187 16.52 -6.67 -2.10
N LYS A 188 15.66 -5.67 -2.26
CA LYS A 188 16.12 -4.35 -2.69
C LYS A 188 17.11 -3.75 -1.70
N THR A 189 17.00 -4.11 -0.42
CA THR A 189 17.97 -3.65 0.56
C THR A 189 19.34 -4.30 0.34
N ILE A 190 19.35 -5.60 0.04
CA ILE A 190 20.61 -6.26 -0.30
C ILE A 190 21.16 -5.70 -1.60
N GLU A 191 20.28 -5.39 -2.56
CA GLU A 191 20.71 -4.73 -3.79
C GLU A 191 21.26 -3.34 -3.50
N ASP A 192 20.74 -2.68 -2.46
CA ASP A 192 21.16 -1.31 -2.15
C ASP A 192 22.51 -1.29 -1.46
N ILE A 193 22.66 -2.07 -0.39
CA ILE A 193 23.93 -2.13 0.33
C ILE A 193 25.06 -2.53 -0.62
N ASN A 194 24.78 -3.50 -1.49
CA ASN A 194 25.73 -3.92 -2.52
C ASN A 194 25.53 -3.06 -3.77
N LYS A 195 25.83 -1.78 -3.61
CA LYS A 195 25.62 -0.81 -4.69
C LYS A 195 26.49 -1.14 -5.90
N ASN A 196 27.81 -1.08 -5.74
CA ASN A 196 28.73 -1.23 -6.87
C ASN A 196 29.79 -2.31 -6.63
N VAL A 197 29.57 -3.19 -5.65
CA VAL A 197 30.52 -4.27 -5.38
C VAL A 197 30.32 -5.38 -6.42
N LYS A 198 31.43 -5.89 -6.94
CA LYS A 198 31.39 -6.90 -7.99
C LYS A 198 32.62 -7.79 -7.90
N LYS A 199 32.47 -8.95 -8.56
CA LYS A 199 33.36 -10.13 -8.80
C LYS A 199 33.01 -11.24 -7.83
N ALA A 200 33.54 -11.19 -6.60
CA ALA A 200 33.22 -12.32 -5.71
C ALA A 200 33.36 -11.92 -4.24
N THR A 201 34.35 -11.11 -3.86
CA THR A 201 34.50 -11.05 -2.40
C THR A 201 34.31 -9.69 -1.74
N ASP A 202 34.04 -8.65 -2.52
CA ASP A 202 33.73 -7.35 -1.94
C ASP A 202 32.40 -7.33 -1.20
N VAL A 203 31.60 -8.39 -1.34
CA VAL A 203 30.33 -8.47 -0.63
C VAL A 203 30.60 -8.71 0.85
N LYS A 204 30.22 -7.75 1.69
CA LYS A 204 30.32 -7.89 3.13
C LYS A 204 28.99 -8.25 3.77
N VAL A 205 27.87 -7.84 3.18
CA VAL A 205 26.54 -8.19 3.66
C VAL A 205 25.85 -8.96 2.54
N ALA A 206 25.57 -10.24 2.79
CA ALA A 206 24.95 -11.12 1.81
C ALA A 206 23.61 -11.60 2.35
N ALA A 207 22.97 -12.51 1.60
CA ALA A 207 21.70 -13.07 1.99
C ALA A 207 21.54 -14.45 1.36
N THR A 208 20.97 -15.38 2.12
CA THR A 208 20.72 -16.73 1.64
C THR A 208 19.25 -16.88 1.28
N LEU A 209 18.99 -17.64 0.22
CA LEU A 209 17.64 -17.91 -0.24
C LEU A 209 17.39 -19.40 -0.16
N THR A 210 16.29 -19.79 0.49
CA THR A 210 16.00 -21.19 0.72
C THR A 210 15.46 -21.85 -0.54
N ALA A 211 15.08 -23.12 -0.41
CA ALA A 211 14.47 -23.85 -1.51
C ALA A 211 12.95 -23.71 -1.52
N HIS A 212 12.34 -23.70 -0.33
CA HIS A 212 10.89 -23.63 -0.23
C HIS A 212 10.35 -22.23 -0.50
N HIS A 213 11.14 -21.19 -0.18
CA HIS A 213 10.67 -19.84 -0.41
C HIS A 213 10.62 -19.48 -1.89
N LEU A 214 11.28 -20.26 -2.76
CA LEU A 214 11.14 -20.06 -4.19
C LEU A 214 9.81 -20.58 -4.71
N PHE A 215 9.22 -21.54 -4.02
CA PHE A 215 7.93 -22.12 -4.39
C PHE A 215 6.77 -21.50 -3.62
N LEU A 216 6.91 -21.37 -2.30
CA LEU A 216 5.78 -21.16 -1.42
C LEU A 216 5.28 -19.72 -1.44
N THR A 217 3.97 -19.57 -1.35
CA THR A 217 3.29 -18.31 -1.13
C THR A 217 2.43 -18.44 0.13
N ILE A 218 1.65 -17.40 0.42
CA ILE A 218 0.82 -17.45 1.62
C ILE A 218 -0.33 -18.42 1.45
N ASP A 219 -0.80 -18.64 0.21
CA ASP A 219 -1.88 -19.57 -0.02
C ASP A 219 -1.48 -21.01 0.26
N ASP A 220 -0.19 -21.29 0.36
CA ASP A 220 0.25 -22.69 0.45
C ASP A 220 0.25 -23.19 1.90
N TRP A 221 0.83 -22.42 2.83
CA TRP A 221 0.90 -22.84 4.21
C TRP A 221 -0.29 -22.38 5.04
N ALA A 222 -1.27 -21.70 4.44
CA ALA A 222 -2.41 -21.22 5.20
C ALA A 222 -3.20 -22.37 5.82
N GLY A 223 -3.34 -23.47 5.09
CA GLY A 223 -4.02 -24.63 5.60
C GLY A 223 -3.13 -25.85 5.67
N ASN A 224 -1.88 -25.68 5.27
CA ASN A 224 -0.87 -26.76 5.28
C ASN A 224 0.22 -26.39 6.27
N PRO A 225 0.14 -26.86 7.51
CA PRO A 225 1.22 -26.56 8.48
C PRO A 225 2.57 -27.15 8.09
N VAL A 226 2.62 -28.12 7.17
CA VAL A 226 3.90 -28.69 6.76
C VAL A 226 4.75 -27.64 6.07
N ASN A 227 4.12 -26.73 5.33
CA ASN A 227 4.84 -25.66 4.64
C ASN A 227 5.11 -24.46 5.54
N PHE A 228 4.52 -24.41 6.73
CA PHE A 228 4.66 -23.26 7.60
C PHE A 228 6.07 -23.19 8.16
N CYS A 229 6.75 -22.07 7.93
CA CYS A 229 8.09 -21.84 8.44
C CYS A 229 8.23 -20.36 8.80
N LYS A 230 9.38 -20.01 9.36
CA LYS A 230 9.69 -18.63 9.71
C LYS A 230 11.00 -18.23 9.06
N PRO A 231 11.04 -17.10 8.32
CA PRO A 231 9.93 -16.19 8.05
C PRO A 231 8.88 -16.81 7.12
N VAL A 232 7.62 -16.46 7.34
CA VAL A 232 6.54 -17.06 6.59
C VAL A 232 6.66 -16.73 5.10
N ALA A 233 6.15 -17.63 4.26
CA ALA A 233 6.10 -17.37 2.84
C ALA A 233 5.17 -16.19 2.56
N LYS A 234 5.64 -15.23 1.80
CA LYS A 234 4.95 -13.96 1.59
C LYS A 234 4.25 -13.95 0.24
N LEU A 235 3.75 -12.76 -0.15
CA LEU A 235 2.92 -12.59 -1.33
C LEU A 235 3.66 -13.04 -2.60
N PRO A 236 2.92 -13.30 -3.68
CA PRO A 236 3.58 -13.64 -4.95
C PRO A 236 4.50 -12.55 -5.45
N ASN A 237 4.16 -11.28 -5.20
CA ASN A 237 5.05 -10.19 -5.57
C ASN A 237 6.39 -10.30 -4.85
N ASP A 238 6.38 -10.82 -3.63
CA ASP A 238 7.63 -11.08 -2.92
C ASP A 238 8.36 -12.27 -3.52
N LYS A 239 7.63 -13.37 -3.76
CA LYS A 239 8.24 -14.55 -4.36
C LYS A 239 8.82 -14.24 -5.73
N LYS A 240 8.22 -13.28 -6.45
CA LYS A 240 8.75 -12.87 -7.74
C LYS A 240 10.19 -12.38 -7.60
N ALA A 241 10.46 -11.53 -6.61
CA ALA A 241 11.81 -11.01 -6.43
C ALA A 241 12.78 -12.10 -5.97
N LEU A 242 12.30 -13.02 -5.13
CA LEU A 242 13.16 -14.08 -4.62
C LEU A 242 13.63 -14.99 -5.75
N VAL A 243 12.75 -15.25 -6.72
CA VAL A 243 13.13 -16.11 -7.84
C VAL A 243 14.12 -15.38 -8.76
N LYS A 244 13.83 -14.12 -9.06
CA LYS A 244 14.75 -13.34 -9.90
C LYS A 244 16.10 -13.16 -9.21
N ALA A 245 16.09 -12.90 -7.91
CA ALA A 245 17.35 -12.76 -7.18
C ALA A 245 18.12 -14.07 -7.10
N ALA A 246 17.41 -15.21 -7.12
CA ALA A 246 18.10 -16.49 -7.03
C ALA A 246 18.79 -16.84 -8.34
N VAL A 247 18.10 -16.65 -9.47
CA VAL A 247 18.66 -16.94 -10.78
C VAL A 247 19.42 -15.71 -11.27
N SER A 248 19.58 -14.72 -10.39
CA SER A 248 20.28 -13.49 -10.77
C SER A 248 21.72 -13.76 -11.15
N GLY A 249 22.40 -14.63 -10.39
CA GLY A 249 23.81 -14.86 -10.61
C GLY A 249 24.73 -13.86 -9.94
N LYS A 250 24.19 -13.01 -9.07
CA LYS A 250 25.00 -12.05 -8.34
C LYS A 250 25.63 -12.72 -7.11
N PRO A 251 26.83 -12.27 -6.70
CA PRO A 251 27.56 -12.98 -5.65
C PRO A 251 26.95 -12.84 -4.25
N TYR A 252 26.09 -11.86 -4.01
CA TYR A 252 25.53 -11.64 -2.69
C TYR A 252 24.28 -12.47 -2.42
N PHE A 253 23.93 -13.40 -3.31
CA PHE A 253 22.85 -14.35 -3.08
C PHE A 253 23.40 -15.77 -3.26
N PHE A 254 23.20 -16.61 -2.25
CA PHE A 254 23.53 -18.02 -2.39
C PHE A 254 22.52 -18.84 -1.58
N PHE A 255 22.79 -20.13 -1.45
CA PHE A 255 21.81 -21.11 -1.02
C PHE A 255 21.94 -21.39 0.47
N GLY A 256 20.88 -21.12 1.22
CA GLY A 256 20.73 -21.62 2.57
C GLY A 256 19.38 -22.27 2.75
N SER A 257 19.36 -23.58 2.98
CA SER A 257 18.11 -24.33 2.86
C SER A 257 17.14 -24.05 4.00
N ASP A 258 17.65 -23.84 5.21
CA ASP A 258 16.81 -23.77 6.42
C ASP A 258 15.98 -25.04 6.57
N SER A 259 16.59 -26.19 6.30
CA SER A 259 15.93 -27.48 6.49
C SER A 259 15.77 -27.71 7.99
N ALA A 260 14.56 -27.51 8.49
CA ALA A 260 14.25 -27.67 9.92
C ALA A 260 13.36 -28.88 10.12
N PRO A 261 13.93 -30.06 10.35
CA PRO A 261 13.10 -31.28 10.46
C PRO A 261 12.45 -31.37 11.85
N HIS A 262 11.14 -31.59 11.85
CA HIS A 262 10.34 -31.86 13.03
C HIS A 262 9.61 -33.18 12.85
N PRO A 263 9.29 -33.88 13.93
CA PRO A 263 8.38 -35.04 13.82
C PRO A 263 7.01 -34.60 13.34
N VAL A 264 6.31 -35.52 12.67
CA VAL A 264 5.01 -35.19 12.10
C VAL A 264 3.98 -34.87 13.18
N GLN A 265 4.18 -35.37 14.41
CA GLN A 265 3.25 -35.05 15.49
C GLN A 265 3.37 -33.60 15.93
N ASN A 266 4.49 -32.94 15.62
CA ASN A 266 4.62 -31.52 15.93
C ASN A 266 3.86 -30.65 14.94
N LYS A 267 3.78 -31.07 13.67
CA LYS A 267 3.03 -30.32 12.68
C LYS A 267 1.53 -30.55 12.84
N ALA A 268 1.12 -31.77 13.18
CA ALA A 268 -0.29 -32.13 13.29
C ALA A 268 -0.86 -31.67 14.64
N ASN A 269 -0.78 -30.36 14.86
CA ASN A 269 -1.33 -29.73 16.06
C ASN A 269 -2.45 -28.79 15.65
N TYR A 270 -3.29 -28.43 16.62
CA TYR A 270 -4.33 -27.44 16.40
C TYR A 270 -3.93 -26.07 16.91
N GLU A 271 -2.77 -25.94 17.55
CA GLU A 271 -2.16 -24.66 17.88
C GLU A 271 -0.74 -24.93 18.37
N GLY A 272 0.08 -23.89 18.32
CA GLY A 272 1.49 -24.05 18.65
C GLY A 272 2.23 -24.94 17.69
N VAL A 273 1.93 -24.82 16.39
CA VAL A 273 2.56 -25.66 15.38
C VAL A 273 4.00 -25.22 15.19
N CYS A 274 4.93 -26.17 15.26
CA CYS A 274 6.34 -25.86 15.08
C CYS A 274 6.63 -25.47 13.64
N ALA A 275 7.27 -24.33 13.46
CA ALA A 275 7.59 -23.83 12.13
C ALA A 275 8.85 -24.48 11.60
N GLY A 276 8.85 -24.79 10.31
CA GLY A 276 10.00 -25.40 9.67
C GLY A 276 9.57 -26.25 8.50
N VAL A 277 10.41 -26.29 7.47
CA VAL A 277 10.18 -27.08 6.26
C VAL A 277 11.41 -27.95 6.04
N TYR A 278 11.19 -29.25 5.84
CA TYR A 278 12.27 -30.20 5.62
C TYR A 278 12.52 -30.36 4.13
N SER A 279 13.73 -30.01 3.69
CA SER A 279 14.10 -30.16 2.29
C SER A 279 15.52 -30.71 2.13
N GLN A 280 16.07 -31.34 3.17
CA GLN A 280 17.46 -31.76 3.16
C GLN A 280 17.70 -32.99 2.29
N SER A 281 16.73 -33.91 2.23
CA SER A 281 16.92 -35.13 1.47
C SER A 281 17.03 -34.88 -0.04
N PHE A 282 16.47 -33.78 -0.53
CA PHE A 282 16.49 -33.44 -1.94
C PHE A 282 16.90 -31.98 -2.13
N ALA A 283 17.87 -31.53 -1.33
CA ALA A 283 18.22 -30.11 -1.27
C ALA A 283 18.51 -29.53 -2.65
N ILE A 284 19.50 -30.09 -3.34
CA ILE A 284 19.91 -29.57 -4.65
C ILE A 284 18.84 -29.85 -5.71
N PRO A 285 18.21 -31.03 -5.74
CA PRO A 285 17.13 -31.23 -6.71
C PRO A 285 16.02 -30.18 -6.66
N TYR A 286 15.69 -29.66 -5.47
CA TYR A 286 14.68 -28.59 -5.40
C TYR A 286 15.14 -27.35 -6.16
N ILE A 287 16.41 -26.98 -6.01
CA ILE A 287 16.92 -25.78 -6.67
C ILE A 287 17.07 -25.99 -8.17
N ALA A 288 17.34 -27.23 -8.59
CA ALA A 288 17.48 -27.50 -10.02
C ALA A 288 16.15 -27.32 -10.76
N GLN A 289 15.02 -27.54 -10.08
CA GLN A 289 13.73 -27.34 -10.73
C GLN A 289 13.42 -25.87 -10.93
N VAL A 290 13.87 -25.00 -10.02
CA VAL A 290 13.65 -23.57 -10.19
C VAL A 290 14.55 -23.03 -11.30
N PHE A 291 15.83 -23.41 -11.30
CA PHE A 291 16.77 -22.94 -12.32
C PHE A 291 16.47 -23.51 -13.70
N GLU A 292 15.64 -24.54 -13.81
CA GLU A 292 15.19 -25.03 -15.10
C GLU A 292 13.93 -24.34 -15.58
N GLU A 293 13.05 -23.93 -14.66
CA GLU A 293 11.87 -23.16 -15.04
C GLU A 293 12.23 -21.78 -15.58
N GLN A 294 13.30 -21.19 -15.06
CA GLN A 294 13.77 -19.89 -15.53
C GLN A 294 14.81 -20.01 -16.65
N ASN A 295 15.12 -21.24 -17.08
CA ASN A 295 16.10 -21.47 -18.14
C ASN A 295 17.46 -20.87 -17.80
N ALA A 296 17.80 -20.86 -16.51
CA ALA A 296 19.05 -20.29 -16.01
C ALA A 296 19.92 -21.35 -15.36
N LEU A 297 19.99 -22.53 -15.99
CA LEU A 297 20.77 -23.63 -15.44
C LEU A 297 22.27 -23.37 -15.43
N GLU A 298 22.73 -22.27 -16.05
CA GLU A 298 24.15 -21.94 -15.98
C GLU A 298 24.52 -21.22 -14.69
N ASN A 299 23.57 -20.49 -14.10
CA ASN A 299 23.78 -19.84 -12.81
C ASN A 299 23.63 -20.80 -11.64
N LEU A 300 23.26 -22.05 -11.89
CA LEU A 300 23.09 -23.00 -10.80
C LEU A 300 24.41 -23.31 -10.10
N LYS A 301 25.52 -23.26 -10.83
CA LYS A 301 26.81 -23.49 -10.21
C LYS A 301 27.18 -22.36 -9.26
N GLY A 302 26.85 -21.11 -9.63
CA GLY A 302 27.22 -19.99 -8.79
C GLY A 302 26.39 -19.90 -7.52
N PHE A 303 25.06 -19.96 -7.67
CA PHE A 303 24.18 -19.78 -6.52
C PHE A 303 24.36 -20.89 -5.49
N VAL A 304 24.59 -22.12 -5.94
CA VAL A 304 24.65 -23.25 -5.03
C VAL A 304 26.07 -23.54 -4.55
N SER A 305 27.06 -23.40 -5.44
CA SER A 305 28.43 -23.81 -5.14
C SER A 305 29.40 -22.65 -5.02
N ASP A 306 29.45 -21.76 -6.01
CA ASP A 306 30.53 -20.78 -6.08
C ASP A 306 30.39 -19.71 -5.00
N PHE A 307 29.20 -19.12 -4.88
CA PHE A 307 29.04 -17.96 -3.99
C PHE A 307 29.14 -18.34 -2.52
N GLY A 308 28.69 -19.54 -2.15
CA GLY A 308 28.84 -20.00 -0.78
C GLY A 308 30.29 -20.26 -0.41
N ILE A 309 31.12 -20.59 -1.40
CA ILE A 309 32.54 -20.80 -1.16
C ILE A 309 33.29 -19.47 -1.11
N SER A 310 32.87 -18.49 -1.90
CA SER A 310 33.58 -17.22 -1.95
C SER A 310 33.33 -16.37 -0.71
N PHE A 311 32.09 -16.36 -0.20
CA PHE A 311 31.76 -15.54 0.95
C PHE A 311 32.43 -16.08 2.21
N TYR A 312 32.11 -17.33 2.57
CA TYR A 312 32.73 -17.95 3.74
C TYR A 312 34.23 -18.22 3.54
N GLU A 313 34.74 -18.06 2.32
CA GLU A 313 36.13 -18.34 1.99
C GLU A 313 36.52 -19.76 2.40
N VAL A 314 35.71 -20.71 1.96
CA VAL A 314 35.99 -22.12 2.24
C VAL A 314 37.26 -22.54 1.50
N LYS A 315 38.21 -23.09 2.24
CA LYS A 315 39.49 -23.50 1.68
C LYS A 315 39.48 -24.99 1.35
N ASP A 316 40.37 -25.38 0.44
CA ASP A 316 40.49 -26.77 0.03
C ASP A 316 40.98 -27.67 1.15
N SER A 317 41.71 -27.11 2.11
CA SER A 317 42.20 -27.88 3.25
C SER A 317 41.11 -28.18 4.27
N GLU A 318 40.00 -27.45 4.24
CA GLU A 318 38.90 -27.68 5.18
C GLU A 318 37.91 -28.73 4.69
N VAL A 319 37.90 -29.04 3.38
CA VAL A 319 36.93 -29.97 2.84
C VAL A 319 37.24 -31.38 3.35
N ALA A 320 36.19 -32.11 3.75
CA ALA A 320 36.36 -33.44 4.29
C ALA A 320 36.63 -34.47 3.20
N SER A 321 35.84 -34.45 2.12
CA SER A 321 36.00 -35.38 1.02
C SER A 321 35.76 -34.62 -0.28
N SER A 322 36.78 -34.58 -1.15
CA SER A 322 36.72 -33.81 -2.38
C SER A 322 35.97 -34.60 -3.45
N ASP A 323 34.66 -34.71 -3.24
CA ASP A 323 33.75 -35.35 -4.19
C ASP A 323 32.80 -34.31 -4.76
N LYS A 324 32.69 -34.28 -6.08
CA LYS A 324 31.84 -33.31 -6.76
C LYS A 324 30.41 -33.84 -6.89
N ALA A 325 29.47 -32.90 -6.97
CA ALA A 325 28.06 -33.23 -7.13
C ALA A 325 27.68 -33.22 -8.61
N ILE A 326 27.11 -34.32 -9.08
CA ILE A 326 26.72 -34.47 -10.47
C ILE A 326 25.19 -34.48 -10.53
N LEU A 327 24.63 -33.45 -11.16
CA LEU A 327 23.18 -33.30 -11.26
C LEU A 327 22.72 -33.92 -12.58
N PHE A 328 22.22 -35.16 -12.52
CA PHE A 328 21.72 -35.85 -13.69
C PHE A 328 20.19 -35.81 -13.70
N LYS A 329 19.62 -35.89 -14.91
CA LYS A 329 18.19 -35.70 -15.11
C LYS A 329 17.50 -37.07 -15.21
N LYS A 330 17.31 -37.69 -14.04
CA LYS A 330 16.46 -38.87 -13.91
C LYS A 330 15.31 -38.52 -12.99
N GLU A 331 14.08 -38.69 -13.48
CA GLU A 331 12.91 -38.35 -12.68
C GLU A 331 12.84 -39.19 -11.42
N GLN A 332 12.44 -38.56 -10.33
CA GLN A 332 12.26 -39.24 -9.05
C GLN A 332 11.03 -38.70 -8.36
N VAL A 333 10.42 -39.54 -7.52
CA VAL A 333 9.22 -39.18 -6.77
C VAL A 333 9.62 -38.92 -5.32
N ILE A 334 9.01 -37.89 -4.73
CA ILE A 334 9.28 -37.53 -3.34
C ILE A 334 8.40 -38.40 -2.45
N PRO A 335 8.99 -39.16 -1.52
CA PRO A 335 8.18 -40.04 -0.66
C PRO A 335 7.22 -39.23 0.21
N GLN A 336 6.14 -39.90 0.63
CA GLN A 336 5.18 -39.27 1.52
C GLN A 336 5.75 -39.04 2.91
N VAL A 337 6.78 -39.79 3.30
CA VAL A 337 7.33 -39.71 4.64
C VAL A 337 8.80 -40.14 4.61
N ILE A 338 9.62 -39.47 5.41
CA ILE A 338 11.00 -39.86 5.64
C ILE A 338 11.10 -40.36 7.07
N SER A 339 11.27 -41.66 7.24
CA SER A 339 11.26 -42.30 8.54
C SER A 339 12.59 -42.95 8.84
N ASP A 340 12.96 -42.97 10.13
CA ASP A 340 14.18 -43.64 10.57
C ASP A 340 13.96 -45.11 10.91
N GLY A 341 12.71 -45.55 10.97
CA GLY A 341 12.38 -46.95 11.16
C GLY A 341 11.83 -47.30 12.53
N LYS A 342 12.02 -46.44 13.53
CA LYS A 342 11.60 -46.76 14.89
C LYS A 342 10.48 -45.85 15.39
N ASP A 343 10.72 -44.54 15.49
CA ASP A 343 9.71 -43.63 16.01
C ASP A 343 9.60 -42.31 15.26
N ILE A 344 10.55 -41.94 14.41
CA ILE A 344 10.62 -40.61 13.83
C ILE A 344 10.02 -40.61 12.44
N SER A 345 9.22 -39.60 12.14
CA SER A 345 8.56 -39.47 10.84
C SER A 345 8.57 -38.01 10.41
N ILE A 346 9.05 -37.75 9.20
CA ILE A 346 9.10 -36.40 8.63
C ILE A 346 8.25 -36.38 7.36
N ILE A 347 7.68 -35.21 7.09
CA ILE A 347 7.00 -34.95 5.83
C ILE A 347 7.89 -34.04 4.99
N PRO A 348 8.53 -34.55 3.93
CA PRO A 348 9.46 -33.72 3.17
C PRO A 348 8.73 -32.67 2.34
N PHE A 349 9.50 -31.67 1.91
CA PHE A 349 8.95 -30.60 1.09
C PHE A 349 8.44 -31.17 -0.24
N LYS A 350 7.22 -30.77 -0.61
CA LYS A 350 6.55 -31.28 -1.81
C LYS A 350 6.43 -32.80 -1.76
N ALA A 351 5.91 -33.30 -0.63
CA ALA A 351 5.78 -34.74 -0.41
C ALA A 351 4.81 -35.36 -1.41
N GLY A 352 5.34 -36.19 -2.31
CA GLY A 352 4.56 -36.86 -3.33
C GLY A 352 4.81 -36.33 -4.73
N ASP A 353 5.22 -35.06 -4.85
CA ASP A 353 5.44 -34.45 -6.14
C ASP A 353 6.65 -35.07 -6.83
N LYS A 354 6.75 -34.83 -8.13
CA LYS A 354 7.85 -35.34 -8.94
C LYS A 354 8.89 -34.26 -9.17
N LEU A 355 10.11 -34.70 -9.45
CA LEU A 355 11.22 -33.80 -9.73
C LEU A 355 11.85 -34.17 -11.06
N SER A 356 12.43 -33.16 -11.72
CA SER A 356 13.10 -33.39 -12.99
C SER A 356 14.52 -33.90 -12.80
N TRP A 357 15.13 -33.68 -11.63
CA TRP A 357 16.55 -33.94 -11.45
C TRP A 357 16.80 -34.86 -10.27
N SER A 358 17.92 -35.58 -10.34
CA SER A 358 18.50 -36.26 -9.20
C SER A 358 19.96 -35.84 -9.10
N VAL A 359 20.71 -36.43 -8.18
CA VAL A 359 22.11 -36.06 -8.00
C VAL A 359 22.88 -37.24 -7.42
N ARG A 360 24.04 -37.51 -8.02
CA ARG A 360 24.98 -38.52 -7.53
C ARG A 360 26.28 -37.84 -7.14
N TRP A 361 27.27 -38.64 -6.78
CA TRP A 361 28.58 -38.13 -6.37
C TRP A 361 29.67 -38.78 -7.22
N GLU A 362 30.73 -38.01 -7.49
CA GLU A 362 31.82 -38.45 -8.33
C GLU A 362 33.11 -37.81 -7.82
N PRO A 363 34.18 -38.57 -7.63
CA PRO A 363 35.39 -38.02 -7.01
C PRO A 363 36.25 -37.24 -7.99
N ARG A 364 37.05 -36.35 -7.40
CA ARG A 364 38.01 -35.51 -8.13
C ARG A 364 39.20 -36.42 -8.44
N LEU A 365 39.54 -36.57 -9.72
CA LEU A 365 40.65 -37.46 -10.12
C LEU A 365 41.69 -36.66 -10.90
N VAL B 2 -25.60 -7.58 39.72
CA VAL B 2 -24.79 -7.51 38.51
C VAL B 2 -25.51 -6.67 37.45
N GLN B 3 -24.73 -6.03 36.59
CA GLN B 3 -25.29 -5.20 35.54
C GLN B 3 -25.96 -6.07 34.47
N GLU B 4 -27.13 -5.66 34.03
CA GLU B 4 -27.93 -6.44 33.10
C GLU B 4 -28.33 -5.62 31.88
N ILE B 5 -28.51 -6.31 30.75
CA ILE B 5 -28.91 -5.69 29.49
C ILE B 5 -30.01 -6.53 28.85
N ASP B 6 -31.07 -5.88 28.40
CA ASP B 6 -32.16 -6.53 27.67
C ASP B 6 -31.93 -6.34 26.18
N LEU B 7 -31.75 -7.45 25.46
CA LEU B 7 -31.46 -7.40 24.03
C LEU B 7 -32.65 -7.76 23.16
N GLY B 8 -33.71 -8.33 23.72
CA GLY B 8 -34.84 -8.74 22.91
C GLY B 8 -34.55 -10.02 22.17
N LEU B 9 -34.85 -10.02 20.87
CA LEU B 9 -34.62 -11.19 20.02
C LEU B 9 -33.34 -10.96 19.23
N THR B 10 -32.23 -11.51 19.72
CA THR B 10 -30.97 -11.42 19.02
C THR B 10 -31.02 -12.19 17.70
N CYS B 11 -30.07 -11.89 16.82
CA CYS B 11 -30.02 -12.50 15.50
C CYS B 11 -28.58 -12.84 15.13
N ASP B 12 -28.40 -14.01 14.53
CA ASP B 12 -27.10 -14.52 14.09
C ASP B 12 -27.30 -15.08 12.68
N MET B 13 -27.12 -14.24 11.67
CA MET B 13 -27.38 -14.67 10.30
C MET B 13 -26.14 -15.28 9.64
N HIS B 14 -25.47 -16.18 10.37
CA HIS B 14 -24.43 -17.04 9.78
C HIS B 14 -24.22 -18.21 10.75
N VAL B 15 -24.82 -19.35 10.45
CA VAL B 15 -24.84 -20.49 11.35
C VAL B 15 -24.66 -21.76 10.54
N HIS B 16 -23.84 -22.69 11.05
CA HIS B 16 -23.56 -23.94 10.36
C HIS B 16 -23.74 -25.10 11.33
N VAL B 17 -24.68 -25.98 11.00
CA VAL B 17 -25.22 -26.97 11.93
C VAL B 17 -25.06 -28.38 11.36
N ARG B 18 -23.94 -28.64 10.69
CA ARG B 18 -23.78 -29.80 9.82
C ARG B 18 -24.39 -31.07 10.39
N GLU B 19 -24.93 -31.89 9.47
CA GLU B 19 -25.70 -33.09 9.77
C GLU B 19 -24.96 -34.09 10.67
N GLY B 20 -25.71 -35.01 11.26
CA GLY B 20 -25.13 -36.08 12.04
C GLY B 20 -25.18 -35.80 13.53
N ALA B 21 -24.26 -36.48 14.25
CA ALA B 21 -24.12 -36.23 15.68
C ALA B 21 -23.64 -34.81 15.96
N MET B 22 -22.92 -34.21 15.01
CA MET B 22 -22.55 -32.81 15.14
C MET B 22 -23.78 -31.93 15.23
N CYS B 23 -24.81 -32.25 14.45
CA CYS B 23 -26.03 -31.43 14.44
C CYS B 23 -26.73 -31.47 15.79
N GLU B 24 -26.95 -32.68 16.32
CA GLU B 24 -27.65 -32.83 17.58
C GLU B 24 -26.92 -32.17 18.74
N LEU B 25 -25.62 -31.90 18.58
CA LEU B 25 -24.82 -31.27 19.63
C LEU B 25 -24.87 -29.75 19.55
N VAL B 26 -24.59 -29.18 18.38
CA VAL B 26 -24.43 -27.73 18.28
C VAL B 26 -25.76 -27.01 18.11
N THR B 27 -26.83 -27.70 17.71
CA THR B 27 -28.11 -27.03 17.48
C THR B 27 -28.65 -26.38 18.74
N PRO B 28 -28.67 -27.04 19.92
CA PRO B 28 -29.11 -26.31 21.11
C PRO B 28 -28.18 -25.19 21.52
N LYS B 29 -26.89 -25.29 21.15
CA LYS B 29 -25.91 -24.28 21.55
C LYS B 29 -26.19 -22.91 20.95
N ILE B 30 -27.05 -22.83 19.93
CA ILE B 30 -27.51 -21.52 19.48
C ILE B 30 -28.25 -20.80 20.60
N ARG B 31 -29.09 -21.53 21.33
CA ARG B 31 -29.82 -20.98 22.47
C ARG B 31 -28.90 -20.75 23.66
N ASP B 32 -27.81 -21.51 23.76
CA ASP B 32 -26.85 -21.30 24.85
C ASP B 32 -26.02 -20.05 24.64
N GLY B 33 -25.83 -19.63 23.39
CA GLY B 33 -25.08 -18.43 23.10
C GLY B 33 -25.86 -17.14 23.23
N GLY B 34 -27.18 -17.22 23.37
CA GLY B 34 -28.02 -16.06 23.45
C GLY B 34 -28.65 -15.63 22.14
N VAL B 35 -28.96 -16.56 21.25
CA VAL B 35 -29.51 -16.26 19.93
C VAL B 35 -30.90 -16.85 19.84
N SER B 36 -31.87 -16.04 19.40
CA SER B 36 -33.25 -16.48 19.25
C SER B 36 -33.65 -16.72 17.81
N ILE B 37 -32.92 -16.17 16.85
CA ILE B 37 -33.24 -16.30 15.43
C ILE B 37 -31.95 -16.62 14.67
N ALA B 38 -31.96 -17.70 13.89
CA ALA B 38 -30.77 -18.19 13.22
C ALA B 38 -31.03 -18.39 11.73
N TYR B 39 -30.00 -18.14 10.93
CA TYR B 39 -30.03 -18.34 9.49
C TYR B 39 -29.03 -19.43 9.13
N ILE B 40 -29.53 -20.53 8.59
CA ILE B 40 -28.73 -21.73 8.38
C ILE B 40 -28.13 -21.71 6.98
N MET B 41 -26.80 -21.75 6.91
CA MET B 41 -26.11 -21.73 5.63
C MET B 41 -25.95 -23.16 5.09
N PRO B 42 -26.29 -23.38 3.82
CA PRO B 42 -26.31 -24.75 3.26
C PRO B 42 -25.02 -25.24 2.65
N ASN B 43 -23.90 -25.29 3.38
CA ASN B 43 -22.71 -25.94 2.83
C ASN B 43 -22.59 -27.38 3.32
N LEU B 44 -23.64 -28.14 3.05
CA LEU B 44 -23.71 -29.55 3.40
C LEU B 44 -23.11 -30.40 2.29
N GLN B 45 -23.00 -31.70 2.57
CA GLN B 45 -22.50 -32.66 1.59
C GLN B 45 -23.46 -33.82 1.52
N PRO B 46 -24.32 -33.89 0.48
CA PRO B 46 -24.39 -32.92 -0.62
C PRO B 46 -25.05 -31.60 -0.22
N PRO B 47 -24.72 -30.52 -0.92
CA PRO B 47 -25.33 -29.22 -0.62
C PRO B 47 -26.84 -29.25 -0.78
N ILE B 48 -27.49 -28.27 -0.17
CA ILE B 48 -28.95 -28.18 -0.13
C ILE B 48 -29.40 -27.45 -1.38
N THR B 49 -29.87 -28.20 -2.38
CA THR B 49 -30.41 -27.63 -3.59
C THR B 49 -31.82 -28.12 -3.94
N THR B 50 -32.36 -29.08 -3.20
CA THR B 50 -33.67 -29.64 -3.48
C THR B 50 -34.66 -29.22 -2.40
N LEU B 51 -35.94 -29.21 -2.78
CA LEU B 51 -36.98 -28.73 -1.87
C LEU B 51 -37.19 -29.69 -0.70
N ASP B 52 -37.21 -31.00 -0.97
CA ASP B 52 -37.38 -31.97 0.10
C ASP B 52 -36.21 -31.95 1.08
N ARG B 53 -35.04 -31.52 0.62
CA ARG B 53 -33.87 -31.49 1.50
C ARG B 53 -33.99 -30.39 2.54
N VAL B 54 -34.42 -29.20 2.14
CA VAL B 54 -34.45 -28.07 3.06
C VAL B 54 -35.67 -28.10 3.97
N ILE B 55 -36.75 -28.77 3.57
CA ILE B 55 -37.89 -28.93 4.47
C ILE B 55 -37.58 -29.98 5.53
N GLU B 56 -36.85 -31.03 5.15
CA GLU B 56 -36.47 -32.06 6.10
C GLU B 56 -35.35 -31.59 7.03
N TYR B 57 -34.47 -30.72 6.53
CA TYR B 57 -33.36 -30.23 7.35
C TYR B 57 -33.83 -29.20 8.37
N LYS B 58 -34.84 -28.40 8.02
CA LYS B 58 -35.35 -27.42 8.98
C LYS B 58 -36.08 -28.09 10.13
N LYS B 59 -36.95 -29.04 9.82
CA LYS B 59 -37.68 -29.76 10.87
C LYS B 59 -36.73 -30.54 11.77
N THR B 60 -35.56 -30.93 11.25
CA THR B 60 -34.54 -31.54 12.09
C THR B 60 -34.03 -30.56 13.12
N LEU B 61 -33.92 -29.28 12.75
CA LEU B 61 -33.41 -28.28 13.68
C LEU B 61 -34.49 -27.84 14.68
N GLN B 62 -35.74 -27.69 14.21
CA GLN B 62 -36.82 -27.34 15.13
C GLN B 62 -37.05 -28.43 16.16
N LYS B 63 -36.79 -29.69 15.79
CA LYS B 63 -36.89 -30.78 16.75
C LYS B 63 -35.77 -30.71 17.78
N LEU B 64 -34.56 -30.33 17.35
CA LEU B 64 -33.45 -30.22 18.29
C LEU B 64 -33.58 -28.99 19.17
N ALA B 65 -34.12 -27.89 18.64
CA ALA B 65 -34.32 -26.66 19.40
C ALA B 65 -35.69 -26.09 19.03
N PRO B 66 -36.71 -26.31 19.85
CA PRO B 66 -38.05 -25.82 19.50
C PRO B 66 -38.19 -24.30 19.60
N LYS B 67 -37.42 -23.65 20.47
CA LYS B 67 -37.58 -22.23 20.75
C LYS B 67 -36.64 -21.34 19.95
N THR B 68 -35.99 -21.88 18.92
CA THR B 68 -35.11 -21.10 18.06
C THR B 68 -35.72 -21.00 16.67
N THR B 69 -35.81 -19.77 16.16
CA THR B 69 -36.36 -19.53 14.83
C THR B 69 -35.30 -19.74 13.77
N PHE B 70 -35.62 -20.53 12.74
CA PHE B 70 -34.66 -20.91 11.71
C PHE B 70 -35.07 -20.34 10.37
N LEU B 71 -34.15 -19.64 9.72
CA LEU B 71 -34.32 -19.14 8.36
C LEU B 71 -33.38 -19.94 7.46
N MET B 72 -33.97 -20.76 6.59
CA MET B 72 -33.19 -21.70 5.80
C MET B 72 -32.72 -21.04 4.50
N SER B 73 -31.95 -21.80 3.70
CA SER B 73 -31.32 -21.24 2.53
C SER B 73 -30.97 -22.36 1.56
N PHE B 74 -30.63 -21.97 0.33
CA PHE B 74 -30.23 -22.88 -0.72
C PHE B 74 -28.79 -22.63 -1.13
N TYR B 75 -28.14 -23.67 -1.63
CA TYR B 75 -26.77 -23.58 -2.14
C TYR B 75 -26.83 -23.17 -3.61
N LEU B 76 -26.17 -22.06 -3.95
CA LEU B 76 -26.21 -21.55 -5.32
C LEU B 76 -25.37 -22.46 -6.20
N SER B 77 -26.03 -23.40 -6.88
CA SER B 77 -25.39 -24.31 -7.80
C SER B 77 -26.09 -24.23 -9.15
N LYS B 78 -25.50 -24.89 -10.15
CA LYS B 78 -26.10 -24.95 -11.47
C LYS B 78 -27.44 -25.69 -11.44
N ASP B 79 -27.70 -26.48 -10.40
CA ASP B 79 -28.89 -27.32 -10.29
C ASP B 79 -30.11 -26.57 -9.76
N LEU B 80 -30.11 -25.24 -9.80
CA LEU B 80 -31.25 -24.45 -9.36
C LEU B 80 -31.96 -23.85 -10.56
N THR B 81 -33.30 -23.83 -10.50
CA THR B 81 -34.14 -23.28 -11.55
C THR B 81 -35.06 -22.21 -10.97
N PRO B 82 -35.48 -21.25 -11.79
CA PRO B 82 -36.44 -20.25 -11.29
C PRO B 82 -37.75 -20.86 -10.82
N ASP B 83 -38.17 -21.97 -11.42
CA ASP B 83 -39.38 -22.64 -10.96
C ASP B 83 -39.20 -23.20 -9.55
N LEU B 84 -38.00 -23.69 -9.24
CA LEU B 84 -37.72 -24.19 -7.89
C LEU B 84 -37.64 -23.04 -6.89
N ILE B 85 -37.11 -21.89 -7.32
CA ILE B 85 -36.98 -20.75 -6.41
C ILE B 85 -38.35 -20.19 -6.07
N HIS B 86 -39.22 -20.02 -7.08
CA HIS B 86 -40.55 -19.51 -6.82
C HIS B 86 -41.34 -20.43 -5.92
N GLU B 87 -41.30 -21.74 -6.19
CA GLU B 87 -42.04 -22.70 -5.39
C GLU B 87 -41.55 -22.72 -3.95
N ALA B 88 -40.23 -22.70 -3.75
CA ALA B 88 -39.69 -22.73 -2.40
C ALA B 88 -40.04 -21.45 -1.63
N ALA B 89 -39.96 -20.31 -2.30
CA ALA B 89 -40.28 -19.04 -1.64
C ALA B 89 -41.76 -18.95 -1.31
N GLN B 90 -42.62 -19.47 -2.19
CA GLN B 90 -44.05 -19.44 -1.91
C GLN B 90 -44.43 -20.36 -0.75
N GLN B 91 -43.67 -21.44 -0.56
CA GLN B 91 -43.92 -22.37 0.53
C GLN B 91 -43.16 -22.00 1.80
N HIS B 92 -42.58 -20.80 1.86
CA HIS B 92 -41.86 -20.31 3.04
C HIS B 92 -40.74 -21.25 3.47
N ALA B 93 -40.11 -21.92 2.49
CA ALA B 93 -39.05 -22.87 2.82
C ALA B 93 -37.77 -22.17 3.23
N ILE B 94 -37.38 -21.13 2.47
CA ILE B 94 -36.13 -20.43 2.69
C ILE B 94 -36.40 -18.93 2.78
N ARG B 95 -35.32 -18.17 2.95
CA ARG B 95 -35.36 -16.71 2.90
C ARG B 95 -34.28 -16.16 1.98
N GLY B 96 -33.60 -17.02 1.24
CA GLY B 96 -32.56 -16.57 0.33
C GLY B 96 -31.64 -17.72 -0.02
N VAL B 97 -30.64 -17.40 -0.85
CA VAL B 97 -29.64 -18.38 -1.24
C VAL B 97 -28.25 -17.84 -0.98
N CYS B 99 -24.11 -18.09 -1.66
CA CYS B 99 -23.20 -18.49 -2.73
C CYS B 99 -21.80 -18.79 -2.23
N TYR B 100 -21.13 -19.72 -2.89
CA TYR B 100 -19.76 -20.11 -2.56
C TYR B 100 -18.92 -20.06 -3.83
N PRO B 101 -17.91 -19.19 -3.91
CA PRO B 101 -16.96 -19.30 -5.02
C PRO B 101 -16.22 -20.63 -4.96
N ALA B 102 -15.92 -21.18 -6.13
CA ALA B 102 -15.33 -22.50 -6.21
C ALA B 102 -13.92 -22.50 -5.60
N GLY B 103 -13.72 -23.31 -4.56
CA GLY B 103 -12.42 -23.47 -3.94
C GLY B 103 -11.99 -22.31 -3.06
N VAL B 104 -12.91 -21.83 -2.21
CA VAL B 104 -12.63 -20.69 -1.34
C VAL B 104 -12.77 -21.12 0.12
N THR B 105 -13.66 -22.09 0.36
CA THR B 105 -13.84 -22.67 1.69
C THR B 105 -14.08 -24.17 1.52
N THR B 106 -14.41 -24.86 2.61
CA THR B 106 -14.73 -26.28 2.51
C THR B 106 -16.18 -26.46 2.07
N ASN B 107 -16.41 -27.48 1.26
CA ASN B 107 -17.70 -27.71 0.59
C ASN B 107 -18.08 -26.53 -0.31
N SER B 108 -17.07 -25.86 -0.88
CA SER B 108 -17.29 -24.79 -1.83
C SER B 108 -17.17 -25.25 -3.28
N ALA B 109 -16.39 -26.34 -3.42
CA ALA B 109 -15.98 -27.04 -4.67
C ALA B 109 -17.17 -27.31 -5.59
N ALA B 110 -18.36 -27.48 -5.01
CA ALA B 110 -19.60 -27.66 -5.81
C ALA B 110 -20.31 -26.31 -5.84
N GLY B 111 -19.57 -25.26 -6.25
CA GLY B 111 -20.06 -23.88 -6.27
C GLY B 111 -19.73 -23.34 -7.64
N VAL B 112 -19.64 -22.00 -7.72
CA VAL B 112 -19.73 -21.15 -8.90
C VAL B 112 -18.37 -20.54 -9.17
N ASP B 113 -18.27 -19.87 -10.32
CA ASP B 113 -17.12 -19.03 -10.64
C ASP B 113 -17.55 -17.58 -10.62
N PRO B 114 -16.97 -16.73 -9.76
CA PRO B 114 -17.58 -15.42 -9.49
C PRO B 114 -17.32 -14.35 -10.54
N ASN B 115 -16.25 -14.45 -11.32
CA ASN B 115 -16.01 -13.45 -12.35
C ASN B 115 -16.85 -13.69 -13.61
N ASP B 116 -17.83 -14.61 -13.55
CA ASP B 116 -18.85 -14.70 -14.60
C ASP B 116 -20.23 -14.37 -14.05
N PHE B 117 -20.73 -15.14 -13.07
CA PHE B 117 -21.93 -14.81 -12.32
C PHE B 117 -23.18 -14.61 -13.17
N SER B 118 -23.06 -14.81 -14.48
CA SER B 118 -24.13 -14.42 -15.41
C SER B 118 -25.16 -15.52 -15.62
N ALA B 119 -24.74 -16.78 -15.65
CA ALA B 119 -25.68 -17.88 -15.83
C ALA B 119 -26.68 -17.98 -14.68
N PHE B 120 -26.39 -17.35 -13.55
CA PHE B 120 -27.27 -17.36 -12.39
C PHE B 120 -28.15 -16.12 -12.31
N TYR B 121 -28.07 -15.23 -13.29
CA TYR B 121 -29.00 -14.10 -13.34
C TYR B 121 -30.46 -14.53 -13.36
N PRO B 122 -30.88 -15.60 -14.05
CA PRO B 122 -32.27 -16.05 -13.91
C PRO B 122 -32.66 -16.36 -12.48
N ILE B 123 -31.74 -16.93 -11.70
CA ILE B 123 -32.01 -17.17 -10.29
C ILE B 123 -32.18 -15.85 -9.54
N PHE B 124 -31.29 -14.88 -9.82
CA PHE B 124 -31.38 -13.59 -9.15
C PHE B 124 -32.66 -12.85 -9.53
N LYS B 125 -33.14 -13.03 -10.77
CA LYS B 125 -34.40 -12.42 -11.17
C LYS B 125 -35.56 -12.95 -10.33
N ALA B 126 -35.60 -14.27 -10.12
CA ALA B 126 -36.67 -14.85 -9.33
C ALA B 126 -36.59 -14.41 -7.87
N MET B 127 -35.37 -14.25 -7.34
CA MET B 127 -35.22 -13.78 -5.96
C MET B 127 -35.62 -12.32 -5.85
N GLN B 128 -35.18 -11.48 -6.79
CA GLN B 128 -35.52 -10.07 -6.76
C GLN B 128 -37.03 -9.85 -6.84
N GLU B 129 -37.76 -10.78 -7.44
CA GLU B 129 -39.21 -10.73 -7.47
C GLU B 129 -39.84 -11.36 -6.23
N GLU B 130 -39.20 -12.36 -5.64
CA GLU B 130 -39.70 -13.01 -4.43
C GLU B 130 -39.20 -12.35 -3.15
N ASN B 131 -38.39 -11.30 -3.26
CA ASN B 131 -37.85 -10.58 -2.10
C ASN B 131 -37.08 -11.52 -1.17
N LEU B 132 -36.18 -12.30 -1.76
CA LEU B 132 -35.29 -13.14 -0.98
C LEU B 132 -33.98 -12.38 -0.72
N VAL B 133 -32.98 -13.06 -0.17
CA VAL B 133 -31.71 -12.43 0.20
C VAL B 133 -30.57 -13.20 -0.46
N LEU B 134 -29.73 -12.49 -1.19
CA LEU B 134 -28.57 -13.09 -1.85
C LEU B 134 -27.35 -12.88 -0.96
N ASN B 135 -26.97 -13.93 -0.23
CA ASN B 135 -25.80 -13.89 0.63
C ASN B 135 -24.58 -14.35 -0.14
N LEU B 136 -23.49 -13.61 -0.02
CA LEU B 136 -22.29 -13.84 -0.80
C LEU B 136 -21.10 -14.09 0.12
N HIS B 137 -20.32 -15.12 -0.18
CA HIS B 137 -19.00 -15.29 0.40
C HIS B 137 -18.05 -14.53 -0.52
N GLY B 138 -17.62 -13.35 -0.09
CA GLY B 138 -16.85 -12.50 -0.99
C GLY B 138 -15.38 -12.80 -0.98
N GLU B 139 -14.94 -13.59 -1.97
CA GLU B 139 -13.54 -13.94 -2.13
C GLU B 139 -13.34 -14.46 -3.55
N LYS B 140 -12.54 -13.75 -4.34
CA LYS B 140 -12.16 -14.26 -5.65
C LYS B 140 -11.25 -15.47 -5.50
N PRO B 141 -11.49 -16.56 -6.24
CA PRO B 141 -10.59 -17.71 -6.16
C PRO B 141 -9.16 -17.33 -6.49
N SER B 142 -8.23 -18.02 -5.84
CA SER B 142 -6.83 -17.64 -5.87
C SER B 142 -6.19 -18.06 -7.19
N VAL B 143 -5.61 -17.09 -7.89
CA VAL B 143 -4.79 -17.33 -9.07
C VAL B 143 -3.53 -16.49 -8.93
N HIS B 144 -2.38 -17.12 -9.22
CA HIS B 144 -1.08 -16.49 -8.99
C HIS B 144 -0.41 -15.98 -10.26
N ASP B 145 -0.68 -16.65 -11.38
CA ASP B 145 -0.12 -16.23 -12.69
C ASP B 145 -1.31 -15.93 -13.60
N GLY B 146 -1.06 -15.28 -14.74
CA GLY B 146 -2.00 -14.47 -15.53
C GLY B 146 -1.51 -13.05 -15.74
N ASP B 147 -2.20 -12.33 -16.63
CA ASP B 147 -1.87 -10.92 -16.97
C ASP B 147 -2.51 -10.01 -15.91
N LYS B 148 -3.47 -10.53 -15.16
CA LYS B 148 -4.14 -9.71 -14.12
C LYS B 148 -3.39 -9.85 -12.80
N GLU B 149 -3.65 -8.94 -11.86
CA GLU B 149 -3.09 -8.98 -10.52
C GLU B 149 -3.30 -10.36 -9.90
N PRO B 150 -2.26 -10.98 -9.34
CA PRO B 150 -2.44 -12.27 -8.67
C PRO B 150 -3.34 -12.12 -7.45
N ILE B 151 -4.09 -13.19 -7.15
CA ILE B 151 -5.05 -13.21 -6.06
C ILE B 151 -4.58 -14.23 -5.03
N HIS B 152 -4.58 -13.81 -3.76
CA HIS B 152 -4.24 -14.71 -2.66
C HIS B 152 -5.27 -14.59 -1.54
N VAL B 153 -4.98 -15.22 -0.38
CA VAL B 153 -5.95 -15.27 0.70
C VAL B 153 -6.22 -13.89 1.31
N LEU B 154 -5.33 -12.93 1.11
CA LEU B 154 -5.50 -11.62 1.74
C LEU B 154 -6.23 -10.62 0.86
N ASN B 155 -6.05 -10.67 -0.45
CA ASN B 155 -6.71 -9.75 -1.36
C ASN B 155 -7.94 -10.34 -2.02
N ALA B 156 -8.26 -11.60 -1.74
CA ALA B 156 -9.38 -12.25 -2.41
C ALA B 156 -10.69 -11.54 -2.10
N GLU B 157 -10.84 -11.03 -0.88
CA GLU B 157 -12.08 -10.33 -0.53
C GLU B 157 -12.18 -8.99 -1.25
N GLU B 158 -11.04 -8.29 -1.42
CA GLU B 158 -11.08 -7.00 -2.09
C GLU B 158 -11.33 -7.15 -3.58
N ALA B 159 -10.72 -8.16 -4.22
CA ALA B 159 -10.92 -8.36 -5.64
C ALA B 159 -12.34 -8.76 -5.98
N PHE B 160 -13.09 -9.28 -5.01
CA PHE B 160 -14.50 -9.62 -5.25
C PHE B 160 -15.40 -8.41 -5.22
N LEU B 161 -14.99 -7.33 -4.57
CA LEU B 161 -15.82 -6.14 -4.45
C LEU B 161 -16.36 -5.60 -5.77
N PRO B 162 -15.62 -5.61 -6.88
CA PRO B 162 -16.24 -5.21 -8.16
C PRO B 162 -17.47 -6.02 -8.53
N ALA B 163 -17.42 -7.35 -8.31
CA ALA B 163 -18.58 -8.18 -8.63
C ALA B 163 -19.75 -7.88 -7.71
N LEU B 164 -19.49 -7.37 -6.50
CA LEU B 164 -20.58 -7.00 -5.60
C LEU B 164 -21.29 -5.75 -6.10
N LYS B 165 -20.53 -4.74 -6.53
CA LYS B 165 -21.14 -3.53 -7.06
C LYS B 165 -21.94 -3.84 -8.32
N LYS B 166 -21.43 -4.74 -9.16
CA LYS B 166 -22.14 -5.11 -10.38
C LYS B 166 -23.45 -5.83 -10.06
N LEU B 167 -23.42 -6.76 -9.11
CA LEU B 167 -24.66 -7.43 -8.71
C LEU B 167 -25.64 -6.47 -8.06
N HIS B 168 -25.14 -5.42 -7.40
CA HIS B 168 -26.04 -4.40 -6.87
C HIS B 168 -26.47 -3.41 -7.95
N ASN B 169 -25.59 -3.15 -8.93
CA ASN B 169 -25.94 -2.24 -10.01
C ASN B 169 -26.94 -2.88 -10.96
N ASP B 170 -26.71 -4.14 -11.35
CA ASP B 170 -27.64 -4.83 -12.25
C ASP B 170 -28.98 -5.06 -11.57
N PHE B 171 -28.97 -5.62 -10.35
CA PHE B 171 -30.18 -5.91 -9.61
C PHE B 171 -30.27 -4.92 -8.45
N PRO B 172 -30.88 -3.75 -8.65
CA PRO B 172 -30.86 -2.74 -7.57
C PRO B 172 -31.73 -3.10 -6.40
N ASN B 173 -32.87 -3.74 -6.62
CA ASN B 173 -33.81 -4.09 -5.56
C ASN B 173 -33.63 -5.54 -5.10
N LEU B 174 -32.42 -6.08 -5.21
CA LEU B 174 -32.11 -7.42 -4.72
C LEU B 174 -31.31 -7.29 -3.42
N LYS B 175 -31.85 -7.83 -2.34
CA LYS B 175 -31.21 -7.74 -1.03
C LYS B 175 -29.94 -8.59 -1.03
N ILE B 176 -28.78 -7.94 -0.98
CA ILE B 176 -27.49 -8.60 -1.02
C ILE B 176 -26.79 -8.38 0.31
N ILE B 177 -26.07 -9.40 0.77
CA ILE B 177 -25.29 -9.33 2.00
C ILE B 177 -23.88 -9.84 1.69
N LEU B 178 -22.88 -9.02 1.98
CA LEU B 178 -21.48 -9.45 1.88
C LEU B 178 -21.12 -10.09 3.22
N GLU B 179 -21.15 -11.41 3.25
CA GLU B 179 -20.97 -12.12 4.51
C GLU B 179 -19.52 -12.04 4.98
N HIS B 180 -19.36 -12.06 6.31
CA HIS B 180 -18.08 -12.10 7.01
C HIS B 180 -17.04 -11.18 6.38
N CYS B 181 -17.34 -9.87 6.44
CA CYS B 181 -16.35 -8.87 6.06
C CYS B 181 -15.11 -9.00 6.93
N THR B 182 -13.94 -8.94 6.29
CA THR B 182 -12.67 -9.07 7.00
C THR B 182 -11.65 -7.99 6.64
N SER B 183 -11.97 -7.10 5.70
CA SER B 183 -11.02 -6.09 5.24
C SER B 183 -11.64 -4.70 5.35
N GLU B 184 -10.78 -3.70 5.57
CA GLU B 184 -11.24 -2.33 5.58
C GLU B 184 -11.78 -1.91 4.22
N SER B 185 -11.19 -2.43 3.14
CA SER B 185 -11.67 -2.11 1.80
C SER B 185 -13.10 -2.59 1.59
N ALA B 186 -13.47 -3.73 2.19
CA ALA B 186 -14.83 -4.20 2.08
C ALA B 186 -15.79 -3.35 2.89
N ILE B 187 -15.34 -2.84 4.04
CA ILE B 187 -16.21 -2.02 4.88
C ILE B 187 -16.50 -0.68 4.18
N LYS B 188 -15.46 -0.04 3.63
CA LYS B 188 -15.66 1.23 2.93
C LYS B 188 -16.60 1.09 1.75
N THR B 189 -16.57 -0.06 1.07
CA THR B 189 -17.47 -0.28 -0.05
C THR B 189 -18.92 -0.34 0.43
N ILE B 190 -19.17 -1.01 1.55
CA ILE B 190 -20.52 -1.08 2.09
C ILE B 190 -21.00 0.30 2.52
N GLU B 191 -20.09 1.12 3.06
CA GLU B 191 -20.46 2.47 3.49
C GLU B 191 -20.78 3.37 2.30
N ASP B 192 -20.04 3.22 1.19
CA ASP B 192 -20.28 4.04 0.02
C ASP B 192 -21.49 3.58 -0.78
N ILE B 193 -21.75 2.27 -0.81
CA ILE B 193 -22.94 1.77 -1.48
C ILE B 193 -24.19 2.30 -0.79
N ASN B 194 -24.14 2.44 0.53
CA ASN B 194 -25.26 2.95 1.32
C ASN B 194 -25.02 4.39 1.75
N LYS B 195 -24.44 5.21 0.84
CA LYS B 195 -24.10 6.58 1.16
C LYS B 195 -25.33 7.40 1.53
N ASN B 196 -26.28 7.52 0.61
CA ASN B 196 -27.45 8.35 0.79
C ASN B 196 -28.51 7.71 1.70
N VAL B 197 -28.17 6.62 2.39
CA VAL B 197 -29.17 5.83 3.09
C VAL B 197 -29.56 6.52 4.41
N LYS B 198 -30.82 6.90 4.51
CA LYS B 198 -31.49 7.20 5.76
C LYS B 198 -32.69 6.26 5.87
N LYS B 199 -33.27 6.19 7.08
CA LYS B 199 -34.43 5.33 7.29
C LYS B 199 -34.11 3.88 6.94
N ALA B 200 -33.38 3.21 7.84
CA ALA B 200 -32.69 1.94 7.63
C ALA B 200 -33.33 1.01 6.61
N THR B 201 -34.67 0.91 6.63
CA THR B 201 -35.40 0.06 5.69
C THR B 201 -35.02 0.32 4.23
N ASP B 202 -34.33 1.44 3.97
CA ASP B 202 -33.83 1.75 2.65
C ASP B 202 -32.49 1.07 2.33
N VAL B 203 -32.05 0.11 3.16
CA VAL B 203 -30.80 -0.59 2.92
C VAL B 203 -31.07 -1.82 2.06
N LYS B 204 -30.31 -1.94 0.96
CA LYS B 204 -30.37 -3.11 0.10
C LYS B 204 -29.13 -3.98 0.18
N VAL B 205 -27.96 -3.39 0.38
CA VAL B 205 -26.70 -4.12 0.50
C VAL B 205 -26.19 -3.93 1.93
N ALA B 206 -26.10 -5.03 2.67
CA ALA B 206 -25.60 -5.04 4.03
C ALA B 206 -24.38 -5.96 4.12
N ALA B 207 -23.91 -6.18 5.34
CA ALA B 207 -22.74 -7.03 5.55
C ALA B 207 -22.76 -7.57 6.98
N THR B 208 -22.56 -8.87 7.12
CA THR B 208 -22.53 -9.50 8.44
C THR B 208 -21.10 -9.57 8.94
N LEU B 209 -20.91 -9.25 10.23
CA LEU B 209 -19.61 -9.27 10.88
C LEU B 209 -19.56 -10.40 11.89
N THR B 210 -18.45 -11.13 11.89
CA THR B 210 -18.30 -12.25 12.80
C THR B 210 -17.84 -11.78 14.18
N ALA B 211 -17.79 -12.72 15.11
CA ALA B 211 -17.29 -12.42 16.45
C ALA B 211 -15.78 -12.57 16.54
N HIS B 212 -15.20 -13.49 15.79
CA HIS B 212 -13.78 -13.76 15.88
C HIS B 212 -12.94 -12.79 15.05
N HIS B 213 -13.47 -12.30 13.93
CA HIS B 213 -12.73 -11.32 13.14
C HIS B 213 -12.62 -9.97 13.83
N LEU B 214 -13.35 -9.76 14.93
CA LEU B 214 -13.17 -8.57 15.74
C LEU B 214 -11.99 -8.69 16.68
N PHE B 215 -11.62 -9.91 17.06
CA PHE B 215 -10.46 -10.19 17.90
C PHE B 215 -9.22 -10.55 17.08
N LEU B 216 -9.37 -11.44 16.11
CA LEU B 216 -8.24 -12.11 15.49
C LEU B 216 -7.51 -11.20 14.51
N THR B 217 -6.20 -11.45 14.38
CA THR B 217 -5.38 -10.86 13.33
C THR B 217 -4.66 -11.99 12.60
N ILE B 218 -3.71 -11.65 11.72
CA ILE B 218 -3.02 -12.69 10.96
C ILE B 218 -2.10 -13.50 11.87
N ASP B 219 -1.54 -12.88 12.92
CA ASP B 219 -0.65 -13.60 13.82
C ASP B 219 -1.40 -14.57 14.72
N ASP B 220 -2.71 -14.40 14.88
CA ASP B 220 -3.46 -15.24 15.80
C ASP B 220 -3.69 -16.64 15.25
N TRP B 221 -3.73 -16.79 13.93
CA TRP B 221 -3.87 -18.10 13.31
C TRP B 221 -2.59 -18.61 12.66
N ALA B 222 -1.56 -17.77 12.56
CA ALA B 222 -0.29 -18.18 11.98
C ALA B 222 0.35 -19.21 12.89
N GLY B 223 0.34 -20.47 12.45
CA GLY B 223 0.74 -21.55 13.33
C GLY B 223 -0.31 -21.97 14.33
N ASN B 224 -1.56 -21.51 14.16
CA ASN B 224 -2.65 -21.86 15.06
C ASN B 224 -3.87 -22.19 14.21
N PRO B 225 -4.01 -23.44 13.80
CA PRO B 225 -5.11 -23.82 12.89
C PRO B 225 -6.50 -23.64 13.48
N VAL B 226 -6.64 -23.62 14.81
CA VAL B 226 -7.96 -23.53 15.42
C VAL B 226 -8.63 -22.20 15.10
N ASN B 227 -7.86 -21.17 14.78
CA ASN B 227 -8.40 -19.87 14.40
C ASN B 227 -8.33 -19.64 12.90
N PHE B 228 -8.13 -20.70 12.12
CA PHE B 228 -7.98 -20.60 10.67
C PHE B 228 -9.37 -20.68 10.03
N CYS B 229 -9.80 -19.58 9.40
CA CYS B 229 -11.09 -19.52 8.74
C CYS B 229 -10.92 -18.84 7.38
N LYS B 230 -12.01 -18.84 6.58
CA LYS B 230 -12.08 -18.34 5.16
C LYS B 230 -13.34 -17.51 4.79
N PRO B 231 -13.23 -16.03 4.99
CA PRO B 231 -12.05 -15.21 4.71
C PRO B 231 -11.11 -15.12 5.91
N VAL B 232 -9.81 -15.24 5.61
CA VAL B 232 -8.82 -15.36 6.66
C VAL B 232 -8.68 -14.03 7.41
N ALA B 233 -8.22 -14.13 8.66
CA ALA B 233 -7.96 -12.93 9.45
C ALA B 233 -6.87 -12.10 8.79
N LYS B 234 -7.02 -10.79 8.84
CA LYS B 234 -6.20 -9.86 8.08
C LYS B 234 -5.44 -8.94 9.02
N LEU B 235 -4.78 -7.92 8.44
CA LEU B 235 -3.88 -7.04 9.18
C LEU B 235 -4.65 -6.28 10.27
N PRO B 236 -3.92 -5.79 11.28
CA PRO B 236 -4.60 -5.04 12.36
C PRO B 236 -5.37 -3.82 11.88
N ASN B 237 -4.94 -3.18 10.79
CA ASN B 237 -5.71 -2.08 10.22
C ASN B 237 -7.09 -2.55 9.81
N ASP B 238 -7.18 -3.74 9.21
CA ASP B 238 -8.48 -4.27 8.79
C ASP B 238 -9.35 -4.59 10.00
N LYS B 239 -8.76 -5.06 11.09
CA LYS B 239 -9.54 -5.39 12.28
C LYS B 239 -10.18 -4.14 12.88
N LYS B 240 -9.44 -3.04 12.91
CA LYS B 240 -10.00 -1.80 13.45
C LYS B 240 -11.25 -1.38 12.69
N ALA B 241 -11.23 -1.50 11.36
CA ALA B 241 -12.40 -1.12 10.58
C ALA B 241 -13.61 -1.98 10.91
N LEU B 242 -13.38 -3.28 11.12
CA LEU B 242 -14.50 -4.15 11.50
C LEU B 242 -15.04 -3.77 12.88
N VAL B 243 -14.14 -3.47 13.82
CA VAL B 243 -14.58 -3.10 15.17
C VAL B 243 -15.37 -1.79 15.12
N LYS B 244 -14.83 -0.78 14.44
CA LYS B 244 -15.54 0.48 14.29
C LYS B 244 -16.90 0.28 13.62
N ALA B 245 -16.95 -0.61 12.62
CA ALA B 245 -18.20 -0.83 11.90
C ALA B 245 -19.23 -1.53 12.77
N ALA B 246 -18.78 -2.48 13.59
CA ALA B 246 -19.72 -3.21 14.45
C ALA B 246 -20.35 -2.30 15.49
N VAL B 247 -19.56 -1.43 16.10
CA VAL B 247 -20.08 -0.50 17.11
C VAL B 247 -20.59 0.79 16.51
N SER B 248 -20.53 0.94 15.19
CA SER B 248 -20.96 2.19 14.57
C SER B 248 -22.46 2.42 14.73
N GLY B 249 -23.23 1.35 14.86
CA GLY B 249 -24.67 1.47 14.93
C GLY B 249 -25.36 1.72 13.61
N LYS B 250 -24.66 1.51 12.48
CA LYS B 250 -25.25 1.69 11.17
C LYS B 250 -26.11 0.48 10.80
N PRO B 251 -27.17 0.69 10.02
CA PRO B 251 -28.09 -0.42 9.73
C PRO B 251 -27.49 -1.50 8.85
N TYR B 252 -26.60 -1.16 7.92
CA TYR B 252 -26.04 -2.14 6.98
C TYR B 252 -24.95 -3.02 7.61
N PHE B 253 -24.84 -3.03 8.94
CA PHE B 253 -23.88 -3.87 9.65
C PHE B 253 -24.62 -4.58 10.79
N PHE B 254 -24.71 -5.90 10.71
CA PHE B 254 -25.26 -6.69 11.81
C PHE B 254 -24.45 -7.98 11.93
N PHE B 255 -24.94 -8.90 12.77
CA PHE B 255 -24.14 -10.01 13.28
C PHE B 255 -24.35 -11.27 12.48
N GLY B 256 -23.25 -11.86 12.00
CA GLY B 256 -23.23 -13.19 11.45
C GLY B 256 -22.03 -13.94 11.99
N SER B 257 -22.26 -15.04 12.72
CA SER B 257 -21.24 -15.55 13.63
C SER B 257 -20.08 -16.21 12.90
N ASP B 258 -20.36 -16.93 11.81
CA ASP B 258 -19.43 -17.93 11.27
C ASP B 258 -19.14 -18.98 12.36
N SER B 259 -20.21 -19.66 12.77
CA SER B 259 -20.09 -20.76 13.73
C SER B 259 -19.86 -22.04 12.93
N ALA B 260 -18.62 -22.22 12.49
CA ALA B 260 -18.25 -23.40 11.72
C ALA B 260 -17.67 -24.45 12.64
N PRO B 261 -18.43 -25.47 13.01
CA PRO B 261 -17.94 -26.51 13.94
C PRO B 261 -17.20 -27.61 13.20
N HIS B 262 -16.05 -27.98 13.73
CA HIS B 262 -15.23 -29.06 13.21
C HIS B 262 -14.71 -29.87 14.39
N PRO B 263 -14.69 -31.19 14.28
CA PRO B 263 -14.02 -32.00 15.31
C PRO B 263 -12.55 -31.65 15.40
N VAL B 264 -11.97 -31.89 16.58
CA VAL B 264 -10.59 -31.48 16.83
C VAL B 264 -9.62 -32.20 15.91
N GLN B 265 -9.92 -33.46 15.55
CA GLN B 265 -9.03 -34.19 14.65
C GLN B 265 -8.98 -33.56 13.27
N ASN B 266 -10.07 -32.90 12.84
CA ASN B 266 -10.06 -32.20 11.56
C ASN B 266 -9.18 -30.96 11.59
N LYS B 267 -9.08 -30.32 12.76
CA LYS B 267 -8.30 -29.09 12.86
C LYS B 267 -6.81 -29.38 13.08
N ALA B 268 -6.48 -30.49 13.71
CA ALA B 268 -5.09 -30.83 14.02
C ALA B 268 -4.46 -31.69 12.93
N ASN B 269 -4.51 -31.20 11.69
CA ASN B 269 -3.87 -31.86 10.56
C ASN B 269 -2.53 -31.20 10.25
N TYR B 270 -1.69 -31.93 9.53
CA TYR B 270 -0.47 -31.36 8.99
C TYR B 270 -0.64 -30.88 7.55
N GLU B 271 -1.77 -31.20 6.93
CA GLU B 271 -2.13 -30.67 5.62
C GLU B 271 -3.64 -30.71 5.48
N GLY B 272 -4.20 -29.67 4.86
CA GLY B 272 -5.64 -29.61 4.64
C GLY B 272 -6.45 -29.44 5.90
N VAL B 273 -6.13 -28.42 6.67
CA VAL B 273 -6.87 -28.11 7.89
C VAL B 273 -8.20 -27.47 7.50
N CYS B 274 -9.30 -28.17 7.73
CA CYS B 274 -10.62 -27.62 7.42
C CYS B 274 -10.85 -26.33 8.20
N ALA B 275 -11.09 -25.24 7.49
CA ALA B 275 -11.20 -23.94 8.10
C ALA B 275 -12.50 -23.82 8.90
N GLY B 276 -12.56 -22.78 9.72
CA GLY B 276 -13.75 -22.51 10.50
C GLY B 276 -13.51 -22.41 11.99
N VAL B 277 -14.12 -21.41 12.62
CA VAL B 277 -14.02 -21.20 14.06
C VAL B 277 -15.41 -21.40 14.67
N TYR B 278 -15.45 -22.05 15.83
CA TYR B 278 -16.70 -22.31 16.51
C TYR B 278 -16.92 -21.24 17.58
N SER B 279 -18.05 -20.53 17.48
CA SER B 279 -18.38 -19.47 18.41
C SER B 279 -19.84 -19.53 18.85
N GLN B 280 -20.51 -20.66 18.60
CA GLN B 280 -21.95 -20.74 18.84
C GLN B 280 -22.27 -20.70 20.33
N SER B 281 -21.46 -21.38 21.15
CA SER B 281 -21.80 -21.55 22.55
C SER B 281 -21.77 -20.23 23.32
N PHE B 282 -21.02 -19.25 22.84
CA PHE B 282 -20.90 -17.95 23.51
C PHE B 282 -21.00 -16.82 22.50
N ALA B 283 -21.96 -16.93 21.57
CA ALA B 283 -22.05 -16.00 20.45
C ALA B 283 -22.16 -14.55 20.93
N ILE B 284 -23.19 -14.25 21.71
CA ILE B 284 -23.43 -12.88 22.19
C ILE B 284 -22.40 -12.46 23.23
N PRO B 285 -21.99 -13.33 24.17
CA PRO B 285 -20.90 -12.92 25.08
C PRO B 285 -19.62 -12.54 24.35
N TYR B 286 -19.31 -13.20 23.23
CA TYR B 286 -18.15 -12.79 22.43
C TYR B 286 -18.32 -11.36 21.93
N ILE B 287 -19.54 -11.00 21.53
CA ILE B 287 -19.79 -9.68 20.98
C ILE B 287 -19.91 -8.63 22.08
N ALA B 288 -20.57 -8.97 23.18
CA ALA B 288 -20.72 -8.02 24.28
C ALA B 288 -19.37 -7.61 24.86
N GLN B 289 -18.40 -8.52 24.85
CA GLN B 289 -17.06 -8.18 25.34
C GLN B 289 -16.42 -7.11 24.45
N VAL B 290 -16.64 -7.19 23.13
CA VAL B 290 -16.10 -6.19 22.23
C VAL B 290 -16.80 -4.86 22.44
N PHE B 291 -18.12 -4.89 22.66
CA PHE B 291 -18.88 -3.65 22.81
C PHE B 291 -18.58 -2.96 24.15
N GLU B 292 -18.35 -3.74 25.20
CA GLU B 292 -17.93 -3.14 26.47
C GLU B 292 -16.52 -2.57 26.37
N GLU B 293 -15.62 -3.31 25.73
CA GLU B 293 -14.25 -2.85 25.55
C GLU B 293 -14.16 -1.60 24.68
N GLN B 294 -15.17 -1.35 23.84
CA GLN B 294 -15.23 -0.13 23.06
C GLN B 294 -16.15 0.93 23.66
N ASN B 295 -16.74 0.66 24.83
CA ASN B 295 -17.62 1.55 25.58
C ASN B 295 -18.92 1.83 24.84
N ALA B 296 -19.12 1.27 23.65
CA ALA B 296 -20.34 1.48 22.87
C ALA B 296 -21.33 0.34 23.12
N LEU B 297 -21.84 0.28 24.35
CA LEU B 297 -22.76 -0.76 24.75
C LEU B 297 -24.22 -0.43 24.45
N GLU B 298 -24.54 0.83 24.18
CA GLU B 298 -25.90 1.20 23.83
C GLU B 298 -26.27 0.81 22.40
N ASN B 299 -25.29 0.49 21.56
CA ASN B 299 -25.54 0.02 20.21
C ASN B 299 -25.65 -1.50 20.12
N LEU B 300 -25.25 -2.22 21.17
CA LEU B 300 -25.22 -3.68 21.12
C LEU B 300 -26.58 -4.26 20.80
N LYS B 301 -27.64 -3.63 21.31
CA LYS B 301 -28.99 -4.12 21.02
C LYS B 301 -29.28 -4.10 19.53
N GLY B 302 -28.71 -3.13 18.80
CA GLY B 302 -28.96 -3.01 17.38
C GLY B 302 -28.13 -3.90 16.50
N PHE B 303 -26.86 -4.09 16.87
CA PHE B 303 -25.97 -4.89 16.03
C PHE B 303 -26.41 -6.35 15.97
N VAL B 304 -26.77 -6.91 17.13
CA VAL B 304 -27.10 -8.34 17.17
C VAL B 304 -28.58 -8.61 16.94
N SER B 305 -29.46 -7.66 17.27
CA SER B 305 -30.89 -7.93 17.25
C SER B 305 -31.65 -7.09 16.22
N ASP B 306 -31.52 -5.76 16.26
CA ASP B 306 -32.44 -4.91 15.51
C ASP B 306 -32.15 -4.94 14.02
N PHE B 307 -30.89 -4.76 13.63
CA PHE B 307 -30.56 -4.60 12.22
C PHE B 307 -30.69 -5.90 11.44
N GLY B 308 -30.65 -7.05 12.10
CA GLY B 308 -30.92 -8.31 11.42
C GLY B 308 -32.38 -8.55 11.16
N ILE B 309 -33.25 -8.08 12.06
CA ILE B 309 -34.69 -8.24 11.88
C ILE B 309 -35.19 -7.30 10.79
N SER B 310 -34.75 -6.04 10.83
CA SER B 310 -35.22 -5.06 9.86
C SER B 310 -34.80 -5.41 8.44
N PHE B 311 -33.62 -6.00 8.28
CA PHE B 311 -33.17 -6.39 6.95
C PHE B 311 -33.90 -7.64 6.48
N TYR B 312 -33.84 -8.72 7.28
CA TYR B 312 -34.46 -9.98 6.89
C TYR B 312 -35.98 -9.98 7.04
N GLU B 313 -36.57 -8.89 7.52
CA GLU B 313 -38.02 -8.76 7.64
C GLU B 313 -38.62 -9.92 8.43
N VAL B 314 -38.16 -10.06 9.66
CA VAL B 314 -38.62 -11.12 10.56
C VAL B 314 -39.89 -10.64 11.25
N LYS B 315 -41.01 -11.30 11.00
CA LYS B 315 -42.27 -10.95 11.61
C LYS B 315 -42.47 -11.71 12.91
N ASP B 316 -43.37 -11.20 13.75
CA ASP B 316 -43.64 -11.83 15.04
C ASP B 316 -44.28 -13.21 14.87
N SER B 317 -45.00 -13.42 13.76
CA SER B 317 -45.71 -14.68 13.56
C SER B 317 -44.75 -15.83 13.29
N GLU B 318 -43.61 -15.57 12.65
CA GLU B 318 -42.64 -16.61 12.33
C GLU B 318 -41.69 -16.92 13.47
N VAL B 319 -41.63 -16.06 14.50
CA VAL B 319 -40.68 -16.25 15.58
C VAL B 319 -41.09 -17.47 16.40
N ALA B 320 -40.12 -18.34 16.70
CA ALA B 320 -40.39 -19.59 17.40
C ALA B 320 -40.58 -19.41 18.90
N SER B 321 -40.04 -18.34 19.48
CA SER B 321 -40.18 -18.12 20.92
C SER B 321 -40.00 -16.64 21.22
N SER B 322 -40.92 -16.08 22.00
CA SER B 322 -40.89 -14.67 22.36
C SER B 322 -39.95 -14.38 23.53
N ASP B 323 -39.20 -15.37 24.00
CA ASP B 323 -38.28 -15.15 25.11
C ASP B 323 -37.17 -14.19 24.69
N LYS B 324 -36.96 -13.16 25.50
CA LYS B 324 -35.92 -12.17 25.22
C LYS B 324 -34.58 -12.60 25.82
N ALA B 325 -33.51 -12.36 25.08
CA ALA B 325 -32.17 -12.62 25.58
C ALA B 325 -31.73 -11.51 26.51
N ILE B 326 -31.29 -11.88 27.71
CA ILE B 326 -30.91 -10.92 28.74
C ILE B 326 -29.45 -11.18 29.11
N LEU B 327 -28.62 -10.15 28.94
CA LEU B 327 -27.25 -10.21 29.41
C LEU B 327 -27.19 -9.85 30.90
N PHE B 328 -26.20 -10.39 31.59
CA PHE B 328 -25.95 -10.04 32.98
C PHE B 328 -24.47 -10.20 33.26
N LYS B 329 -23.89 -9.21 33.94
CA LYS B 329 -22.44 -9.13 34.11
C LYS B 329 -21.99 -10.13 35.18
N LYS B 330 -21.89 -11.39 34.76
CA LYS B 330 -21.35 -12.46 35.59
C LYS B 330 -20.16 -13.06 34.84
N GLU B 331 -18.97 -12.89 35.40
CA GLU B 331 -17.77 -13.41 34.76
C GLU B 331 -17.82 -14.93 34.69
N GLN B 332 -17.40 -15.47 33.54
CA GLN B 332 -17.36 -16.91 33.34
C GLN B 332 -16.10 -17.27 32.55
N VAL B 333 -15.87 -18.57 32.40
CA VAL B 333 -14.69 -19.09 31.73
C VAL B 333 -15.12 -19.90 30.52
N ILE B 334 -14.30 -19.87 29.48
CA ILE B 334 -14.54 -20.65 28.27
C ILE B 334 -13.96 -22.05 28.46
N PRO B 335 -14.73 -23.11 28.24
CA PRO B 335 -14.21 -24.47 28.41
C PRO B 335 -13.10 -24.76 27.42
N GLN B 336 -12.37 -25.85 27.68
CA GLN B 336 -11.30 -26.26 26.78
C GLN B 336 -11.85 -26.94 25.54
N VAL B 337 -12.80 -27.86 25.71
CA VAL B 337 -13.41 -28.57 24.60
C VAL B 337 -14.92 -28.59 24.80
N ILE B 338 -15.65 -28.63 23.69
CA ILE B 338 -17.09 -28.84 23.68
C ILE B 338 -17.34 -30.20 23.04
N SER B 339 -17.98 -31.11 23.78
CA SER B 339 -18.13 -32.48 23.34
C SER B 339 -19.57 -32.95 23.54
N ASP B 340 -20.07 -33.73 22.58
CA ASP B 340 -21.35 -34.41 22.73
C ASP B 340 -21.27 -35.59 23.67
N GLY B 341 -20.07 -36.05 24.00
CA GLY B 341 -19.87 -37.12 24.95
C GLY B 341 -19.53 -38.46 24.33
N LYS B 342 -19.64 -38.60 23.00
CA LYS B 342 -19.39 -39.89 22.37
C LYS B 342 -18.17 -39.88 21.47
N ASP B 343 -18.14 -39.05 20.43
CA ASP B 343 -17.08 -39.11 19.43
C ASP B 343 -16.62 -37.75 18.93
N ILE B 344 -17.21 -36.64 19.39
CA ILE B 344 -16.97 -35.33 18.81
C ILE B 344 -16.38 -34.43 19.88
N SER B 345 -15.36 -33.66 19.51
CA SER B 345 -14.69 -32.72 20.42
C SER B 345 -14.38 -31.45 19.65
N ILE B 346 -15.09 -30.37 19.98
CA ILE B 346 -14.92 -29.07 19.34
C ILE B 346 -14.04 -28.20 20.23
N ILE B 347 -13.17 -27.41 19.60
CA ILE B 347 -12.35 -26.44 20.33
C ILE B 347 -12.98 -25.07 20.18
N PRO B 348 -13.67 -24.57 21.21
CA PRO B 348 -14.39 -23.29 21.07
C PRO B 348 -13.42 -22.13 20.87
N PHE B 349 -14.01 -20.98 20.56
CA PHE B 349 -13.23 -19.78 20.29
C PHE B 349 -12.68 -19.18 21.58
N LYS B 350 -11.41 -18.79 21.54
CA LYS B 350 -10.70 -18.28 22.72
C LYS B 350 -10.81 -19.24 23.90
N ALA B 351 -10.55 -20.52 23.63
CA ALA B 351 -10.69 -21.56 24.64
C ALA B 351 -9.76 -21.30 25.80
N GLY B 352 -10.33 -21.06 26.97
CA GLY B 352 -9.57 -20.79 28.17
C GLY B 352 -9.43 -19.32 28.54
N ASP B 353 -10.36 -18.47 28.13
CA ASP B 353 -10.34 -17.05 28.45
C ASP B 353 -11.55 -16.71 29.32
N LYS B 354 -11.53 -15.50 29.87
CA LYS B 354 -12.60 -15.00 30.72
C LYS B 354 -13.41 -13.94 29.99
N LEU B 355 -14.73 -14.03 30.15
CA LEU B 355 -15.65 -13.05 29.58
C LEU B 355 -16.35 -12.29 30.70
N SER B 356 -16.75 -11.07 30.41
CA SER B 356 -17.37 -10.22 31.42
C SER B 356 -18.86 -10.47 31.58
N TRP B 357 -19.50 -11.13 30.61
CA TRP B 357 -20.96 -11.25 30.60
C TRP B 357 -21.38 -12.70 30.41
N SER B 358 -22.67 -12.93 30.62
CA SER B 358 -23.30 -14.22 30.39
C SER B 358 -24.75 -13.98 29.97
N VAL B 359 -25.40 -15.02 29.47
CA VAL B 359 -26.72 -14.90 28.86
C VAL B 359 -27.72 -15.77 29.60
N ARG B 360 -28.85 -15.18 29.98
CA ARG B 360 -30.03 -15.89 30.44
C ARG B 360 -31.19 -15.51 29.52
N TRP B 361 -32.40 -15.95 29.89
CA TRP B 361 -33.57 -15.67 29.06
C TRP B 361 -34.77 -15.38 29.95
N GLU B 362 -35.58 -14.41 29.51
CA GLU B 362 -36.72 -13.91 30.27
C GLU B 362 -37.92 -13.79 29.32
N PRO B 363 -39.08 -14.32 29.70
CA PRO B 363 -40.27 -14.20 28.83
C PRO B 363 -40.70 -12.75 28.66
N ARG B 364 -41.58 -12.53 27.67
CA ARG B 364 -42.02 -11.15 27.28
C ARG B 364 -43.05 -10.51 28.23
N LEU B 365 -43.25 -9.20 28.03
CA LEU B 365 -44.16 -8.31 28.82
C LEU B 365 -43.69 -8.25 30.28
N VAL C 2 -34.42 22.73 4.46
CA VAL C 2 -34.88 23.97 5.06
C VAL C 2 -33.92 25.10 4.69
N GLN C 3 -34.46 26.32 4.60
CA GLN C 3 -33.67 27.52 4.42
C GLN C 3 -33.66 28.32 5.72
N GLU C 4 -32.68 29.23 5.83
CA GLU C 4 -32.51 30.10 6.99
C GLU C 4 -32.29 29.29 8.27
N ILE C 5 -31.15 28.60 8.29
CA ILE C 5 -30.68 27.90 9.48
C ILE C 5 -29.96 28.90 10.39
N ASP C 6 -30.16 28.77 11.69
CA ASP C 6 -29.53 29.63 12.68
C ASP C 6 -28.29 28.91 13.23
N LEU C 7 -27.11 29.42 12.91
CA LEU C 7 -25.86 28.80 13.35
C LEU C 7 -25.31 29.41 14.62
N GLY C 8 -25.58 30.69 14.88
CA GLY C 8 -25.09 31.34 16.08
C GLY C 8 -23.68 31.88 15.96
N LEU C 9 -22.96 31.94 17.08
CA LEU C 9 -21.59 32.45 17.10
C LEU C 9 -20.67 31.43 16.42
N THR C 10 -20.39 31.66 15.14
CA THR C 10 -19.57 30.75 14.36
C THR C 10 -18.11 30.85 14.77
N CYS C 11 -17.34 29.81 14.42
CA CYS C 11 -15.94 29.74 14.79
C CYS C 11 -15.11 29.25 13.60
N ASP C 12 -14.04 29.98 13.29
CA ASP C 12 -13.03 29.57 12.33
C ASP C 12 -11.70 29.68 13.05
N MET C 13 -11.17 28.54 13.51
CA MET C 13 -10.01 28.52 14.39
C MET C 13 -8.70 28.40 13.63
N HIS C 14 -8.65 28.84 12.36
CA HIS C 14 -7.42 28.84 11.60
C HIS C 14 -7.57 29.91 10.52
N VAL C 15 -6.97 31.08 10.74
CA VAL C 15 -7.16 32.25 9.89
C VAL C 15 -5.83 32.97 9.71
N HIS C 16 -5.51 33.34 8.48
CA HIS C 16 -4.34 34.16 8.17
C HIS C 16 -4.80 35.51 7.62
N VAL C 17 -4.31 36.59 8.24
CA VAL C 17 -4.79 37.94 7.98
C VAL C 17 -3.64 38.89 7.68
N ARG C 18 -2.63 38.40 6.94
CA ARG C 18 -1.31 39.03 6.81
C ARG C 18 -1.32 40.55 6.73
N GLU C 19 -0.29 41.17 7.29
CA GLU C 19 -0.20 42.61 7.47
C GLU C 19 -0.24 43.35 6.12
N GLY C 20 -0.37 44.67 6.21
CA GLY C 20 -0.35 45.52 5.04
C GLY C 20 -1.72 45.72 4.45
N ALA C 21 -1.73 46.17 3.19
CA ALA C 21 -2.98 46.26 2.45
C ALA C 21 -3.67 44.91 2.32
N MET C 22 -2.91 43.82 2.47
CA MET C 22 -3.50 42.48 2.51
C MET C 22 -4.38 42.30 3.74
N CYS C 23 -4.03 42.97 4.84
CA CYS C 23 -4.86 42.90 6.04
C CYS C 23 -6.11 43.74 5.91
N GLU C 24 -5.97 44.97 5.39
CA GLU C 24 -7.11 45.86 5.23
C GLU C 24 -8.18 45.28 4.31
N LEU C 25 -7.83 44.29 3.51
CA LEU C 25 -8.75 43.65 2.56
C LEU C 25 -9.36 42.36 3.10
N VAL C 26 -8.57 41.54 3.79
CA VAL C 26 -9.02 40.21 4.20
C VAL C 26 -9.74 40.26 5.55
N THR C 27 -9.24 41.04 6.50
CA THR C 27 -9.85 41.09 7.82
C THR C 27 -11.33 41.44 7.81
N PRO C 28 -11.84 42.33 6.95
CA PRO C 28 -13.29 42.50 6.89
C PRO C 28 -14.00 41.28 6.34
N LYS C 29 -13.35 40.51 5.46
CA LYS C 29 -13.98 39.37 4.83
C LYS C 29 -14.28 38.24 5.82
N ILE C 30 -13.61 38.23 6.98
CA ILE C 30 -13.92 37.23 8.00
C ILE C 30 -15.37 37.38 8.44
N ARG C 31 -15.76 38.60 8.83
CA ARG C 31 -17.15 38.88 9.15
C ARG C 31 -18.06 38.60 7.97
N ASP C 32 -17.59 38.90 6.75
CA ASP C 32 -18.41 38.69 5.56
C ASP C 32 -18.64 37.21 5.31
N GLY C 33 -17.62 36.38 5.53
CA GLY C 33 -17.74 34.95 5.30
C GLY C 33 -18.66 34.21 6.24
N GLY C 34 -19.29 34.91 7.18
CA GLY C 34 -20.14 34.27 8.17
C GLY C 34 -19.43 33.87 9.44
N VAL C 35 -18.29 34.47 9.74
CA VAL C 35 -17.46 34.08 10.88
C VAL C 35 -17.50 35.19 11.91
N SER C 36 -17.68 34.83 13.17
CA SER C 36 -17.66 35.78 14.28
C SER C 36 -16.43 35.67 15.16
N ILE C 37 -15.82 34.49 15.26
CA ILE C 37 -14.63 34.27 16.08
C ILE C 37 -13.56 33.63 15.21
N ALA C 38 -12.37 34.23 15.21
CA ALA C 38 -11.29 33.78 14.32
C ALA C 38 -9.99 33.70 15.09
N TYR C 39 -9.35 32.53 15.03
CA TYR C 39 -8.05 32.30 15.65
C TYR C 39 -6.96 32.75 14.68
N ILE C 40 -6.17 33.73 15.08
CA ILE C 40 -5.20 34.37 14.19
C ILE C 40 -3.86 33.65 14.30
N MET C 41 -3.33 33.22 13.15
CA MET C 41 -2.04 32.55 13.11
C MET C 41 -0.90 33.58 13.05
N PRO C 42 0.25 33.25 13.63
CA PRO C 42 1.33 34.24 13.82
C PRO C 42 2.43 34.25 12.78
N ASN C 43 2.39 33.42 11.74
CA ASN C 43 3.51 33.30 10.81
C ASN C 43 3.56 34.51 9.89
N LEU C 44 4.20 35.56 10.38
CA LEU C 44 4.40 36.80 9.65
C LEU C 44 5.89 37.00 9.36
N GLN C 45 6.23 38.15 8.81
CA GLN C 45 7.62 38.51 8.52
C GLN C 45 7.96 39.80 9.26
N PRO C 46 8.61 39.71 10.43
CA PRO C 46 9.03 38.48 11.12
C PRO C 46 7.87 37.83 11.87
N PRO C 47 8.04 36.58 12.30
CA PRO C 47 6.98 35.93 13.08
C PRO C 47 6.74 36.64 14.41
N ILE C 48 5.54 36.44 14.94
CA ILE C 48 5.10 37.09 16.18
C ILE C 48 5.65 36.26 17.35
N THR C 49 6.78 36.71 17.91
CA THR C 49 7.36 36.05 19.08
C THR C 49 7.57 37.04 20.24
N THR C 50 6.86 38.16 20.24
CA THR C 50 7.01 39.18 21.27
C THR C 50 5.65 39.65 21.75
N LEU C 51 5.61 40.13 23.00
CA LEU C 51 4.34 40.55 23.59
C LEU C 51 3.82 41.83 22.95
N ASP C 52 4.70 42.81 22.73
CA ASP C 52 4.27 44.06 22.11
C ASP C 52 3.73 43.83 20.70
N ARG C 53 4.23 42.80 20.01
CA ARG C 53 3.77 42.52 18.66
C ARG C 53 2.35 41.97 18.67
N VAL C 54 2.07 41.00 19.55
CA VAL C 54 0.78 40.33 19.55
C VAL C 54 -0.32 41.25 20.06
N ILE C 55 0.01 42.27 20.85
CA ILE C 55 -1.00 43.23 21.29
C ILE C 55 -1.26 44.26 20.21
N GLU C 56 -0.21 44.75 19.55
CA GLU C 56 -0.38 45.73 18.49
C GLU C 56 -1.09 45.12 17.28
N TYR C 57 -0.98 43.81 17.08
CA TYR C 57 -1.59 43.16 15.93
C TYR C 57 -3.10 43.01 16.12
N LYS C 58 -3.54 42.63 17.31
CA LYS C 58 -4.98 42.59 17.59
C LYS C 58 -5.57 43.99 17.61
N LYS C 59 -4.79 44.99 18.04
CA LYS C 59 -5.26 46.37 18.01
C LYS C 59 -5.66 46.77 16.60
N THR C 60 -4.80 46.50 15.62
CA THR C 60 -5.11 46.82 14.23
C THR C 60 -6.24 45.93 13.72
N LEU C 61 -6.20 44.64 14.05
CA LEU C 61 -7.24 43.73 13.57
C LEU C 61 -8.61 44.11 14.10
N GLN C 62 -8.69 44.53 15.37
CA GLN C 62 -9.96 44.98 15.91
C GLN C 62 -10.41 46.30 15.28
N LYS C 63 -9.45 47.16 14.90
CA LYS C 63 -9.80 48.39 14.22
C LYS C 63 -10.37 48.12 12.83
N LEU C 64 -9.80 47.14 12.12
CA LEU C 64 -10.27 46.78 10.79
C LEU C 64 -11.55 45.94 10.82
N ALA C 65 -11.92 45.39 11.97
CA ALA C 65 -13.13 44.60 12.10
C ALA C 65 -13.60 44.60 13.55
N PRO C 66 -14.37 45.61 13.96
CA PRO C 66 -14.81 45.67 15.37
C PRO C 66 -15.76 44.55 15.75
N LYS C 67 -16.62 44.10 14.84
CA LYS C 67 -17.60 43.08 15.14
C LYS C 67 -17.02 41.66 15.13
N THR C 68 -15.71 41.53 15.11
CA THR C 68 -15.06 40.23 15.02
C THR C 68 -14.31 39.94 16.33
N THR C 69 -14.49 38.73 16.84
CA THR C 69 -13.77 38.28 18.04
C THR C 69 -12.42 37.71 17.62
N PHE C 70 -11.34 38.35 18.05
CA PHE C 70 -9.99 37.98 17.64
C PHE C 70 -9.29 37.24 18.77
N LEU C 71 -8.88 36.00 18.50
CA LEU C 71 -8.06 35.21 19.39
C LEU C 71 -6.66 35.15 18.80
N MET C 72 -5.66 35.56 19.56
CA MET C 72 -4.30 35.68 19.06
C MET C 72 -3.46 34.49 19.51
N SER C 73 -2.23 34.43 18.97
CA SER C 73 -1.35 33.32 19.27
C SER C 73 0.09 33.72 19.01
N PHE C 74 1.00 32.93 19.56
CA PHE C 74 2.43 33.13 19.39
C PHE C 74 3.01 32.15 18.37
N TYR C 75 4.16 32.51 17.83
CA TYR C 75 4.91 31.67 16.90
C TYR C 75 5.97 30.91 17.70
N LEU C 76 5.86 29.59 17.73
CA LEU C 76 6.83 28.77 18.46
C LEU C 76 8.21 28.95 17.85
N SER C 77 9.10 29.61 18.59
CA SER C 77 10.43 29.93 18.09
C SER C 77 11.46 29.71 19.18
N LYS C 78 12.73 29.69 18.78
CA LYS C 78 13.82 29.60 19.74
C LYS C 78 13.89 30.82 20.64
N ASP C 79 13.25 31.93 20.26
CA ASP C 79 13.24 33.15 21.05
C ASP C 79 12.16 33.14 22.13
N LEU C 80 11.32 32.10 22.18
CA LEU C 80 10.29 32.01 23.21
C LEU C 80 10.89 31.46 24.50
N THR C 81 10.50 32.06 25.62
CA THR C 81 10.92 31.64 26.95
C THR C 81 9.71 31.34 27.81
N PRO C 82 9.83 30.46 28.81
CA PRO C 82 8.69 30.20 29.69
C PRO C 82 8.23 31.42 30.45
N ASP C 83 9.11 32.40 30.68
CA ASP C 83 8.71 33.63 31.34
C ASP C 83 7.76 34.44 30.46
N LEU C 84 8.03 34.48 29.16
CA LEU C 84 7.17 35.22 28.25
C LEU C 84 5.78 34.58 28.15
N ILE C 85 5.73 33.24 28.18
CA ILE C 85 4.45 32.56 28.07
C ILE C 85 3.57 32.87 29.27
N HIS C 86 4.15 32.85 30.48
CA HIS C 86 3.40 33.28 31.66
C HIS C 86 3.01 34.75 31.54
N GLU C 87 3.96 35.60 31.16
CA GLU C 87 3.70 37.03 31.06
C GLU C 87 2.61 37.34 30.04
N ALA C 88 2.55 36.58 28.95
CA ALA C 88 1.52 36.82 27.94
C ALA C 88 0.17 36.27 28.38
N ALA C 89 0.15 35.05 28.93
CA ALA C 89 -1.11 34.45 29.35
C ALA C 89 -1.74 35.20 30.52
N GLN C 90 -0.92 35.82 31.37
CA GLN C 90 -1.41 36.60 32.50
C GLN C 90 -1.93 37.97 32.09
N GLN C 91 -2.01 38.25 30.78
CA GLN C 91 -2.63 39.47 30.29
C GLN C 91 -3.67 39.20 29.20
N HIS C 92 -3.96 37.93 28.90
CA HIS C 92 -4.96 37.55 27.91
C HIS C 92 -4.65 38.11 26.52
N ALA C 93 -3.36 38.25 26.20
CA ALA C 93 -2.97 38.73 24.89
C ALA C 93 -2.99 37.61 23.84
N ILE C 94 -2.73 36.38 24.26
CA ILE C 94 -2.70 35.24 23.34
C ILE C 94 -3.73 34.21 23.79
N ARG C 95 -3.86 33.13 23.02
CA ARG C 95 -4.70 32.01 23.38
C ARG C 95 -3.98 30.67 23.21
N GLY C 96 -2.75 30.69 22.73
CA GLY C 96 -1.99 29.48 22.49
C GLY C 96 -0.77 29.78 21.63
N VAL C 97 -0.03 28.72 21.34
CA VAL C 97 1.15 28.84 20.50
C VAL C 97 1.10 27.85 19.35
N CYS C 99 2.93 25.90 16.14
CA CYS C 99 4.23 25.33 15.82
C CYS C 99 4.37 25.05 14.32
N TYR C 100 5.40 25.63 13.71
CA TYR C 100 5.71 25.38 12.31
C TYR C 100 7.00 24.60 12.21
N PRO C 101 6.99 23.39 11.63
CA PRO C 101 8.26 22.71 11.33
C PRO C 101 9.08 23.52 10.33
N ALA C 102 10.33 23.10 10.18
CA ALA C 102 11.29 23.87 9.41
C ALA C 102 10.99 23.82 7.92
N GLY C 103 10.67 24.98 7.33
CA GLY C 103 10.57 25.13 5.89
C GLY C 103 9.48 24.34 5.22
N VAL C 104 8.40 24.02 5.93
CA VAL C 104 7.34 23.21 5.34
C VAL C 104 6.25 24.04 4.67
N THR C 105 6.13 25.33 4.99
CA THR C 105 5.09 26.16 4.40
C THR C 105 5.55 27.61 4.40
N THR C 106 4.62 28.52 4.11
CA THR C 106 4.95 29.94 3.97
C THR C 106 5.39 30.54 5.30
N ASN C 107 6.49 31.30 5.27
CA ASN C 107 7.02 31.99 6.44
C ASN C 107 7.40 31.02 7.55
N SER C 108 7.84 29.83 7.19
CA SER C 108 8.27 28.81 8.15
C SER C 108 9.78 28.69 8.22
N ALA C 109 10.51 29.70 7.73
CA ALA C 109 11.97 29.66 7.75
C ALA C 109 12.54 29.86 9.14
N ALA C 110 11.74 30.30 10.11
CA ALA C 110 12.15 30.46 11.49
C ALA C 110 11.41 29.50 12.42
N GLY C 111 11.05 28.33 11.90
CA GLY C 111 10.27 27.36 12.65
C GLY C 111 11.10 26.56 13.65
N VAL C 112 10.70 25.30 13.83
CA VAL C 112 11.31 24.42 14.83
C VAL C 112 11.73 23.13 14.15
N ASP C 113 12.47 22.32 14.91
CA ASP C 113 12.88 21.00 14.47
C ASP C 113 11.99 19.96 15.15
N PRO C 114 11.11 19.28 14.42
CA PRO C 114 10.19 18.33 15.07
C PRO C 114 10.81 17.03 15.52
N ASN C 115 12.10 16.80 15.25
CA ASN C 115 12.77 15.58 15.67
C ASN C 115 13.49 15.73 17.01
N ASP C 116 13.61 16.94 17.52
CA ASP C 116 14.26 17.22 18.81
C ASP C 116 13.40 18.19 19.62
N PHE C 117 12.11 17.89 19.74
CA PHE C 117 11.16 18.74 20.44
C PHE C 117 11.53 18.97 21.90
N SER C 118 12.53 18.24 22.43
CA SER C 118 12.82 18.30 23.86
C SER C 118 13.17 19.71 24.33
N ALA C 119 13.84 20.51 23.49
CA ALA C 119 14.25 21.84 23.90
C ALA C 119 13.08 22.76 24.17
N PHE C 120 11.92 22.49 23.58
CA PHE C 120 10.73 23.33 23.74
C PHE C 120 9.78 22.82 24.81
N TYR C 121 10.20 21.84 25.61
CA TYR C 121 9.36 21.30 26.66
C TYR C 121 9.14 22.31 27.79
N PRO C 122 10.15 23.11 28.19
CA PRO C 122 9.86 24.20 29.12
C PRO C 122 8.80 25.16 28.60
N ILE C 123 8.76 25.39 27.29
CA ILE C 123 7.68 26.19 26.71
C ILE C 123 6.36 25.43 26.82
N PHE C 124 6.37 24.13 26.54
CA PHE C 124 5.14 23.34 26.59
C PHE C 124 4.63 23.22 28.03
N LYS C 125 5.54 23.09 28.99
CA LYS C 125 5.13 23.01 30.39
C LYS C 125 4.46 24.30 30.85
N ALA C 126 4.98 25.44 30.41
CA ALA C 126 4.39 26.72 30.79
C ALA C 126 2.98 26.87 30.24
N MET C 127 2.77 26.42 29.00
CA MET C 127 1.44 26.50 28.40
C MET C 127 0.45 25.58 29.12
N GLN C 128 0.91 24.42 29.58
CA GLN C 128 0.01 23.48 30.25
C GLN C 128 -0.51 24.05 31.56
N GLU C 129 0.30 24.86 32.25
CA GLU C 129 -0.15 25.50 33.48
C GLU C 129 -1.07 26.68 33.19
N GLU C 130 -0.90 27.34 32.04
CA GLU C 130 -1.71 28.49 31.67
C GLU C 130 -2.95 28.13 30.87
N ASN C 131 -3.19 26.84 30.64
CA ASN C 131 -4.33 26.37 29.83
C ASN C 131 -4.31 26.99 28.44
N LEU C 132 -3.18 26.85 27.76
CA LEU C 132 -3.02 27.35 26.40
C LEU C 132 -3.17 26.21 25.41
N VAL C 133 -3.48 26.57 24.17
CA VAL C 133 -3.75 25.61 23.10
C VAL C 133 -2.54 25.56 22.19
N LEU C 134 -1.83 24.43 22.21
CA LEU C 134 -0.68 24.23 21.34
C LEU C 134 -1.17 23.77 19.97
N ASN C 135 -0.98 24.61 18.96
CA ASN C 135 -1.37 24.29 17.60
C ASN C 135 -0.17 23.76 16.82
N LEU C 136 -0.38 22.68 16.08
CA LEU C 136 0.68 21.99 15.38
C LEU C 136 0.41 21.96 13.89
N HIS C 137 1.45 22.26 13.11
CA HIS C 137 1.45 22.03 11.66
C HIS C 137 1.98 20.61 11.45
N GLY C 138 1.08 19.67 11.18
CA GLY C 138 1.44 18.27 11.17
C GLY C 138 2.09 17.78 9.90
N GLU C 139 3.37 18.13 9.71
CA GLU C 139 4.13 17.66 8.55
C GLU C 139 5.61 17.66 8.89
N LYS C 140 6.26 16.51 8.77
CA LYS C 140 7.70 16.42 8.96
C LYS C 140 8.41 16.96 7.72
N PRO C 141 9.59 17.56 7.90
CA PRO C 141 10.36 18.04 6.75
C PRO C 141 10.77 16.88 5.84
N SER C 142 10.78 17.14 4.55
CA SER C 142 11.08 16.11 3.56
C SER C 142 12.54 15.68 3.64
N VAL C 143 12.78 14.39 3.40
CA VAL C 143 14.10 13.80 3.40
C VAL C 143 14.25 12.94 2.16
N HIS C 144 15.35 13.13 1.43
CA HIS C 144 15.69 12.33 0.27
C HIS C 144 17.09 11.76 0.40
N ASP C 145 17.54 11.53 1.64
CA ASP C 145 18.92 11.15 1.90
C ASP C 145 19.29 9.86 1.17
N GLY C 146 18.59 8.76 1.47
CA GLY C 146 18.88 7.47 0.87
C GLY C 146 19.24 6.39 1.88
N ASP C 147 19.23 6.68 3.17
CA ASP C 147 19.45 5.69 4.21
C ASP C 147 18.25 5.50 5.13
N LYS C 148 17.51 6.57 5.41
CA LYS C 148 16.26 6.50 6.16
C LYS C 148 15.08 6.61 5.20
N GLU C 149 13.91 6.21 5.70
CA GLU C 149 12.69 6.24 4.90
C GLU C 149 12.47 7.65 4.32
N PRO C 150 12.29 7.78 3.01
CA PRO C 150 12.10 9.11 2.42
C PRO C 150 10.78 9.72 2.85
N ILE C 151 10.81 11.03 3.09
CA ILE C 151 9.63 11.81 3.46
C ILE C 151 9.34 12.77 2.32
N HIS C 152 8.08 12.81 1.88
CA HIS C 152 7.65 13.67 0.79
C HIS C 152 6.30 14.28 1.17
N VAL C 153 5.77 15.11 0.27
CA VAL C 153 4.55 15.87 0.54
C VAL C 153 3.34 14.98 0.81
N LEU C 154 3.42 13.68 0.54
CA LEU C 154 2.30 12.78 0.75
C LEU C 154 2.30 12.20 2.17
N ASN C 155 3.39 11.54 2.56
CA ASN C 155 3.50 10.92 3.86
C ASN C 155 4.13 11.83 4.91
N ALA C 156 4.21 13.14 4.64
CA ALA C 156 4.74 14.07 5.62
C ALA C 156 3.82 14.18 6.83
N GLU C 157 2.50 14.25 6.60
CA GLU C 157 1.55 14.28 7.70
C GLU C 157 1.49 12.94 8.42
N GLU C 158 1.75 11.85 7.70
CA GLU C 158 1.74 10.53 8.32
C GLU C 158 2.96 10.33 9.23
N ALA C 159 4.13 10.74 8.76
CA ALA C 159 5.35 10.61 9.56
C ALA C 159 5.36 11.52 10.77
N PHE C 160 4.49 12.53 10.81
CA PHE C 160 4.41 13.42 11.96
C PHE C 160 3.61 12.82 13.11
N LEU C 161 2.74 11.86 12.82
CA LEU C 161 1.91 11.28 13.87
C LEU C 161 2.69 10.65 15.01
N PRO C 162 3.84 9.99 14.79
CA PRO C 162 4.61 9.51 15.96
C PRO C 162 4.98 10.62 16.93
N ALA C 163 5.47 11.76 16.42
CA ALA C 163 5.80 12.88 17.30
C ALA C 163 4.58 13.50 17.95
N LEU C 164 3.39 13.30 17.36
CA LEU C 164 2.17 13.80 17.98
C LEU C 164 1.78 12.98 19.19
N LYS C 165 1.86 11.66 19.09
CA LYS C 165 1.55 10.80 20.23
C LYS C 165 2.55 10.96 21.37
N LYS C 166 3.77 11.40 21.06
CA LYS C 166 4.74 11.67 22.12
C LYS C 166 4.43 12.98 22.84
N LEU C 167 4.13 14.04 22.10
CA LEU C 167 3.82 15.31 22.71
C LEU C 167 2.46 15.31 23.41
N HIS C 168 1.59 14.35 23.09
CA HIS C 168 0.37 14.20 23.87
C HIS C 168 0.62 13.39 25.13
N ASN C 169 1.48 12.38 25.05
CA ASN C 169 1.77 11.56 26.22
C ASN C 169 2.57 12.32 27.25
N ASP C 170 3.59 13.07 26.81
CA ASP C 170 4.42 13.85 27.73
C ASP C 170 3.63 14.97 28.41
N PHE C 171 2.56 15.45 27.80
CA PHE C 171 1.73 16.51 28.37
C PHE C 171 0.27 16.16 28.17
N PRO C 172 -0.26 15.23 28.97
CA PRO C 172 -1.65 14.77 28.77
C PRO C 172 -2.71 15.79 29.17
N ASN C 173 -2.33 16.86 29.88
CA ASN C 173 -3.27 17.92 30.24
C ASN C 173 -3.21 19.11 29.29
N LEU C 174 -2.32 19.08 28.31
CA LEU C 174 -2.16 20.19 27.37
C LEU C 174 -3.13 20.01 26.20
N LYS C 175 -3.85 21.08 25.86
CA LYS C 175 -4.79 21.05 24.75
C LYS C 175 -4.02 21.19 23.44
N ILE C 176 -3.89 20.10 22.71
CA ILE C 176 -3.16 20.07 21.45
C ILE C 176 -4.14 20.04 20.30
N ILE C 177 -3.75 20.62 19.17
CA ILE C 177 -4.56 20.63 17.96
C ILE C 177 -3.69 20.22 16.79
N LEU C 178 -4.13 19.20 16.05
CA LEU C 178 -3.49 18.83 14.79
C LEU C 178 -4.23 19.58 13.68
N GLU C 179 -3.66 20.71 13.27
CA GLU C 179 -4.34 21.60 12.33
C GLU C 179 -4.48 20.95 10.95
N HIS C 180 -5.54 21.34 10.25
CA HIS C 180 -5.76 21.04 8.82
C HIS C 180 -5.41 19.60 8.48
N CYS C 181 -6.14 18.67 9.08
CA CYS C 181 -5.98 17.26 8.75
C CYS C 181 -6.28 17.03 7.27
N THR C 182 -5.44 16.21 6.62
CA THR C 182 -5.56 15.98 5.19
C THR C 182 -5.55 14.52 4.78
N SER C 183 -5.06 13.60 5.63
CA SER C 183 -4.96 12.20 5.28
C SER C 183 -5.86 11.36 6.18
N GLU C 184 -6.23 10.18 5.66
CA GLU C 184 -6.91 9.20 6.49
C GLU C 184 -6.04 8.76 7.65
N SER C 185 -4.73 8.66 7.41
CA SER C 185 -3.81 8.23 8.46
C SER C 185 -3.87 9.14 9.68
N ALA C 186 -4.08 10.44 9.45
CA ALA C 186 -4.18 11.38 10.56
C ALA C 186 -5.52 11.25 11.27
N ILE C 187 -6.60 11.00 10.53
CA ILE C 187 -7.90 10.84 11.14
C ILE C 187 -7.93 9.64 12.07
N LYS C 188 -7.31 8.54 11.65
CA LYS C 188 -7.30 7.34 12.49
C LYS C 188 -6.54 7.55 13.79
N THR C 189 -5.57 8.48 13.80
CA THR C 189 -4.86 8.77 15.04
C THR C 189 -5.73 9.58 15.99
N ILE C 190 -6.46 10.56 15.47
CA ILE C 190 -7.37 11.33 16.32
C ILE C 190 -8.49 10.44 16.86
N GLU C 191 -8.96 9.51 16.04
CA GLU C 191 -9.96 8.55 16.52
C GLU C 191 -9.36 7.59 17.54
N ASP C 192 -8.05 7.35 17.47
CA ASP C 192 -7.39 6.50 18.46
C ASP C 192 -7.10 7.27 19.74
N ILE C 193 -6.66 8.53 19.62
CA ILE C 193 -6.42 9.35 20.80
C ILE C 193 -7.71 9.59 21.57
N ASN C 194 -8.85 9.53 20.89
CA ASN C 194 -10.15 9.85 21.45
C ASN C 194 -11.03 8.61 21.58
N LYS C 195 -10.45 7.51 22.06
CA LYS C 195 -11.15 6.24 22.17
C LYS C 195 -12.47 6.39 22.95
N ASN C 196 -12.38 6.82 24.21
CA ASN C 196 -13.50 6.77 25.13
C ASN C 196 -13.86 8.14 25.71
N VAL C 197 -13.63 9.21 24.95
CA VAL C 197 -14.00 10.56 25.38
C VAL C 197 -15.26 10.97 24.63
N LYS C 198 -16.25 11.27 25.47
CA LYS C 198 -17.62 11.78 25.18
C LYS C 198 -17.91 12.90 26.20
N LYS C 199 -18.96 13.70 25.94
CA LYS C 199 -19.42 14.90 26.72
C LYS C 199 -18.54 16.11 26.35
N ALA C 200 -17.82 15.97 25.25
CA ALA C 200 -16.98 16.98 24.58
C ALA C 200 -15.71 17.42 25.33
N THR C 201 -15.76 17.83 26.59
CA THR C 201 -14.57 18.54 27.05
C THR C 201 -13.44 17.62 27.45
N ASP C 202 -13.69 16.31 27.57
CA ASP C 202 -12.61 15.38 27.87
C ASP C 202 -11.59 15.31 26.74
N VAL C 203 -11.94 15.82 25.56
CA VAL C 203 -11.02 15.82 24.42
C VAL C 203 -9.90 16.81 24.69
N LYS C 204 -8.67 16.30 24.77
CA LYS C 204 -7.48 17.14 24.92
C LYS C 204 -6.79 17.39 23.58
N VAL C 205 -6.79 16.43 22.68
CA VAL C 205 -6.18 16.56 21.36
C VAL C 205 -7.29 16.54 20.33
N ALA C 206 -7.46 17.65 19.62
CA ALA C 206 -8.45 17.80 18.56
C ALA C 206 -7.75 18.05 17.23
N ALA C 207 -8.56 18.30 16.20
CA ALA C 207 -8.02 18.50 14.85
C ALA C 207 -8.99 19.36 14.06
N THR C 208 -8.50 20.48 13.53
CA THR C 208 -9.31 21.34 12.69
C THR C 208 -9.30 20.83 11.25
N LEU C 209 -10.42 21.03 10.57
CA LEU C 209 -10.56 20.64 9.16
C LEU C 209 -10.87 21.87 8.32
N THR C 210 -10.24 21.94 7.16
CA THR C 210 -10.36 23.09 6.28
C THR C 210 -11.55 22.95 5.34
N ALA C 211 -11.90 24.05 4.68
CA ALA C 211 -13.01 24.04 3.74
C ALA C 211 -12.57 23.54 2.37
N HIS C 212 -11.30 23.68 2.02
CA HIS C 212 -10.83 23.32 0.69
C HIS C 212 -10.44 21.85 0.59
N HIS C 213 -9.97 21.23 1.68
CA HIS C 213 -9.63 19.81 1.64
C HIS C 213 -10.86 18.92 1.57
N LEU C 214 -12.06 19.46 1.81
CA LEU C 214 -13.29 18.69 1.60
C LEU C 214 -13.67 18.59 0.13
N PHE C 215 -12.99 19.33 -0.75
CA PHE C 215 -13.24 19.29 -2.18
C PHE C 215 -12.04 18.81 -2.99
N LEU C 216 -10.86 19.32 -2.66
CA LEU C 216 -9.69 19.15 -3.52
C LEU C 216 -9.07 17.77 -3.34
N THR C 217 -8.48 17.28 -4.42
CA THR C 217 -7.59 16.12 -4.42
C THR C 217 -6.32 16.51 -5.16
N ILE C 218 -5.40 15.54 -5.29
CA ILE C 218 -4.17 15.81 -6.01
C ILE C 218 -4.45 16.11 -7.48
N ASP C 219 -5.58 15.64 -8.01
CA ASP C 219 -5.98 15.96 -9.37
C ASP C 219 -6.33 17.43 -9.54
N ASP C 220 -6.61 18.14 -8.45
CA ASP C 220 -7.13 19.50 -8.55
C ASP C 220 -6.05 20.56 -8.44
N TRP C 221 -4.90 20.25 -7.82
CA TRP C 221 -3.82 21.23 -7.70
C TRP C 221 -2.58 20.84 -8.50
N ALA C 222 -2.63 19.74 -9.25
CA ALA C 222 -1.45 19.31 -10.01
C ALA C 222 -1.03 20.36 -11.03
N GLY C 223 -2.00 21.02 -11.66
CA GLY C 223 -1.69 22.05 -12.62
C GLY C 223 -2.36 23.37 -12.30
N ASN C 224 -3.04 23.43 -11.16
CA ASN C 224 -3.75 24.63 -10.71
C ASN C 224 -3.11 25.10 -9.41
N PRO C 225 -2.14 26.02 -9.48
CA PRO C 225 -1.48 26.48 -8.26
C PRO C 225 -2.39 27.23 -7.31
N VAL C 226 -3.56 27.69 -7.77
CA VAL C 226 -4.51 28.33 -6.86
C VAL C 226 -5.04 27.35 -5.82
N ASN C 227 -4.96 26.05 -6.10
CA ASN C 227 -5.37 25.02 -5.17
C ASN C 227 -4.19 24.40 -4.42
N PHE C 228 -2.97 24.84 -4.70
CA PHE C 228 -1.79 24.28 -4.05
C PHE C 228 -1.62 24.94 -2.69
N CYS C 229 -1.81 24.14 -1.63
CA CYS C 229 -1.58 24.60 -0.27
C CYS C 229 -0.88 23.50 0.50
N LYS C 230 -0.56 23.77 1.77
CA LYS C 230 0.07 22.79 2.63
C LYS C 230 -0.83 22.55 3.84
N PRO C 231 -1.11 21.28 4.19
CA PRO C 231 -0.66 20.08 3.49
C PRO C 231 -1.41 19.89 2.17
N VAL C 232 -0.81 19.15 1.25
CA VAL C 232 -1.40 18.99 -0.08
C VAL C 232 -2.66 18.14 0.01
N ALA C 233 -3.63 18.44 -0.85
CA ALA C 233 -4.82 17.62 -0.96
C ALA C 233 -4.44 16.25 -1.51
N LYS C 234 -4.63 15.22 -0.68
CA LYS C 234 -4.12 13.90 -0.98
C LYS C 234 -5.16 13.07 -1.73
N LEU C 235 -4.94 11.75 -1.80
CA LEU C 235 -5.74 10.84 -2.62
C LEU C 235 -7.23 10.94 -2.26
N PRO C 236 -8.10 10.56 -3.20
CA PRO C 236 -9.55 10.65 -2.91
C PRO C 236 -9.97 9.87 -1.68
N ASN C 237 -9.35 8.73 -1.42
CA ASN C 237 -9.64 7.99 -0.20
C ASN C 237 -9.32 8.79 1.04
N ASP C 238 -8.28 9.63 0.98
CA ASP C 238 -7.98 10.52 2.09
C ASP C 238 -8.99 11.64 2.20
N LYS C 239 -9.54 12.10 1.07
CA LYS C 239 -10.63 13.07 1.13
C LYS C 239 -11.92 12.42 1.62
N LYS C 240 -12.10 11.13 1.33
CA LYS C 240 -13.26 10.41 1.84
C LYS C 240 -13.31 10.44 3.37
N ALA C 241 -12.15 10.22 4.01
CA ALA C 241 -12.12 10.24 5.47
C ALA C 241 -12.34 11.64 6.02
N LEU C 242 -11.89 12.68 5.30
CA LEU C 242 -12.06 14.04 5.78
C LEU C 242 -13.54 14.43 5.81
N VAL C 243 -14.25 14.21 4.71
CA VAL C 243 -15.66 14.56 4.66
C VAL C 243 -16.47 13.72 5.63
N LYS C 244 -16.09 12.45 5.78
CA LYS C 244 -16.79 11.57 6.72
C LYS C 244 -16.63 12.07 8.16
N ALA C 245 -15.43 12.54 8.50
CA ALA C 245 -15.20 13.04 9.85
C ALA C 245 -15.75 14.45 10.04
N ALA C 246 -15.76 15.26 8.98
CA ALA C 246 -16.26 16.63 9.10
C ALA C 246 -17.74 16.66 9.44
N VAL C 247 -18.52 15.71 8.91
CA VAL C 247 -19.94 15.61 9.21
C VAL C 247 -20.22 14.53 10.24
N SER C 248 -19.19 13.95 10.85
CA SER C 248 -19.38 12.85 11.80
C SER C 248 -20.04 13.32 13.10
N GLY C 249 -20.05 14.62 13.37
CA GLY C 249 -20.63 15.12 14.60
C GLY C 249 -19.81 14.87 15.84
N LYS C 250 -18.59 14.35 15.69
CA LYS C 250 -17.73 14.13 16.84
C LYS C 250 -17.16 15.45 17.34
N PRO C 251 -16.94 15.58 18.66
CA PRO C 251 -16.46 16.86 19.21
C PRO C 251 -15.00 17.16 18.95
N TYR C 252 -14.20 16.18 18.55
CA TYR C 252 -12.77 16.40 18.33
C TYR C 252 -12.44 16.86 16.91
N PHE C 253 -13.46 17.12 16.08
CA PHE C 253 -13.28 17.73 14.77
C PHE C 253 -14.16 18.98 14.69
N PHE C 254 -13.52 20.13 14.44
CA PHE C 254 -14.26 21.35 14.19
C PHE C 254 -13.55 22.12 13.08
N PHE C 255 -14.09 23.29 12.74
CA PHE C 255 -13.73 23.98 11.51
C PHE C 255 -12.57 24.94 11.72
N GLY C 256 -11.51 24.75 10.93
CA GLY C 256 -10.46 25.73 10.79
C GLY C 256 -10.12 25.89 9.31
N SER C 257 -10.33 27.09 8.76
CA SER C 257 -10.35 27.24 7.31
C SER C 257 -8.96 27.19 6.67
N ASP C 258 -7.92 27.67 7.39
CA ASP C 258 -6.59 27.85 6.82
C ASP C 258 -6.65 28.78 5.60
N SER C 259 -7.45 29.84 5.71
CA SER C 259 -7.54 30.84 4.67
C SER C 259 -6.22 31.61 4.60
N ALA C 260 -5.41 31.32 3.58
CA ALA C 260 -4.09 31.94 3.41
C ALA C 260 -4.12 32.84 2.18
N PRO C 261 -4.43 34.13 2.35
CA PRO C 261 -4.51 35.02 1.19
C PRO C 261 -3.13 35.32 0.61
N HIS C 262 -3.02 35.22 -0.71
CA HIS C 262 -1.84 35.58 -1.48
C HIS C 262 -2.27 36.40 -2.69
N PRO C 263 -1.44 37.33 -3.14
CA PRO C 263 -1.72 38.02 -4.41
C PRO C 263 -1.65 37.04 -5.57
N VAL C 264 -2.35 37.41 -6.65
CA VAL C 264 -2.38 36.56 -7.84
C VAL C 264 -0.99 36.43 -8.45
N GLN C 265 -0.11 37.40 -8.21
CA GLN C 265 1.26 37.29 -8.73
C GLN C 265 2.04 36.20 -8.00
N ASN C 266 1.79 36.01 -6.70
CA ASN C 266 2.47 34.96 -5.94
C ASN C 266 2.02 33.56 -6.33
N LYS C 267 0.94 33.42 -7.08
CA LYS C 267 0.45 32.12 -7.53
C LYS C 267 0.90 31.76 -8.94
N ALA C 268 1.07 32.74 -9.82
CA ALA C 268 1.39 32.47 -11.22
C ALA C 268 2.91 32.60 -11.44
N ASN C 269 3.63 31.65 -10.85
CA ASN C 269 5.07 31.54 -11.01
C ASN C 269 5.43 30.13 -11.44
N TYR C 270 6.41 30.00 -12.32
CA TYR C 270 6.85 28.68 -12.75
C TYR C 270 7.71 27.98 -11.70
N GLU C 271 8.02 28.66 -10.60
CA GLU C 271 8.72 28.06 -9.48
C GLU C 271 8.53 28.95 -8.26
N GLY C 272 8.61 28.34 -7.09
CA GLY C 272 8.42 29.08 -5.86
C GLY C 272 6.99 29.53 -5.63
N VAL C 273 6.02 28.69 -5.98
CA VAL C 273 4.61 29.02 -5.77
C VAL C 273 4.32 28.99 -4.28
N CYS C 274 3.91 30.13 -3.73
CA CYS C 274 3.57 30.19 -2.32
C CYS C 274 2.28 29.44 -2.06
N ALA C 275 2.27 28.62 -1.01
CA ALA C 275 1.13 27.79 -0.69
C ALA C 275 0.00 28.62 -0.07
N GLY C 276 -1.21 28.06 -0.08
CA GLY C 276 -2.34 28.70 0.54
C GLY C 276 -3.57 28.80 -0.33
N VAL C 277 -4.75 28.63 0.27
CA VAL C 277 -6.03 28.75 -0.41
C VAL C 277 -6.86 29.78 0.33
N TYR C 278 -7.46 30.70 -0.44
CA TYR C 278 -8.25 31.78 0.15
C TYR C 278 -9.71 31.36 0.17
N SER C 279 -10.18 30.96 1.36
CA SER C 279 -11.57 30.53 1.55
C SER C 279 -12.28 31.40 2.58
N GLN C 280 -11.82 32.63 2.76
CA GLN C 280 -12.34 33.47 3.83
C GLN C 280 -13.67 34.13 3.43
N SER C 281 -13.77 34.62 2.20
CA SER C 281 -14.93 35.43 1.82
C SER C 281 -16.24 34.64 1.85
N PHE C 282 -16.18 33.34 1.59
CA PHE C 282 -17.36 32.49 1.57
C PHE C 282 -17.16 31.27 2.46
N ALA C 283 -16.58 31.49 3.65
CA ALA C 283 -16.14 30.37 4.49
C ALA C 283 -17.29 29.44 4.83
N ILE C 284 -18.34 29.96 5.46
CA ILE C 284 -19.47 29.15 5.90
C ILE C 284 -20.22 28.57 4.69
N PRO C 285 -20.47 29.35 3.62
CA PRO C 285 -21.09 28.72 2.43
C PRO C 285 -20.31 27.54 1.88
N TYR C 286 -18.97 27.59 1.93
CA TYR C 286 -18.18 26.44 1.48
C TYR C 286 -18.56 25.18 2.26
N ILE C 287 -18.81 25.34 3.56
CA ILE C 287 -19.15 24.19 4.40
C ILE C 287 -20.61 23.82 4.27
N ALA C 288 -21.48 24.79 3.98
CA ALA C 288 -22.91 24.51 3.86
C ALA C 288 -23.20 23.56 2.71
N GLN C 289 -22.38 23.61 1.66
CA GLN C 289 -22.62 22.75 0.49
C GLN C 289 -22.25 21.30 0.78
N VAL C 290 -21.17 21.08 1.55
CA VAL C 290 -20.76 19.72 1.88
C VAL C 290 -21.81 19.04 2.74
N PHE C 291 -22.24 19.70 3.81
CA PHE C 291 -23.22 19.10 4.72
C PHE C 291 -24.56 18.88 4.01
N GLU C 292 -24.88 19.68 3.01
CA GLU C 292 -26.09 19.44 2.23
C GLU C 292 -25.91 18.28 1.26
N GLU C 293 -24.70 18.07 0.74
CA GLU C 293 -24.42 16.94 -0.14
C GLU C 293 -24.31 15.62 0.62
N GLN C 294 -24.10 15.66 1.92
CA GLN C 294 -24.04 14.46 2.74
C GLN C 294 -25.32 14.20 3.52
N ASN C 295 -26.32 15.08 3.38
CA ASN C 295 -27.62 14.93 4.05
C ASN C 295 -27.45 14.95 5.57
N ALA C 296 -26.62 15.86 6.07
CA ALA C 296 -26.34 15.99 7.50
C ALA C 296 -26.31 17.46 7.90
N LEU C 297 -27.29 18.24 7.43
CA LEU C 297 -27.30 19.67 7.69
C LEU C 297 -27.51 19.99 9.18
N GLU C 298 -28.00 19.04 9.97
CA GLU C 298 -28.16 19.28 11.40
C GLU C 298 -26.82 19.25 12.13
N ASN C 299 -25.81 18.57 11.59
CA ASN C 299 -24.48 18.53 12.18
C ASN C 299 -23.65 19.77 11.84
N LEU C 300 -24.22 20.73 11.11
CA LEU C 300 -23.43 21.88 10.66
C LEU C 300 -23.15 22.84 11.81
N LYS C 301 -24.11 23.00 12.72
CA LYS C 301 -23.95 23.98 13.80
C LYS C 301 -22.80 23.60 14.72
N GLY C 302 -22.62 22.31 14.98
CA GLY C 302 -21.56 21.88 15.87
C GLY C 302 -20.18 22.02 15.25
N PHE C 303 -20.03 21.55 14.01
CA PHE C 303 -18.74 21.60 13.33
C PHE C 303 -18.23 23.02 13.13
N VAL C 304 -19.12 24.01 13.19
CA VAL C 304 -18.77 25.39 12.93
C VAL C 304 -18.80 26.24 14.19
N SER C 305 -19.77 26.00 15.08
CA SER C 305 -19.96 26.85 16.25
C SER C 305 -19.73 26.12 17.57
N ASP C 306 -20.36 24.96 17.77
CA ASP C 306 -20.38 24.35 19.10
C ASP C 306 -19.01 23.75 19.45
N PHE C 307 -18.45 22.93 18.56
CA PHE C 307 -17.22 22.22 18.88
C PHE C 307 -15.99 23.11 18.87
N GLY C 308 -16.10 24.33 18.35
CA GLY C 308 -14.99 25.26 18.41
C GLY C 308 -14.99 26.06 19.70
N ILE C 309 -16.19 26.25 20.27
CA ILE C 309 -16.31 27.00 21.51
C ILE C 309 -15.98 26.09 22.70
N SER C 310 -16.43 24.84 22.67
CA SER C 310 -16.27 23.95 23.83
C SER C 310 -14.81 23.54 24.01
N PHE C 311 -14.03 23.47 22.93
CA PHE C 311 -12.63 23.10 23.08
C PHE C 311 -11.79 24.29 23.50
N TYR C 312 -11.91 25.41 22.79
CA TYR C 312 -11.21 26.63 23.18
C TYR C 312 -11.79 27.27 24.43
N GLU C 313 -12.95 26.79 24.90
CA GLU C 313 -13.56 27.27 26.14
C GLU C 313 -13.80 28.77 26.11
N VAL C 314 -14.47 29.23 25.05
CA VAL C 314 -14.77 30.64 24.89
C VAL C 314 -15.99 31.00 25.73
N LYS C 315 -15.96 32.19 26.33
CA LYS C 315 -17.05 32.66 27.18
C LYS C 315 -17.73 33.86 26.53
N ASP C 316 -18.90 34.20 27.08
CA ASP C 316 -19.74 35.25 26.48
C ASP C 316 -19.10 36.63 26.59
N SER C 317 -18.24 36.83 27.58
CA SER C 317 -17.70 38.16 27.83
C SER C 317 -16.74 38.58 26.72
N GLU C 318 -15.80 37.70 26.35
CA GLU C 318 -14.78 38.06 25.37
C GLU C 318 -15.33 38.20 23.96
N VAL C 319 -16.50 37.60 23.67
CA VAL C 319 -17.09 37.72 22.35
C VAL C 319 -17.46 39.18 22.09
N ALA C 320 -16.96 39.72 20.98
CA ALA C 320 -17.12 41.15 20.72
C ALA C 320 -18.50 41.50 20.17
N SER C 321 -19.15 40.60 19.44
CA SER C 321 -20.46 40.88 18.87
C SER C 321 -21.37 39.67 19.08
N SER C 322 -22.53 39.92 19.66
CA SER C 322 -23.50 38.87 19.96
C SER C 322 -24.44 38.57 18.80
N ASP C 323 -24.02 38.89 17.58
CA ASP C 323 -24.86 38.66 16.41
C ASP C 323 -24.73 37.21 15.94
N LYS C 324 -25.87 36.57 15.68
CA LYS C 324 -25.89 35.18 15.25
C LYS C 324 -25.91 35.10 13.72
N ALA C 325 -25.13 34.17 13.18
CA ALA C 325 -25.06 33.97 11.74
C ALA C 325 -26.26 33.15 11.26
N ILE C 326 -26.96 33.66 10.26
CA ILE C 326 -28.13 33.02 9.68
C ILE C 326 -27.79 32.58 8.27
N LEU C 327 -27.82 31.28 8.02
CA LEU C 327 -27.46 30.72 6.72
C LEU C 327 -28.72 30.57 5.88
N PHE C 328 -29.00 31.56 5.04
CA PHE C 328 -30.18 31.56 4.18
C PHE C 328 -29.82 31.08 2.78
N LYS C 329 -30.75 30.36 2.16
CA LYS C 329 -30.48 29.67 0.89
C LYS C 329 -30.83 30.60 -0.28
N LYS C 330 -29.93 31.54 -0.54
CA LYS C 330 -29.98 32.37 -1.74
C LYS C 330 -28.74 32.09 -2.57
N GLU C 331 -28.95 31.63 -3.80
CA GLU C 331 -27.82 31.26 -4.66
C GLU C 331 -26.91 32.45 -4.90
N GLN C 332 -25.61 32.21 -4.79
CA GLN C 332 -24.59 33.20 -5.10
C GLN C 332 -23.51 32.55 -5.94
N VAL C 333 -22.69 33.38 -6.56
CA VAL C 333 -21.58 32.90 -7.36
C VAL C 333 -20.29 33.48 -6.80
N ILE C 334 -19.19 32.75 -7.01
CA ILE C 334 -17.88 33.15 -6.53
C ILE C 334 -17.19 33.93 -7.65
N PRO C 335 -16.80 35.18 -7.43
CA PRO C 335 -16.12 35.94 -8.49
C PRO C 335 -14.80 35.28 -8.88
N GLN C 336 -14.28 35.70 -10.03
CA GLN C 336 -12.99 35.21 -10.48
C GLN C 336 -11.81 35.94 -9.83
N VAL C 337 -12.08 37.02 -9.09
CA VAL C 337 -11.02 37.76 -8.42
C VAL C 337 -11.63 38.59 -7.30
N ILE C 338 -10.94 38.64 -6.17
CA ILE C 338 -11.26 39.53 -5.07
C ILE C 338 -10.10 40.51 -4.94
N SER C 339 -10.39 41.80 -5.13
CA SER C 339 -9.34 42.81 -5.21
C SER C 339 -9.72 44.02 -4.36
N ASP C 340 -8.69 44.76 -3.94
CA ASP C 340 -8.87 46.01 -3.23
C ASP C 340 -8.91 47.22 -4.15
N GLY C 341 -8.57 47.04 -5.42
CA GLY C 341 -8.59 48.13 -6.37
C GLY C 341 -7.21 48.69 -6.67
N LYS C 342 -6.36 48.83 -5.64
CA LYS C 342 -5.08 49.47 -5.84
C LYS C 342 -4.03 48.50 -6.37
N ASP C 343 -3.65 47.51 -5.57
CA ASP C 343 -2.52 46.63 -5.92
C ASP C 343 -2.75 45.15 -5.68
N ILE C 344 -3.76 44.74 -4.93
CA ILE C 344 -3.90 43.35 -4.49
C ILE C 344 -5.03 42.70 -5.25
N SER C 345 -4.85 41.42 -5.60
CA SER C 345 -5.88 40.64 -6.26
C SER C 345 -5.74 39.18 -5.85
N ILE C 346 -6.79 38.61 -5.29
CA ILE C 346 -6.80 37.23 -4.81
C ILE C 346 -7.69 36.40 -5.71
N ILE C 347 -7.38 35.11 -5.80
CA ILE C 347 -8.24 34.16 -6.50
C ILE C 347 -9.01 33.37 -5.46
N PRO C 348 -10.29 33.66 -5.24
CA PRO C 348 -11.03 32.95 -4.19
C PRO C 348 -11.23 31.49 -4.55
N PHE C 349 -11.50 30.69 -3.50
CA PHE C 349 -11.65 29.25 -3.67
C PHE C 349 -12.90 28.94 -4.48
N LYS C 350 -12.78 27.97 -5.39
CA LYS C 350 -13.86 27.60 -6.32
C LYS C 350 -14.34 28.82 -7.11
N ALA C 351 -13.38 29.61 -7.59
CA ALA C 351 -13.72 30.83 -8.32
C ALA C 351 -14.52 30.51 -9.57
N GLY C 352 -15.55 31.32 -9.82
CA GLY C 352 -16.41 31.11 -10.95
C GLY C 352 -17.43 30.00 -10.79
N ASP C 353 -17.57 29.43 -9.60
CA ASP C 353 -18.54 28.38 -9.33
C ASP C 353 -19.67 28.95 -8.47
N LYS C 354 -20.83 28.29 -8.56
CA LYS C 354 -22.01 28.76 -7.85
C LYS C 354 -22.14 28.07 -6.50
N LEU C 355 -22.76 28.77 -5.56
CA LEU C 355 -23.05 28.25 -4.24
C LEU C 355 -24.55 28.26 -4.03
N SER C 356 -25.01 27.39 -3.11
CA SER C 356 -26.42 27.30 -2.79
C SER C 356 -26.82 28.12 -1.58
N TRP C 357 -25.87 28.67 -0.83
CA TRP C 357 -26.16 29.32 0.43
C TRP C 357 -25.43 30.66 0.53
N SER C 358 -26.07 31.59 1.23
CA SER C 358 -25.47 32.85 1.64
C SER C 358 -25.71 33.03 3.13
N VAL C 359 -24.99 33.96 3.74
CA VAL C 359 -25.03 34.16 5.19
C VAL C 359 -25.32 35.62 5.50
N ARG C 360 -26.12 35.84 6.54
CA ARG C 360 -26.44 37.17 7.02
C ARG C 360 -26.46 37.16 8.54
N TRP C 361 -26.06 38.28 9.14
CA TRP C 361 -25.98 38.39 10.59
C TRP C 361 -27.29 38.93 11.15
N GLU C 362 -27.78 38.29 12.21
CA GLU C 362 -28.92 38.76 12.97
C GLU C 362 -28.52 38.91 14.43
N PRO C 363 -28.80 40.04 15.07
CA PRO C 363 -28.34 40.26 16.43
C PRO C 363 -29.12 39.43 17.45
N ARG C 364 -28.51 39.31 18.64
CA ARG C 364 -29.07 38.56 19.78
C ARG C 364 -29.30 39.52 20.96
N LEU C 365 -30.49 40.12 21.03
CA LEU C 365 -30.80 41.06 22.15
C LEU C 365 -32.22 40.79 22.66
N VAL D 2 40.30 15.63 -21.19
CA VAL D 2 39.13 15.29 -20.38
C VAL D 2 38.65 13.88 -20.72
N GLN D 3 37.95 13.27 -19.78
CA GLN D 3 37.40 11.92 -19.98
C GLN D 3 36.33 11.97 -21.06
N GLU D 4 36.55 11.23 -22.15
CA GLU D 4 35.66 11.24 -23.30
C GLU D 4 35.03 9.87 -23.51
N ILE D 5 33.82 9.87 -24.04
CA ILE D 5 33.06 8.65 -24.31
C ILE D 5 32.50 8.73 -25.73
N ASP D 6 32.60 7.63 -26.47
CA ASP D 6 32.05 7.52 -27.81
C ASP D 6 30.69 6.84 -27.71
N LEU D 7 29.64 7.56 -28.12
CA LEU D 7 28.28 7.05 -28.03
C LEU D 7 27.71 6.62 -29.38
N GLY D 8 28.41 6.87 -30.48
CA GLY D 8 27.87 6.52 -31.78
C GLY D 8 26.69 7.39 -32.15
N LEU D 9 25.72 6.78 -32.83
CA LEU D 9 24.51 7.48 -33.24
C LEU D 9 23.54 7.52 -32.07
N THR D 10 23.45 8.66 -31.40
CA THR D 10 22.54 8.80 -30.28
C THR D 10 21.10 8.89 -30.77
N CYS D 11 20.17 8.45 -29.91
CA CYS D 11 18.75 8.42 -30.24
C CYS D 11 17.94 8.97 -29.08
N ASP D 12 16.88 9.71 -29.42
CA ASP D 12 15.91 10.25 -28.46
C ASP D 12 14.55 9.97 -29.06
N MET D 13 13.97 8.82 -28.75
CA MET D 13 12.71 8.42 -29.39
C MET D 13 11.50 8.92 -28.60
N HIS D 14 11.53 10.19 -28.19
CA HIS D 14 10.34 10.87 -27.72
C HIS D 14 10.64 12.38 -27.80
N VAL D 15 10.14 13.03 -28.84
CA VAL D 15 10.47 14.43 -29.09
C VAL D 15 9.22 15.19 -29.54
N HIS D 16 8.91 16.28 -28.83
CA HIS D 16 7.98 17.29 -29.30
C HIS D 16 8.80 18.48 -29.73
N VAL D 17 8.68 18.90 -30.99
CA VAL D 17 9.52 20.01 -31.40
C VAL D 17 8.73 21.32 -31.25
N ARG D 18 7.84 21.60 -32.20
CA ARG D 18 6.64 22.45 -32.11
C ARG D 18 6.16 22.74 -33.52
N GLU D 19 5.13 23.55 -33.66
CA GLU D 19 4.94 24.34 -34.86
C GLU D 19 5.09 25.82 -34.55
N GLY D 20 5.48 26.59 -35.55
CA GLY D 20 5.65 28.02 -35.40
C GLY D 20 7.09 28.41 -35.09
N ALA D 21 7.23 29.63 -34.55
CA ALA D 21 8.55 30.14 -34.23
C ALA D 21 9.26 29.32 -33.18
N MET D 22 8.51 28.57 -32.37
CA MET D 22 9.14 27.69 -31.38
C MET D 22 9.88 26.56 -32.07
N CYS D 23 9.27 25.96 -33.10
CA CYS D 23 9.93 24.90 -33.85
C CYS D 23 11.21 25.40 -34.49
N GLU D 24 11.21 26.63 -34.99
CA GLU D 24 12.41 27.21 -35.58
C GLU D 24 13.52 27.40 -34.54
N LEU D 25 13.18 27.48 -33.27
CA LEU D 25 14.15 27.66 -32.20
C LEU D 25 14.69 26.34 -31.66
N VAL D 26 13.81 25.35 -31.49
CA VAL D 26 14.18 24.12 -30.78
C VAL D 26 14.57 22.98 -31.71
N THR D 27 14.32 23.09 -33.01
CA THR D 27 14.73 22.02 -33.92
C THR D 27 16.24 21.86 -33.99
N PRO D 28 17.05 22.92 -34.09
CA PRO D 28 18.51 22.70 -34.02
C PRO D 28 18.96 22.21 -32.65
N LYS D 29 18.21 22.50 -31.59
CA LYS D 29 18.60 22.08 -30.25
C LYS D 29 18.61 20.56 -30.09
N ILE D 30 17.96 19.83 -31.00
CA ILE D 30 18.10 18.37 -31.01
C ILE D 30 19.55 17.99 -31.24
N ARG D 31 20.18 18.64 -32.21
CA ARG D 31 21.59 18.39 -32.49
C ARG D 31 22.50 19.02 -31.44
N ASP D 32 22.02 20.09 -30.78
CA ASP D 32 22.80 20.70 -29.70
C ASP D 32 22.88 19.77 -28.50
N GLY D 33 21.76 19.15 -28.13
CA GLY D 33 21.72 18.25 -26.99
C GLY D 33 22.48 16.95 -27.18
N GLY D 34 23.06 16.72 -28.35
CA GLY D 34 23.79 15.50 -28.60
C GLY D 34 22.98 14.38 -29.20
N VAL D 35 21.89 14.70 -29.89
CA VAL D 35 20.99 13.70 -30.45
C VAL D 35 21.12 13.71 -31.97
N SER D 36 21.30 12.53 -32.56
CA SER D 36 21.37 12.40 -34.01
C SER D 36 20.08 11.84 -34.61
N ILE D 37 19.29 11.10 -33.84
CA ILE D 37 18.05 10.49 -34.32
C ILE D 37 16.94 10.85 -33.34
N ALA D 38 15.89 11.46 -33.84
CA ALA D 38 14.78 11.93 -33.00
C ALA D 38 13.46 11.45 -33.58
N TYR D 39 12.59 10.94 -32.70
CA TYR D 39 11.25 10.49 -33.07
C TYR D 39 10.26 11.60 -32.71
N ILE D 40 9.63 12.17 -33.73
CA ILE D 40 8.77 13.35 -33.55
C ILE D 40 7.37 12.88 -33.20
N MET D 41 6.76 13.56 -32.20
CA MET D 41 5.40 13.26 -31.78
C MET D 41 4.40 14.15 -32.52
N PRO D 42 3.20 13.62 -32.79
CA PRO D 42 2.26 14.32 -33.69
C PRO D 42 1.23 15.21 -33.01
N ASN D 43 1.33 15.49 -31.71
CA ASN D 43 0.30 16.26 -31.02
C ASN D 43 0.37 17.73 -31.38
N LEU D 44 0.09 18.05 -32.65
CA LEU D 44 0.02 19.42 -33.11
C LEU D 44 -1.41 19.93 -32.99
N GLN D 45 -1.64 21.17 -33.41
CA GLN D 45 -2.97 21.76 -33.40
C GLN D 45 -3.25 22.37 -34.76
N PRO D 46 -3.95 21.66 -35.65
CA PRO D 46 -4.53 20.33 -35.41
C PRO D 46 -3.47 19.22 -35.48
N PRO D 47 -3.79 18.04 -34.94
CA PRO D 47 -2.84 16.93 -34.98
C PRO D 47 -2.52 16.51 -36.42
N ILE D 48 -1.46 15.71 -36.54
CA ILE D 48 -1.01 15.22 -37.84
C ILE D 48 -1.79 13.95 -38.14
N THR D 49 -2.79 14.06 -39.02
CA THR D 49 -3.65 12.94 -39.38
C THR D 49 -3.80 12.76 -40.89
N THR D 50 -2.97 13.42 -41.69
CA THR D 50 -3.00 13.28 -43.14
C THR D 50 -1.59 13.10 -43.67
N LEU D 51 -1.50 12.60 -44.90
CA LEU D 51 -0.20 12.33 -45.50
C LEU D 51 0.52 13.61 -45.87
N ASP D 52 -0.21 14.58 -46.46
CA ASP D 52 0.40 15.85 -46.83
C ASP D 52 0.94 16.58 -45.61
N ARG D 53 0.29 16.39 -44.45
CA ARG D 53 0.75 17.03 -43.23
C ARG D 53 2.11 16.51 -42.79
N VAL D 54 2.29 15.18 -42.81
CA VAL D 54 3.51 14.58 -42.30
C VAL D 54 4.68 14.72 -43.26
N ILE D 55 4.42 14.98 -44.54
CA ILE D 55 5.50 15.11 -45.51
C ILE D 55 6.13 16.50 -45.43
N GLU D 56 5.30 17.55 -45.42
CA GLU D 56 5.83 18.90 -45.33
C GLU D 56 6.41 19.18 -43.96
N TYR D 57 5.92 18.50 -42.92
CA TYR D 57 6.42 18.74 -41.57
C TYR D 57 7.86 18.27 -41.43
N LYS D 58 8.15 17.05 -41.91
CA LYS D 58 9.52 16.54 -41.85
C LYS D 58 10.45 17.38 -42.73
N LYS D 59 9.98 17.79 -43.91
CA LYS D 59 10.80 18.65 -44.76
C LYS D 59 11.07 19.99 -44.11
N THR D 60 10.13 20.47 -43.29
CA THR D 60 10.38 21.70 -42.53
C THR D 60 11.40 21.46 -41.42
N LEU D 61 11.36 20.27 -40.82
CA LEU D 61 12.32 19.95 -39.75
C LEU D 61 13.72 19.74 -40.31
N GLN D 62 13.84 18.93 -41.37
CA GLN D 62 15.14 18.70 -41.98
C GLN D 62 15.74 19.98 -42.55
N LYS D 63 14.91 20.96 -42.89
CA LYS D 63 15.41 22.25 -43.35
C LYS D 63 16.11 23.01 -42.21
N LEU D 64 15.58 22.89 -40.99
CA LEU D 64 16.15 23.59 -39.85
C LEU D 64 17.32 22.85 -39.23
N ALA D 65 17.46 21.55 -39.47
CA ALA D 65 18.56 20.75 -38.93
C ALA D 65 18.89 19.65 -39.92
N PRO D 66 19.68 19.97 -40.95
CA PRO D 66 19.99 18.95 -41.97
C PRO D 66 20.85 17.81 -41.46
N LYS D 67 21.49 17.95 -40.30
CA LYS D 67 22.30 16.88 -39.72
C LYS D 67 21.54 16.03 -38.71
N THR D 68 20.21 16.12 -38.70
CA THR D 68 19.38 15.39 -37.75
C THR D 68 18.52 14.37 -38.48
N THR D 69 18.45 13.17 -37.93
CA THR D 69 17.61 12.10 -38.50
C THR D 69 16.24 12.14 -37.84
N PHE D 70 15.20 12.31 -38.65
CA PHE D 70 13.84 12.48 -38.17
C PHE D 70 13.00 11.24 -38.49
N LEU D 71 12.26 10.76 -37.50
CA LEU D 71 11.34 9.64 -37.65
C LEU D 71 9.95 10.13 -37.25
N MET D 72 9.05 10.25 -38.21
CA MET D 72 7.77 10.88 -38.00
C MET D 72 6.78 9.91 -37.35
N SER D 73 5.55 10.38 -37.16
CA SER D 73 4.51 9.58 -36.53
C SER D 73 3.16 10.23 -36.78
N PHE D 74 2.11 9.42 -36.77
CA PHE D 74 0.74 9.89 -36.89
C PHE D 74 0.07 9.98 -35.52
N TYR D 75 -0.95 10.83 -35.45
CA TYR D 75 -1.78 10.97 -34.26
C TYR D 75 -2.94 9.99 -34.38
N LEU D 76 -2.96 8.98 -33.53
CA LEU D 76 -4.00 7.96 -33.59
C LEU D 76 -5.38 8.58 -33.42
N SER D 77 -6.18 8.55 -34.48
CA SER D 77 -7.48 9.23 -34.48
C SER D 77 -8.45 8.47 -35.36
N LYS D 78 -9.71 8.93 -35.37
CA LYS D 78 -10.78 8.34 -36.21
C LYS D 78 -10.56 8.78 -37.67
N ASP D 79 -9.68 9.76 -37.89
CA ASP D 79 -9.42 10.25 -39.23
C ASP D 79 -8.38 9.42 -39.98
N LEU D 80 -7.98 8.28 -39.42
CA LEU D 80 -7.04 7.38 -40.07
C LEU D 80 -7.76 6.14 -40.57
N THR D 81 -7.40 5.69 -41.77
CA THR D 81 -7.95 4.50 -42.38
C THR D 81 -6.86 3.46 -42.60
N PRO D 82 -7.21 2.17 -42.64
CA PRO D 82 -6.18 1.15 -42.89
C PRO D 82 -5.41 1.37 -44.18
N ASP D 83 -6.05 1.95 -45.21
CA ASP D 83 -5.33 2.22 -46.45
C ASP D 83 -4.35 3.38 -46.28
N LEU D 84 -4.73 4.39 -45.49
CA LEU D 84 -3.82 5.50 -45.23
C LEU D 84 -2.60 5.05 -44.46
N ILE D 85 -2.75 4.02 -43.62
CA ILE D 85 -1.60 3.46 -42.91
C ILE D 85 -0.68 2.74 -43.87
N HIS D 86 -1.24 1.93 -44.76
CA HIS D 86 -0.43 1.24 -45.77
C HIS D 86 0.25 2.24 -46.70
N GLU D 87 -0.49 3.25 -47.15
CA GLU D 87 0.05 4.21 -48.11
C GLU D 87 1.23 4.98 -47.52
N ALA D 88 1.09 5.45 -46.28
CA ALA D 88 2.16 6.22 -45.66
C ALA D 88 3.35 5.33 -45.30
N ALA D 89 3.10 4.07 -44.92
CA ALA D 89 4.19 3.19 -44.54
C ALA D 89 5.03 2.77 -45.74
N GLN D 90 4.40 2.64 -46.91
CA GLN D 90 5.15 2.24 -48.10
C GLN D 90 6.10 3.34 -48.57
N GLN D 91 5.74 4.60 -48.34
CA GLN D 91 6.53 5.74 -48.81
C GLN D 91 7.50 6.25 -47.75
N HIS D 92 7.76 5.47 -46.70
CA HIS D 92 8.61 5.87 -45.58
C HIS D 92 8.14 7.17 -44.92
N ALA D 93 6.85 7.49 -45.05
CA ALA D 93 6.35 8.75 -44.53
C ALA D 93 6.33 8.78 -43.01
N ILE D 94 6.16 7.62 -42.37
CA ILE D 94 6.09 7.52 -40.92
C ILE D 94 6.86 6.28 -40.47
N ARG D 95 7.21 6.27 -39.18
CA ARG D 95 7.77 5.10 -38.53
C ARG D 95 6.80 4.40 -37.60
N GLY D 96 5.88 5.16 -37.00
CA GLY D 96 4.86 4.57 -36.17
C GLY D 96 3.74 5.55 -35.90
N VAL D 97 2.88 5.25 -34.94
CA VAL D 97 1.74 6.17 -34.66
C VAL D 97 1.59 6.28 -33.14
N CYS D 99 -0.94 7.18 -29.63
CA CYS D 99 -2.27 7.45 -29.11
C CYS D 99 -2.22 8.45 -27.97
N TYR D 100 -3.33 9.13 -27.73
CA TYR D 100 -3.44 10.10 -26.65
C TYR D 100 -4.78 9.95 -25.95
N PRO D 101 -4.81 9.43 -24.73
CA PRO D 101 -6.08 9.36 -23.99
C PRO D 101 -6.65 10.75 -23.78
N ALA D 102 -7.98 10.85 -23.87
CA ALA D 102 -8.64 12.15 -23.86
C ALA D 102 -8.63 12.76 -22.46
N GLY D 103 -8.25 14.04 -22.38
CA GLY D 103 -8.31 14.79 -21.14
C GLY D 103 -7.22 14.48 -20.13
N VAL D 104 -6.19 13.73 -20.52
CA VAL D 104 -5.12 13.39 -19.59
C VAL D 104 -4.01 14.44 -19.61
N THR D 105 -3.67 14.96 -20.79
CA THR D 105 -2.61 15.95 -20.92
C THR D 105 -3.09 17.04 -21.88
N THR D 106 -2.18 17.94 -22.25
CA THR D 106 -2.51 19.01 -23.18
C THR D 106 -2.55 18.47 -24.61
N ASN D 107 -3.44 19.05 -25.42
CA ASN D 107 -3.67 18.61 -26.80
C ASN D 107 -3.96 17.10 -26.85
N SER D 108 -4.84 16.70 -25.96
CA SER D 108 -5.33 15.30 -25.85
C SER D 108 -6.86 15.30 -25.83
N ALA D 109 -7.47 16.50 -25.72
CA ALA D 109 -8.93 16.69 -25.65
C ALA D 109 -9.85 16.17 -26.76
N ALA D 110 -9.33 16.06 -27.97
CA ALA D 110 -9.88 15.22 -29.06
C ALA D 110 -8.94 14.03 -29.27
N GLY D 111 -8.98 13.05 -28.36
CA GLY D 111 -8.12 11.86 -28.45
C GLY D 111 -8.93 10.58 -28.45
N VAL D 112 -8.42 9.54 -27.81
CA VAL D 112 -9.07 8.23 -27.75
C VAL D 112 -9.68 8.07 -26.36
N ASP D 113 -10.47 7.01 -26.22
CA ASP D 113 -10.95 6.57 -24.91
C ASP D 113 -10.30 5.22 -24.63
N PRO D 114 -9.24 5.16 -23.81
CA PRO D 114 -8.36 3.98 -23.83
C PRO D 114 -9.00 2.70 -23.30
N ASN D 115 -10.14 2.78 -22.62
CA ASN D 115 -10.80 1.58 -22.12
C ASN D 115 -11.77 0.98 -23.12
N ASP D 116 -11.70 1.39 -24.39
CA ASP D 116 -12.40 0.69 -25.47
C ASP D 116 -11.43 0.04 -26.45
N PHE D 117 -10.60 0.84 -27.13
CA PHE D 117 -9.51 0.36 -27.96
C PHE D 117 -9.95 -0.60 -29.07
N SER D 118 -11.25 -0.84 -29.19
CA SER D 118 -11.76 -1.81 -30.15
C SER D 118 -12.10 -1.20 -31.50
N ALA D 119 -12.38 0.10 -31.55
CA ALA D 119 -12.64 0.75 -32.82
C ALA D 119 -11.37 0.92 -33.66
N PHE D 120 -10.20 0.93 -33.02
CA PHE D 120 -8.94 1.11 -33.71
C PHE D 120 -8.17 -0.19 -33.92
N TYR D 121 -8.88 -1.33 -33.91
CA TYR D 121 -8.27 -2.62 -34.20
C TYR D 121 -7.91 -2.77 -35.68
N PRO D 122 -8.74 -2.30 -36.62
CA PRO D 122 -8.27 -2.29 -38.03
C PRO D 122 -6.99 -1.50 -38.22
N ILE D 123 -6.82 -0.41 -37.49
CA ILE D 123 -5.59 0.37 -37.60
C ILE D 123 -4.40 -0.42 -37.06
N PHE D 124 -4.59 -1.10 -35.92
CA PHE D 124 -3.51 -1.88 -35.33
C PHE D 124 -3.12 -3.07 -36.21
N LYS D 125 -4.09 -3.65 -36.91
CA LYS D 125 -3.78 -4.76 -37.81
C LYS D 125 -2.90 -4.30 -38.97
N ALA D 126 -3.20 -3.13 -39.54
CA ALA D 126 -2.40 -2.62 -40.66
C ALA D 126 -0.98 -2.31 -40.22
N MET D 127 -0.82 -1.73 -39.03
CA MET D 127 0.51 -1.46 -38.50
C MET D 127 1.28 -2.75 -38.26
N GLN D 128 0.62 -3.74 -37.65
CA GLN D 128 1.25 -5.04 -37.43
C GLN D 128 1.70 -5.67 -38.74
N GLU D 129 0.94 -5.46 -39.81
CA GLU D 129 1.36 -5.92 -41.12
C GLU D 129 2.53 -5.09 -41.66
N GLU D 130 2.44 -3.77 -41.53
CA GLU D 130 3.47 -2.87 -42.04
C GLU D 130 4.67 -2.73 -41.09
N ASN D 131 4.74 -3.56 -40.05
CA ASN D 131 5.88 -3.55 -39.11
C ASN D 131 6.05 -2.20 -38.43
N LEU D 132 4.94 -1.49 -38.18
CA LEU D 132 4.99 -0.19 -37.54
C LEU D 132 5.00 -0.34 -36.02
N VAL D 133 5.18 0.79 -35.33
CA VAL D 133 5.30 0.83 -33.88
C VAL D 133 4.12 1.61 -33.31
N LEU D 134 3.55 1.10 -32.21
CA LEU D 134 2.44 1.73 -31.53
C LEU D 134 2.95 2.35 -30.24
N ASN D 135 3.06 3.68 -30.22
CA ASN D 135 3.45 4.41 -29.02
C ASN D 135 2.21 4.78 -28.21
N LEU D 136 2.31 4.62 -26.89
CA LEU D 136 1.17 4.80 -26.01
C LEU D 136 1.52 5.76 -24.89
N HIS D 137 0.64 6.73 -24.66
CA HIS D 137 0.68 7.54 -23.44
C HIS D 137 -0.09 6.76 -22.37
N GLY D 138 0.64 6.11 -21.46
CA GLY D 138 -0.02 5.24 -20.52
C GLY D 138 -0.52 5.95 -19.29
N GLU D 139 -1.80 6.32 -19.30
CA GLU D 139 -2.45 6.97 -18.18
C GLU D 139 -3.95 6.90 -18.40
N LYS D 140 -4.66 6.19 -17.52
CA LYS D 140 -6.10 6.14 -17.60
C LYS D 140 -6.69 7.52 -17.31
N PRO D 141 -7.82 7.85 -17.94
CA PRO D 141 -8.45 9.16 -17.67
C PRO D 141 -8.95 9.25 -16.24
N SER D 142 -9.15 10.49 -15.80
CA SER D 142 -9.46 10.76 -14.40
C SER D 142 -10.93 10.47 -14.12
N VAL D 143 -11.19 9.58 -13.18
CA VAL D 143 -12.53 9.30 -12.66
C VAL D 143 -12.42 9.13 -11.15
N HIS D 144 -13.39 9.66 -10.42
CA HIS D 144 -13.27 9.68 -8.97
C HIS D 144 -14.44 9.06 -8.23
N ASP D 145 -15.67 9.23 -8.72
CA ASP D 145 -16.83 8.68 -8.04
C ASP D 145 -16.99 7.20 -8.43
N GLY D 146 -18.08 6.66 -7.87
CA GLY D 146 -18.59 5.27 -7.81
C GLY D 146 -18.40 4.29 -8.97
N ASP D 147 -18.56 3.03 -8.59
CA ASP D 147 -18.58 1.78 -9.40
C ASP D 147 -17.20 1.27 -9.83
N LYS D 148 -16.12 1.98 -9.53
CA LYS D 148 -14.77 1.39 -9.76
C LYS D 148 -13.70 2.18 -9.01
N GLU D 149 -12.49 1.61 -8.89
CA GLU D 149 -11.40 2.31 -8.22
C GLU D 149 -11.26 3.73 -8.78
N PRO D 150 -11.23 4.75 -7.93
CA PRO D 150 -11.00 6.12 -8.43
C PRO D 150 -9.61 6.24 -9.05
N ILE D 151 -9.55 6.97 -10.16
CA ILE D 151 -8.32 7.15 -10.92
C ILE D 151 -7.83 8.58 -10.73
N HIS D 152 -6.58 8.71 -10.30
CA HIS D 152 -5.93 9.99 -10.10
C HIS D 152 -4.57 10.00 -10.79
N VAL D 153 -3.87 11.12 -10.70
CA VAL D 153 -2.62 11.32 -11.44
C VAL D 153 -1.53 10.34 -11.02
N LEU D 154 -1.68 9.70 -9.86
CA LEU D 154 -0.66 8.77 -9.39
C LEU D 154 -0.94 7.34 -9.84
N ASN D 155 -2.20 6.92 -9.84
CA ASN D 155 -2.56 5.57 -10.23
C ASN D 155 -3.12 5.49 -11.64
N ALA D 156 -3.10 6.60 -12.39
CA ALA D 156 -3.58 6.57 -13.76
C ALA D 156 -2.71 5.68 -14.64
N GLU D 157 -1.40 5.71 -14.42
CA GLU D 157 -0.50 4.89 -15.22
C GLU D 157 -0.67 3.42 -14.91
N GLU D 158 -0.79 3.07 -13.62
CA GLU D 158 -0.96 1.67 -13.23
C GLU D 158 -2.31 1.14 -13.69
N ALA D 159 -3.35 1.97 -13.64
CA ALA D 159 -4.67 1.54 -14.11
C ALA D 159 -4.68 1.32 -15.61
N PHE D 160 -3.75 1.91 -16.35
CA PHE D 160 -3.66 1.70 -17.79
C PHE D 160 -3.01 0.38 -18.15
N LEU D 161 -2.24 -0.21 -17.24
CA LEU D 161 -1.52 -1.43 -17.57
C LEU D 161 -2.40 -2.59 -18.03
N PRO D 162 -3.61 -2.80 -17.51
CA PRO D 162 -4.48 -3.83 -18.11
C PRO D 162 -4.72 -3.62 -19.59
N ALA D 163 -4.89 -2.37 -20.03
CA ALA D 163 -5.08 -2.09 -21.45
C ALA D 163 -3.82 -2.40 -22.25
N LEU D 164 -2.64 -2.22 -21.66
CA LEU D 164 -1.41 -2.55 -22.37
C LEU D 164 -1.28 -4.06 -22.55
N LYS D 165 -1.63 -4.84 -21.52
CA LYS D 165 -1.50 -6.29 -21.60
C LYS D 165 -2.44 -6.87 -22.65
N LYS D 166 -3.63 -6.29 -22.82
CA LYS D 166 -4.56 -6.78 -23.83
C LYS D 166 -4.08 -6.45 -25.23
N LEU D 167 -3.44 -5.29 -25.41
CA LEU D 167 -2.97 -4.90 -26.73
C LEU D 167 -1.85 -5.82 -27.21
N HIS D 168 -0.93 -6.18 -26.32
CA HIS D 168 0.09 -7.17 -26.68
C HIS D 168 -0.51 -8.57 -26.75
N ASN D 169 -1.60 -8.82 -26.02
CA ASN D 169 -2.26 -10.12 -26.10
C ASN D 169 -2.88 -10.33 -27.47
N ASP D 170 -3.61 -9.34 -27.97
CA ASP D 170 -4.32 -9.50 -29.23
C ASP D 170 -3.38 -9.40 -30.42
N PHE D 171 -2.42 -8.46 -30.39
CA PHE D 171 -1.48 -8.23 -31.48
C PHE D 171 -0.09 -8.61 -31.01
N PRO D 172 0.30 -9.88 -31.10
CA PRO D 172 1.61 -10.28 -30.56
C PRO D 172 2.78 -9.79 -31.40
N ASN D 173 2.60 -9.64 -32.71
CA ASN D 173 3.67 -9.21 -33.61
C ASN D 173 3.65 -7.71 -33.86
N LEU D 174 3.03 -6.93 -32.97
CA LEU D 174 2.99 -5.48 -33.09
C LEU D 174 3.95 -4.87 -32.09
N LYS D 175 4.84 -4.01 -32.57
CA LYS D 175 5.77 -3.31 -31.69
C LYS D 175 5.01 -2.21 -30.93
N ILE D 176 5.00 -2.32 -29.60
CA ILE D 176 4.30 -1.37 -28.74
C ILE D 176 5.31 -0.73 -27.81
N ILE D 177 5.12 0.56 -27.53
CA ILE D 177 6.01 1.31 -26.66
C ILE D 177 5.17 2.05 -25.61
N LEU D 178 5.36 1.69 -24.34
CA LEU D 178 4.77 2.43 -23.23
C LEU D 178 5.69 3.61 -22.94
N GLU D 179 5.38 4.75 -23.55
CA GLU D 179 6.25 5.91 -23.46
C GLU D 179 6.29 6.46 -22.04
N HIS D 180 7.44 7.02 -21.69
CA HIS D 180 7.67 7.78 -20.45
C HIS D 180 7.08 7.08 -19.22
N CYS D 181 7.63 5.92 -18.92
CA CYS D 181 7.24 5.20 -17.71
C CYS D 181 7.58 6.00 -16.46
N THR D 182 6.68 5.97 -15.48
CA THR D 182 6.86 6.73 -14.24
C THR D 182 6.54 5.95 -12.98
N SER D 183 6.10 4.69 -13.10
CA SER D 183 5.71 3.90 -11.95
C SER D 183 6.43 2.55 -11.95
N GLU D 184 6.78 2.07 -10.77
CA GLU D 184 7.41 0.76 -10.65
C GLU D 184 6.48 -0.35 -11.13
N SER D 185 5.16 -0.13 -11.03
CA SER D 185 4.20 -1.09 -11.54
C SER D 185 4.42 -1.33 -13.02
N ALA D 186 4.61 -0.25 -13.80
CA ALA D 186 4.85 -0.39 -15.22
C ALA D 186 6.23 -0.97 -15.50
N ILE D 187 7.21 -0.67 -14.64
CA ILE D 187 8.56 -1.21 -14.84
C ILE D 187 8.55 -2.71 -14.68
N LYS D 188 7.91 -3.21 -13.62
CA LYS D 188 7.80 -4.66 -13.44
C LYS D 188 6.93 -5.30 -14.51
N THR D 189 5.89 -4.59 -14.97
CA THR D 189 5.04 -5.12 -16.02
C THR D 189 5.83 -5.35 -17.30
N ILE D 190 6.76 -4.42 -17.62
CA ILE D 190 7.59 -4.60 -18.80
C ILE D 190 8.55 -5.78 -18.59
N GLU D 191 9.12 -5.90 -17.40
CA GLU D 191 9.96 -7.06 -17.11
C GLU D 191 9.18 -8.36 -17.17
N ASP D 192 7.90 -8.33 -16.80
CA ASP D 192 7.06 -9.51 -16.91
C ASP D 192 6.84 -9.90 -18.37
N ILE D 193 6.53 -8.91 -19.21
CA ILE D 193 6.29 -9.18 -20.63
C ILE D 193 7.57 -9.69 -21.28
N ASN D 194 8.64 -8.91 -21.18
CA ASN D 194 9.93 -9.27 -21.78
C ASN D 194 10.74 -10.16 -20.85
N LYS D 195 10.14 -11.25 -20.39
CA LYS D 195 10.82 -12.22 -19.54
C LYS D 195 11.43 -13.35 -20.36
N ASN D 196 10.73 -13.82 -21.38
CA ASN D 196 11.23 -14.85 -22.29
C ASN D 196 12.11 -14.28 -23.39
N VAL D 197 12.67 -13.09 -23.21
CA VAL D 197 13.33 -12.36 -24.28
C VAL D 197 14.84 -12.36 -24.02
N LYS D 198 15.56 -13.13 -24.82
CA LYS D 198 16.97 -12.93 -25.09
C LYS D 198 17.09 -12.41 -26.52
N LYS D 199 18.31 -12.08 -26.94
CA LYS D 199 18.53 -11.67 -28.33
C LYS D 199 17.69 -10.44 -28.67
N ALA D 200 18.12 -9.26 -28.19
CA ALA D 200 17.36 -8.02 -28.15
C ALA D 200 16.32 -7.85 -29.25
N THR D 201 16.66 -8.25 -30.49
CA THR D 201 15.69 -8.19 -31.59
C THR D 201 14.39 -8.92 -31.27
N ASP D 202 14.38 -9.79 -30.26
CA ASP D 202 13.16 -10.49 -29.85
C ASP D 202 12.20 -9.60 -29.07
N VAL D 203 12.54 -8.34 -28.83
CA VAL D 203 11.66 -7.44 -28.06
C VAL D 203 10.56 -6.93 -28.97
N LYS D 204 9.31 -7.02 -28.50
CA LYS D 204 8.17 -6.39 -29.15
C LYS D 204 7.60 -5.22 -28.38
N VAL D 205 7.64 -5.28 -27.04
CA VAL D 205 7.13 -4.22 -26.18
C VAL D 205 8.29 -3.68 -25.36
N ALA D 206 8.54 -2.38 -25.48
CA ALA D 206 9.63 -1.74 -24.75
C ALA D 206 9.20 -0.33 -24.37
N ALA D 207 9.58 0.09 -23.16
CA ALA D 207 9.18 1.38 -22.62
C ALA D 207 10.33 2.37 -22.69
N THR D 208 9.99 3.63 -22.97
CA THR D 208 10.98 4.70 -22.99
C THR D 208 11.05 5.38 -21.63
N LEU D 209 12.24 5.88 -21.29
CA LEU D 209 12.47 6.58 -20.04
C LEU D 209 13.00 7.97 -20.34
N THR D 210 12.44 8.98 -19.69
CA THR D 210 12.81 10.36 -19.92
C THR D 210 14.03 10.74 -19.08
N ALA D 211 14.50 11.97 -19.26
CA ALA D 211 15.64 12.47 -18.50
C ALA D 211 15.21 13.06 -17.17
N HIS D 212 14.09 13.80 -17.14
CA HIS D 212 13.67 14.47 -15.92
C HIS D 212 13.17 13.48 -14.88
N HIS D 213 12.45 12.44 -15.31
CA HIS D 213 11.92 11.46 -14.37
C HIS D 213 13.01 10.67 -13.64
N LEU D 214 14.25 10.73 -14.12
CA LEU D 214 15.37 10.15 -13.39
C LEU D 214 15.86 11.05 -12.27
N PHE D 215 15.34 12.28 -12.18
CA PHE D 215 15.68 13.21 -11.11
C PHE D 215 14.48 13.56 -10.24
N LEU D 216 13.31 13.77 -10.84
CA LEU D 216 12.21 14.40 -10.14
C LEU D 216 11.42 13.40 -9.29
N THR D 217 10.95 13.88 -8.15
CA THR D 217 9.94 13.22 -7.32
C THR D 217 8.74 14.16 -7.20
N ILE D 218 7.78 13.78 -6.35
CA ILE D 218 6.59 14.59 -6.19
C ILE D 218 6.90 15.93 -5.53
N ASP D 219 7.98 16.02 -4.76
CA ASP D 219 8.36 17.25 -4.09
C ASP D 219 8.95 18.29 -5.03
N ASP D 220 9.30 17.92 -6.25
CA ASP D 220 9.99 18.82 -7.16
C ASP D 220 9.06 19.58 -8.09
N TRP D 221 7.80 19.15 -8.20
CA TRP D 221 6.82 19.86 -9.01
C TRP D 221 5.66 20.41 -8.21
N ALA D 222 5.46 19.96 -6.97
CA ALA D 222 4.40 20.48 -6.13
C ALA D 222 4.76 21.88 -5.65
N GLY D 223 4.42 22.89 -6.45
CA GLY D 223 4.86 24.25 -6.22
C GLY D 223 5.91 24.72 -7.19
N ASN D 224 6.31 23.88 -8.15
CA ASN D 224 7.29 24.24 -9.18
C ASN D 224 6.73 23.78 -10.52
N PRO D 225 5.86 24.58 -11.14
CA PRO D 225 5.29 24.19 -12.43
C PRO D 225 6.32 23.93 -13.51
N VAL D 226 7.55 24.43 -13.35
CA VAL D 226 8.59 24.20 -14.35
C VAL D 226 8.88 22.71 -14.48
N ASN D 227 8.70 21.95 -13.40
CA ASN D 227 8.94 20.51 -13.41
C ASN D 227 7.64 19.70 -13.43
N PHE D 228 6.56 20.28 -13.93
CA PHE D 228 5.27 19.61 -13.99
C PHE D 228 5.04 19.06 -15.40
N CYS D 229 4.77 17.76 -15.48
CA CYS D 229 4.59 17.09 -16.76
C CYS D 229 3.70 15.87 -16.55
N LYS D 230 3.48 15.11 -17.63
CA LYS D 230 2.73 13.88 -17.58
C LYS D 230 3.55 12.72 -18.15
N PRO D 231 3.45 11.51 -17.56
CA PRO D 231 2.75 11.22 -16.32
C PRO D 231 3.49 11.86 -15.16
N VAL D 232 2.74 12.36 -14.16
CA VAL D 232 3.33 13.25 -13.18
C VAL D 232 4.38 12.50 -12.35
N ALA D 233 5.40 13.24 -11.90
CA ALA D 233 6.51 12.65 -11.17
C ALA D 233 6.02 12.05 -9.85
N LYS D 234 6.26 10.76 -9.67
CA LYS D 234 5.71 9.99 -8.57
C LYS D 234 6.71 9.86 -7.41
N LEU D 235 6.39 8.99 -6.45
CA LEU D 235 7.15 8.85 -5.21
C LEU D 235 8.59 8.46 -5.47
N PRO D 236 9.48 8.69 -4.48
CA PRO D 236 10.89 8.30 -4.68
C PRO D 236 11.09 6.82 -4.92
N ASN D 237 10.20 5.96 -4.42
CA ASN D 237 10.31 4.54 -4.71
C ASN D 237 10.20 4.28 -6.21
N ASP D 238 9.23 4.92 -6.86
CA ASP D 238 9.07 4.76 -8.30
C ASP D 238 10.27 5.31 -9.06
N LYS D 239 10.92 6.34 -8.52
CA LYS D 239 12.09 6.90 -9.21
C LYS D 239 13.26 5.93 -9.20
N LYS D 240 13.41 5.16 -8.12
CA LYS D 240 14.46 4.14 -8.09
C LYS D 240 14.26 3.12 -9.19
N ALA D 241 13.02 2.66 -9.38
CA ALA D 241 12.73 1.70 -10.45
C ALA D 241 13.09 2.27 -11.81
N LEU D 242 12.74 3.54 -12.06
CA LEU D 242 13.12 4.17 -13.32
C LEU D 242 14.62 4.28 -13.46
N VAL D 243 15.33 4.49 -12.36
CA VAL D 243 16.79 4.54 -12.40
C VAL D 243 17.37 3.14 -12.55
N LYS D 244 16.85 2.18 -11.78
CA LYS D 244 17.34 0.81 -11.89
C LYS D 244 17.12 0.25 -13.29
N ALA D 245 15.96 0.53 -13.88
CA ALA D 245 15.67 0.01 -15.22
C ALA D 245 16.48 0.73 -16.29
N ALA D 246 16.86 1.98 -16.04
CA ALA D 246 17.64 2.72 -17.04
C ALA D 246 19.06 2.20 -17.14
N VAL D 247 19.65 1.81 -16.01
CA VAL D 247 21.03 1.32 -15.98
C VAL D 247 21.07 -0.21 -15.91
N SER D 248 19.97 -0.88 -16.26
CA SER D 248 19.92 -2.33 -16.21
C SER D 248 20.60 -3.00 -17.39
N GLY D 249 20.89 -2.25 -18.46
CA GLY D 249 21.43 -2.86 -19.66
C GLY D 249 20.47 -3.76 -20.40
N LYS D 250 19.17 -3.64 -20.11
CA LYS D 250 18.14 -4.44 -20.75
C LYS D 250 17.69 -3.80 -22.05
N PRO D 251 17.48 -4.61 -23.09
CA PRO D 251 17.16 -4.04 -24.42
C PRO D 251 15.77 -3.45 -24.51
N TYR D 252 14.87 -3.75 -23.58
CA TYR D 252 13.51 -3.21 -23.60
C TYR D 252 13.40 -1.88 -22.87
N PHE D 253 14.52 -1.22 -22.61
CA PHE D 253 14.53 0.09 -21.95
C PHE D 253 15.55 0.97 -22.67
N PHE D 254 15.06 1.91 -23.48
CA PHE D 254 15.92 2.90 -24.12
C PHE D 254 15.38 4.30 -23.81
N PHE D 255 16.02 5.30 -24.40
CA PHE D 255 15.85 6.69 -24.00
C PHE D 255 14.87 7.42 -24.91
N GLY D 256 13.84 8.00 -24.30
CA GLY D 256 13.02 9.00 -24.95
C GLY D 256 12.85 10.20 -24.04
N SER D 257 13.37 11.36 -24.46
CA SER D 257 13.46 12.51 -23.55
C SER D 257 12.09 13.06 -23.18
N ASP D 258 11.12 12.99 -24.10
CA ASP D 258 9.82 13.62 -23.90
C ASP D 258 9.99 15.11 -23.61
N SER D 259 10.96 15.73 -24.30
CA SER D 259 11.22 17.15 -24.10
C SER D 259 10.01 17.97 -24.50
N ALA D 260 9.69 18.98 -23.68
CA ALA D 260 8.46 19.75 -23.82
C ALA D 260 8.76 21.24 -23.84
N PRO D 261 9.06 21.80 -25.00
CA PRO D 261 9.29 23.25 -25.08
C PRO D 261 7.99 24.04 -24.98
N HIS D 262 7.75 24.65 -23.83
CA HIS D 262 6.64 25.55 -23.63
C HIS D 262 7.17 26.95 -23.31
N PRO D 263 6.47 28.00 -23.73
CA PRO D 263 6.88 29.35 -23.33
C PRO D 263 6.68 29.54 -21.84
N VAL D 264 7.50 30.43 -21.26
CA VAL D 264 7.48 30.62 -19.82
C VAL D 264 6.14 31.18 -19.36
N GLN D 265 5.47 31.97 -20.21
CA GLN D 265 4.17 32.53 -19.83
C GLN D 265 3.06 31.50 -19.86
N ASN D 266 3.31 30.29 -20.37
CA ASN D 266 2.39 29.18 -20.24
C ASN D 266 2.84 28.18 -19.18
N LYS D 267 3.81 28.54 -18.36
CA LYS D 267 4.20 27.77 -17.20
C LYS D 267 3.99 28.51 -15.88
N ALA D 268 4.02 29.83 -15.90
CA ALA D 268 3.79 30.64 -14.70
C ALA D 268 2.35 31.13 -14.67
N ASN D 269 1.42 30.18 -14.57
CA ASN D 269 -0.01 30.47 -14.51
C ASN D 269 -0.57 30.10 -13.15
N TYR D 270 -1.64 30.78 -12.75
CA TYR D 270 -2.36 30.42 -11.53
C TYR D 270 -3.38 29.32 -11.75
N GLU D 271 -3.68 28.99 -13.01
CA GLU D 271 -4.59 27.90 -13.33
C GLU D 271 -4.27 27.39 -14.73
N GLY D 272 -4.41 26.09 -14.91
CA GLY D 272 -4.16 25.48 -16.20
C GLY D 272 -2.74 25.61 -16.71
N VAL D 273 -1.78 25.17 -15.89
CA VAL D 273 -0.38 25.19 -16.31
C VAL D 273 -0.15 24.05 -17.28
N CYS D 274 0.27 24.38 -18.51
CA CYS D 274 0.53 23.36 -19.52
C CYS D 274 1.65 22.43 -19.07
N ALA D 275 1.36 21.14 -19.06
CA ALA D 275 2.32 20.16 -18.53
C ALA D 275 3.47 19.96 -19.50
N GLY D 276 4.66 19.77 -18.94
CA GLY D 276 5.84 19.45 -19.72
C GLY D 276 7.12 20.14 -19.26
N VAL D 277 8.24 19.45 -19.46
CA VAL D 277 9.56 19.94 -19.10
C VAL D 277 10.44 19.89 -20.34
N TYR D 278 11.23 20.94 -20.55
CA TYR D 278 12.11 21.04 -21.70
C TYR D 278 13.51 20.60 -21.32
N SER D 279 14.04 19.61 -22.02
CA SER D 279 15.37 19.09 -21.76
C SER D 279 16.18 18.87 -23.02
N GLN D 280 15.69 19.32 -24.18
CA GLN D 280 16.31 18.98 -25.46
C GLN D 280 17.70 19.60 -25.61
N SER D 281 17.90 20.79 -25.03
CA SER D 281 19.17 21.52 -25.25
C SER D 281 20.36 20.77 -24.64
N PHE D 282 20.12 19.94 -23.63
CA PHE D 282 21.20 19.21 -22.96
C PHE D 282 20.78 17.77 -22.72
N ALA D 283 20.12 17.18 -23.71
CA ALA D 283 19.50 15.87 -23.52
C ALA D 283 20.50 14.83 -23.03
N ILE D 284 21.59 14.64 -23.76
CA ILE D 284 22.58 13.63 -23.42
C ILE D 284 23.32 13.98 -22.13
N PRO D 285 23.76 15.23 -21.91
CA PRO D 285 24.40 15.55 -20.63
C PRO D 285 23.52 15.27 -19.41
N TYR D 286 22.19 15.34 -19.55
CA TYR D 286 21.32 14.97 -18.44
C TYR D 286 21.47 13.49 -18.10
N ILE D 287 21.59 12.64 -19.12
CA ILE D 287 21.65 11.20 -18.89
C ILE D 287 23.03 10.79 -18.39
N ALA D 288 24.09 11.48 -18.80
CA ALA D 288 25.42 11.16 -18.30
C ALA D 288 25.55 11.43 -16.80
N GLN D 289 24.71 12.33 -16.25
CA GLN D 289 24.79 12.65 -14.84
C GLN D 289 24.31 11.50 -13.97
N VAL D 290 23.22 10.84 -14.38
CA VAL D 290 22.67 9.74 -13.59
C VAL D 290 23.57 8.51 -13.69
N PHE D 291 24.00 8.17 -14.90
CA PHE D 291 24.80 6.96 -15.10
C PHE D 291 26.15 7.07 -14.40
N GLU D 292 26.74 8.27 -14.37
CA GLU D 292 27.98 8.47 -13.64
C GLU D 292 27.74 8.45 -12.13
N GLU D 293 26.60 8.96 -11.68
CA GLU D 293 26.28 8.91 -10.25
C GLU D 293 26.01 7.49 -9.79
N GLN D 294 25.36 6.69 -10.65
CA GLN D 294 25.07 5.29 -10.34
C GLN D 294 26.25 4.37 -10.62
N ASN D 295 27.39 4.91 -11.08
CA ASN D 295 28.57 4.11 -11.41
C ASN D 295 28.24 3.04 -12.46
N ALA D 296 27.32 3.35 -13.36
CA ALA D 296 26.84 2.42 -14.37
C ALA D 296 26.89 3.06 -15.75
N LEU D 297 28.02 3.69 -16.06
CA LEU D 297 28.19 4.35 -17.36
C LEU D 297 28.31 3.38 -18.52
N GLU D 298 28.40 2.07 -18.26
CA GLU D 298 28.57 1.10 -19.34
C GLU D 298 27.31 0.96 -20.16
N ASN D 299 26.14 1.00 -19.53
CA ASN D 299 24.88 0.84 -20.22
C ASN D 299 24.37 2.13 -20.84
N LEU D 300 25.13 3.23 -20.74
CA LEU D 300 24.73 4.47 -21.39
C LEU D 300 24.75 4.33 -22.90
N LYS D 301 25.73 3.58 -23.44
CA LYS D 301 25.83 3.42 -24.88
C LYS D 301 24.62 2.71 -25.45
N GLY D 302 24.13 1.68 -24.75
CA GLY D 302 22.95 0.98 -25.22
C GLY D 302 21.65 1.68 -24.90
N PHE D 303 21.61 2.44 -23.80
CA PHE D 303 20.38 3.08 -23.39
C PHE D 303 19.95 4.17 -24.37
N VAL D 304 20.89 5.00 -24.83
CA VAL D 304 20.55 6.12 -25.69
C VAL D 304 20.80 5.84 -27.17
N SER D 305 21.67 4.90 -27.52
CA SER D 305 22.05 4.69 -28.91
C SER D 305 21.65 3.31 -29.44
N ASP D 306 22.06 2.24 -28.77
CA ASP D 306 21.93 0.91 -29.37
C ASP D 306 20.49 0.40 -29.34
N PHE D 307 19.85 0.46 -28.17
CA PHE D 307 18.52 -0.13 -28.03
C PHE D 307 17.47 0.67 -28.79
N GLY D 308 17.68 1.99 -28.94
CA GLY D 308 16.76 2.78 -29.75
C GLY D 308 16.83 2.41 -31.22
N ILE D 309 18.03 2.09 -31.71
CA ILE D 309 18.19 1.68 -33.11
C ILE D 309 17.67 0.26 -33.30
N SER D 310 18.03 -0.64 -32.39
CA SER D 310 17.66 -2.05 -32.54
C SER D 310 16.14 -2.23 -32.52
N PHE D 311 15.43 -1.43 -31.73
CA PHE D 311 13.98 -1.54 -31.68
C PHE D 311 13.34 -1.01 -32.96
N TYR D 312 13.62 0.24 -33.30
CA TYR D 312 13.04 0.87 -34.48
C TYR D 312 13.67 0.39 -35.79
N GLU D 313 14.72 -0.44 -35.72
CA GLU D 313 15.36 -1.01 -36.90
C GLU D 313 15.90 0.09 -37.82
N VAL D 314 16.49 1.12 -37.22
CA VAL D 314 17.05 2.22 -37.99
C VAL D 314 18.29 1.75 -38.73
N LYS D 315 18.30 1.95 -40.05
CA LYS D 315 19.38 1.49 -40.91
C LYS D 315 20.37 2.62 -41.19
N ASP D 316 21.58 2.23 -41.61
CA ASP D 316 22.56 3.22 -41.99
C ASP D 316 22.17 3.97 -43.26
N SER D 317 21.21 3.45 -44.02
CA SER D 317 20.71 4.11 -45.22
C SER D 317 19.63 5.15 -44.93
N GLU D 318 19.35 5.41 -43.64
CA GLU D 318 18.36 6.40 -43.25
C GLU D 318 18.93 7.52 -42.41
N VAL D 319 20.17 7.42 -41.95
CA VAL D 319 20.77 8.44 -41.09
C VAL D 319 21.16 9.64 -41.93
N ALA D 320 20.68 10.83 -41.54
CA ALA D 320 20.93 12.05 -42.27
C ALA D 320 22.33 12.62 -42.07
N SER D 321 23.05 12.15 -41.05
CA SER D 321 24.41 12.64 -40.81
C SER D 321 25.16 11.58 -40.02
N SER D 322 26.17 10.97 -40.64
CA SER D 322 26.96 9.92 -40.00
C SER D 322 27.84 10.43 -38.88
N ASP D 323 27.76 11.71 -38.52
CA ASP D 323 28.54 12.24 -37.42
C ASP D 323 28.11 11.60 -36.11
N LYS D 324 29.08 11.11 -35.35
CA LYS D 324 28.81 10.49 -34.06
C LYS D 324 28.81 11.55 -32.96
N ALA D 325 28.17 11.20 -31.84
CA ALA D 325 28.13 12.06 -30.67
C ALA D 325 29.17 11.58 -29.66
N ILE D 326 30.01 12.51 -29.20
CA ILE D 326 31.10 12.20 -28.28
C ILE D 326 30.92 13.01 -27.01
N LEU D 327 30.81 12.30 -25.88
CA LEU D 327 30.79 12.97 -24.59
C LEU D 327 32.21 13.33 -24.17
N PHE D 328 32.31 14.34 -23.30
CA PHE D 328 33.58 14.72 -22.72
C PHE D 328 33.33 15.45 -21.41
N LYS D 329 34.14 15.12 -20.39
CA LYS D 329 33.92 15.58 -19.02
C LYS D 329 34.39 17.02 -18.89
N LYS D 330 33.55 17.95 -19.33
CA LYS D 330 33.77 19.38 -19.16
C LYS D 330 32.56 19.97 -18.47
N GLU D 331 32.74 20.45 -17.24
CA GLU D 331 31.63 20.94 -16.44
C GLU D 331 31.06 22.22 -17.05
N GLN D 332 29.76 22.21 -17.32
CA GLN D 332 29.05 23.35 -17.85
C GLN D 332 27.90 23.73 -16.93
N VAL D 333 27.30 24.89 -17.20
CA VAL D 333 26.21 25.43 -16.39
C VAL D 333 24.99 25.62 -17.28
N ILE D 334 23.82 25.23 -16.77
CA ILE D 334 22.58 25.37 -17.51
C ILE D 334 22.12 26.83 -17.42
N PRO D 335 21.76 27.45 -18.55
CA PRO D 335 21.27 28.83 -18.49
C PRO D 335 19.96 28.93 -17.72
N GLN D 336 19.59 30.17 -17.39
CA GLN D 336 18.32 30.40 -16.74
C GLN D 336 17.15 30.29 -17.72
N VAL D 337 17.33 30.79 -18.95
CA VAL D 337 16.32 30.71 -19.99
C VAL D 337 16.99 30.28 -21.29
N ILE D 338 16.15 29.87 -22.25
CA ILE D 338 16.57 29.60 -23.61
C ILE D 338 15.62 30.39 -24.51
N SER D 339 16.15 31.41 -25.19
CA SER D 339 15.34 32.33 -25.96
C SER D 339 15.85 32.43 -27.39
N ASP D 340 14.92 32.60 -28.33
CA ASP D 340 15.28 32.90 -29.71
C ASP D 340 15.61 34.38 -29.91
N GLY D 341 15.41 35.22 -28.89
CA GLY D 341 15.77 36.60 -28.93
C GLY D 341 14.68 37.56 -29.38
N LYS D 342 13.51 37.05 -29.78
CA LYS D 342 12.45 37.91 -30.28
C LYS D 342 11.22 37.90 -29.36
N ASP D 343 10.61 36.74 -29.15
CA ASP D 343 9.40 36.62 -28.33
C ASP D 343 9.47 35.49 -27.31
N ILE D 344 10.09 34.37 -27.68
CA ILE D 344 9.97 33.12 -26.93
C ILE D 344 11.12 33.00 -25.94
N SER D 345 10.81 32.48 -24.75
CA SER D 345 11.81 32.20 -23.73
C SER D 345 11.38 30.93 -23.00
N ILE D 346 12.17 29.87 -23.13
CA ILE D 346 11.88 28.59 -22.49
C ILE D 346 12.76 28.46 -21.25
N ILE D 347 12.19 27.91 -20.19
CA ILE D 347 12.94 27.59 -18.97
C ILE D 347 13.47 26.17 -19.12
N PRO D 348 14.78 25.96 -19.16
CA PRO D 348 15.32 24.61 -19.32
C PRO D 348 15.22 23.81 -18.02
N PHE D 349 15.38 22.50 -18.17
CA PHE D 349 15.35 21.59 -17.02
C PHE D 349 16.66 21.69 -16.24
N LYS D 350 16.54 21.70 -14.91
CA LYS D 350 17.68 21.90 -14.02
C LYS D 350 18.45 23.17 -14.38
N ALA D 351 17.71 24.27 -14.51
CA ALA D 351 18.30 25.55 -14.88
C ALA D 351 19.20 26.04 -13.75
N GLY D 352 20.43 26.43 -14.11
CA GLY D 352 21.40 26.92 -13.16
C GLY D 352 22.26 25.86 -12.52
N ASP D 353 21.88 24.59 -12.60
CA ASP D 353 22.67 23.52 -12.01
C ASP D 353 23.94 23.28 -12.83
N LYS D 354 24.81 22.42 -12.29
CA LYS D 354 26.08 22.09 -12.90
C LYS D 354 26.07 20.63 -13.37
N LEU D 355 26.36 20.42 -14.65
CA LEU D 355 26.53 19.09 -15.20
C LEU D 355 28.00 18.82 -15.43
N SER D 356 28.39 17.56 -15.27
CA SER D 356 29.78 17.15 -15.39
C SER D 356 30.13 16.63 -16.78
N TRP D 357 29.24 16.78 -17.75
CA TRP D 357 29.47 16.28 -19.10
C TRP D 357 28.91 17.24 -20.13
N SER D 358 29.55 17.24 -21.30
CA SER D 358 29.12 18.04 -22.44
C SER D 358 29.25 17.19 -23.70
N VAL D 359 28.66 17.67 -24.79
CA VAL D 359 28.54 16.90 -26.02
C VAL D 359 29.25 17.61 -27.15
N ARG D 360 30.03 16.85 -27.93
CA ARG D 360 30.62 17.30 -29.18
C ARG D 360 30.35 16.24 -30.24
N TRP D 361 30.73 16.53 -31.48
CA TRP D 361 30.43 15.64 -32.59
C TRP D 361 31.69 15.34 -33.39
N GLU D 362 31.77 14.10 -33.90
CA GLU D 362 32.93 13.58 -34.60
C GLU D 362 32.48 12.79 -35.82
N PRO D 363 33.03 13.06 -36.99
CA PRO D 363 32.69 12.26 -38.18
C PRO D 363 33.19 10.83 -38.04
N ARG D 364 32.76 9.96 -38.96
CA ARG D 364 33.17 8.54 -38.93
C ARG D 364 34.21 8.44 -40.05
N LEU D 365 34.44 7.23 -40.55
CA LEU D 365 35.59 6.75 -41.36
C LEU D 365 36.91 6.92 -40.57
#